data_9MTG
#
_entry.id   9MTG
#
_cell.length_a   1.00
_cell.length_b   1.00
_cell.length_c   1.00
_cell.angle_alpha   90.00
_cell.angle_beta   90.00
_cell.angle_gamma   90.00
#
_symmetry.space_group_name_H-M   'P 1'
#
loop_
_entity.id
_entity.type
_entity.pdbx_description
1 polymer Hemagglutinin
2 polymer 'Heavy chain of Fab from porcine antibody 14-2'
3 polymer 'Light chain of Fab from porcine antibody 14-2'
4 polymer Hemagglutinin
#
loop_
_entity_poly.entity_id
_entity_poly.type
_entity_poly.pdbx_seq_one_letter_code
_entity_poly.pdbx_strand_id
1 'polypeptide(L)'
;DTLCIGYHANNSTDTVDTVLEKNVTVTHSVNLLEDKHNGKLCKLRGVAPLHLGKCNIAGWILGNPECESLSTARSWSYIV
ETSNSDNGTCYPGDFINYEELREQLSSVSSFERFEIFPKTSSWPNHDSDKGVTAACPHAGAKSFYKNLIWLVKKGNSYPK
LNQTYINDKGKEVLVLWGIHHPPTIAAQESLYQNADAYVFVGTSRYSKKFKPEIATRPKVRDQEGRMNYYWTLVEPGDKI
TFEATGNLVVPRYAFTMERDAGSGIIISDTPVHDCNTTCQTPEGAINTSLPFQNVHPITIGKCPKYVKSTKLRLATGLRN
VPSIQSR
;
A,C,E
2 'polypeptide(L)'
;EEKLVESGGGLVQPGGSLRLSCVGSGITFSSYVVSWVRQAPGKGLEWLAGVNTVSSISRTDYADSVKGRFTISRDDSQNT
AYLQMNALRTEDTARYYCARSLYFYSMRMDLWGPGVEVVVSS
;
H,I,M
3 'polypeptide(L)'
;AIQLTQSPASLAASLGDTVSITCRASQSISSSLAWYQQQPGKAPKLLIYAASSLQSGVPSRFKGSGSGTDFTLTISGLQA
EDVASYYCLQQNSAPYGFGAGTKLELK
;
J,L,N
4 'polypeptide(L)'
;GLFGAIAGFIEGGWTGMVDGWYGYHHQNEQGSGYAADLKSTQNAIDKITNKVNSVIEKMNTQFTAVGKEFNHLEKRIENL
NKKVDDGFLDIWTYNAELLVLLENERTLDYHDSNVKNLYEKVRNQLKNNAKEIGNGCFEFYHKCDNTCMESVKNGTYDYP
KYSEEAKLNREKID
;
B,D,F
#
# COMPACT_ATOMS: atom_id res chain seq x y z
N ASP A 1 -21.93 -51.72 1.26
CA ASP A 1 -22.12 -50.61 0.35
C ASP A 1 -21.56 -49.33 0.96
N THR A 2 -20.63 -48.69 0.27
CA THR A 2 -19.90 -47.56 0.82
C THR A 2 -19.90 -46.39 -0.16
N LEU A 3 -19.87 -45.17 0.38
CA LEU A 3 -19.77 -43.95 -0.42
C LEU A 3 -18.88 -42.95 0.32
N CYS A 4 -17.64 -42.82 -0.13
CA CYS A 4 -16.72 -41.85 0.46
C CYS A 4 -16.66 -40.56 -0.34
N ILE A 5 -16.32 -39.50 0.39
CA ILE A 5 -16.23 -38.14 -0.11
C ILE A 5 -14.78 -37.72 -0.05
N GLY A 6 -14.25 -37.25 -1.17
CA GLY A 6 -12.84 -36.91 -1.23
C GLY A 6 -12.53 -35.84 -2.25
N TYR A 7 -11.24 -35.56 -2.43
CA TYR A 7 -10.82 -34.44 -3.25
C TYR A 7 -9.70 -34.90 -4.18
N HIS A 8 -9.31 -34.01 -5.08
CA HIS A 8 -8.42 -34.31 -6.18
C HIS A 8 -6.96 -34.27 -5.74
N ALA A 9 -6.17 -35.16 -6.33
CA ALA A 9 -4.71 -35.13 -6.18
C ALA A 9 -4.09 -35.48 -7.53
N ASN A 10 -2.92 -34.89 -7.79
CA ASN A 10 -2.18 -35.18 -9.00
C ASN A 10 -0.69 -35.19 -8.70
N ASN A 11 0.10 -35.26 -9.77
CA ASN A 11 1.57 -35.41 -9.65
C ASN A 11 2.28 -34.07 -9.78
N SER A 12 1.54 -32.98 -9.66
CA SER A 12 2.16 -31.66 -9.69
C SER A 12 3.05 -31.44 -8.48
N THR A 13 4.19 -30.79 -8.72
CA THR A 13 5.10 -30.40 -7.65
C THR A 13 5.11 -28.89 -7.47
N ASP A 14 4.03 -28.23 -7.90
CA ASP A 14 3.93 -26.79 -7.82
C ASP A 14 3.79 -26.36 -6.37
N THR A 15 4.47 -25.29 -5.99
CA THR A 15 4.55 -24.85 -4.61
C THR A 15 4.21 -23.37 -4.50
N VAL A 16 3.42 -23.02 -3.49
CA VAL A 16 3.06 -21.64 -3.18
C VAL A 16 3.35 -21.38 -1.72
N ASP A 17 3.40 -20.11 -1.37
CA ASP A 17 3.71 -19.67 -0.01
C ASP A 17 2.49 -19.02 0.62
N THR A 18 2.24 -19.37 1.89
CA THR A 18 1.20 -18.79 2.71
C THR A 18 1.88 -18.13 3.91
N VAL A 19 1.17 -17.22 4.57
CA VAL A 19 1.75 -16.55 5.73
C VAL A 19 1.92 -17.53 6.89
N LEU A 20 0.95 -18.44 7.07
CA LEU A 20 1.06 -19.40 8.16
C LEU A 20 2.05 -20.51 7.85
N GLU A 21 2.11 -20.97 6.61
CA GLU A 21 2.95 -22.09 6.24
C GLU A 21 3.70 -21.79 4.96
N LYS A 22 4.96 -22.18 4.90
CA LYS A 22 5.79 -22.00 3.72
C LYS A 22 5.92 -23.31 2.96
N ASN A 23 6.14 -23.19 1.66
CA ASN A 23 6.40 -24.31 0.77
C ASN A 23 5.24 -25.32 0.79
N VAL A 24 4.07 -24.84 0.39
CA VAL A 24 2.87 -25.66 0.35
C VAL A 24 2.64 -26.12 -1.08
N THR A 25 2.61 -27.44 -1.28
CA THR A 25 2.40 -27.99 -2.61
C THR A 25 0.91 -28.02 -2.95
N VAL A 26 0.59 -27.59 -4.17
CA VAL A 26 -0.80 -27.47 -4.61
C VAL A 26 -0.96 -28.10 -5.99
N THR A 27 -2.21 -28.41 -6.32
CA THR A 27 -2.50 -29.09 -7.58
C THR A 27 -2.29 -28.16 -8.78
N HIS A 28 -2.75 -26.92 -8.68
CA HIS A 28 -2.67 -25.96 -9.78
C HIS A 28 -2.19 -24.62 -9.25
N SER A 29 -1.53 -23.86 -10.13
CA SER A 29 -0.99 -22.57 -9.76
C SER A 29 -0.89 -21.69 -10.99
N VAL A 30 -0.77 -20.39 -10.75
CA VAL A 30 -0.49 -19.41 -11.79
C VAL A 30 0.78 -18.67 -11.38
N ASN A 31 1.57 -18.27 -12.38
CA ASN A 31 2.80 -17.54 -12.14
C ASN A 31 2.59 -16.08 -12.51
N LEU A 32 3.00 -15.17 -11.64
CA LEU A 32 2.75 -13.74 -11.83
C LEU A 32 4.01 -12.94 -12.05
N LEU A 33 5.18 -13.57 -12.06
CA LEU A 33 6.46 -12.88 -12.20
C LEU A 33 7.16 -13.35 -13.47
N GLU A 34 7.71 -12.40 -14.21
CA GLU A 34 8.48 -12.71 -15.40
C GLU A 34 9.95 -12.43 -15.13
N ASP A 35 10.80 -13.44 -15.37
CA ASP A 35 12.23 -13.30 -15.13
C ASP A 35 13.05 -13.64 -16.37
N LYS A 36 12.48 -13.54 -17.56
CA LYS A 36 13.17 -13.91 -18.79
C LYS A 36 13.15 -12.75 -19.77
N HIS A 37 14.20 -12.68 -20.59
CA HIS A 37 14.31 -11.72 -21.68
C HIS A 37 15.21 -12.33 -22.74
N ASN A 38 15.10 -11.81 -23.96
CA ASN A 38 15.85 -12.37 -25.07
C ASN A 38 17.25 -11.79 -25.20
N GLY A 39 17.63 -10.83 -24.38
CA GLY A 39 18.98 -10.30 -24.42
C GLY A 39 19.33 -9.52 -25.66
N LYS A 40 18.34 -8.95 -26.35
CA LYS A 40 18.57 -8.21 -27.57
C LYS A 40 17.78 -6.91 -27.55
N LEU A 41 18.34 -5.87 -28.15
CA LEU A 41 17.62 -4.63 -28.37
C LEU A 41 16.80 -4.75 -29.65
N CYS A 42 15.52 -4.42 -29.55
CA CYS A 42 14.57 -4.78 -30.58
C CYS A 42 13.64 -3.61 -30.87
N LYS A 43 12.96 -3.69 -32.00
CA LYS A 43 12.06 -2.64 -32.44
C LYS A 43 10.83 -2.58 -31.55
N LEU A 44 10.30 -1.37 -31.38
CA LEU A 44 9.04 -1.15 -30.70
C LEU A 44 7.99 -0.75 -31.73
N ARG A 45 6.91 -1.53 -31.79
CA ARG A 45 5.81 -1.26 -32.70
C ARG A 45 6.29 -1.19 -34.15
N GLY A 46 7.32 -1.96 -34.47
CA GLY A 46 7.85 -1.98 -35.81
C GLY A 46 8.78 -0.84 -36.16
N VAL A 47 9.22 -0.06 -35.18
CA VAL A 47 10.08 1.09 -35.40
C VAL A 47 11.41 0.82 -34.71
N ALA A 48 12.50 0.91 -35.48
CA ALA A 48 13.81 0.61 -34.93
C ALA A 48 14.29 1.75 -34.04
N PRO A 49 15.13 1.46 -33.05
CA PRO A 49 15.69 2.52 -32.22
C PRO A 49 16.80 3.29 -32.93
N LEU A 50 17.19 4.40 -32.30
CA LEU A 50 18.33 5.19 -32.75
C LEU A 50 19.51 4.85 -31.86
N HIS A 51 20.55 4.26 -32.44
CA HIS A 51 21.68 3.75 -31.67
C HIS A 51 22.87 4.68 -31.84
N LEU A 52 23.20 5.41 -30.78
CA LEU A 52 24.38 6.26 -30.77
C LEU A 52 25.58 5.42 -30.30
N GLY A 53 26.24 4.80 -31.27
CA GLY A 53 27.20 3.76 -30.93
C GLY A 53 28.36 4.26 -30.09
N LYS A 54 29.17 5.15 -30.64
CA LYS A 54 30.29 5.73 -29.92
C LYS A 54 30.07 7.18 -29.53
N CYS A 55 28.97 7.78 -29.95
CA CYS A 55 28.63 9.16 -29.60
C CYS A 55 27.64 9.20 -28.45
N ASN A 56 27.54 10.36 -27.83
CA ASN A 56 26.47 10.65 -26.89
C ASN A 56 25.52 11.63 -27.56
N ILE A 57 24.51 12.07 -26.81
CA ILE A 57 23.51 12.97 -27.39
C ILE A 57 24.14 14.29 -27.78
N ALA A 58 25.10 14.78 -26.99
CA ALA A 58 25.77 16.03 -27.32
C ALA A 58 26.50 15.93 -28.64
N GLY A 59 27.25 14.85 -28.85
CA GLY A 59 27.99 14.66 -30.08
C GLY A 59 27.09 14.53 -31.29
N TRP A 60 26.01 13.76 -31.14
CA TRP A 60 25.08 13.57 -32.25
C TRP A 60 24.36 14.87 -32.59
N ILE A 61 23.96 15.64 -31.58
CA ILE A 61 23.21 16.86 -31.82
C ILE A 61 24.11 17.94 -32.41
N LEU A 62 25.37 17.99 -31.97
CA LEU A 62 26.30 19.00 -32.48
C LEU A 62 26.91 18.61 -33.82
N GLY A 63 26.86 17.34 -34.20
CA GLY A 63 27.45 16.89 -35.43
C GLY A 63 28.93 16.61 -35.30
N ASN A 64 29.29 15.77 -34.36
CA ASN A 64 30.68 15.43 -34.12
C ASN A 64 31.25 14.73 -35.35
N PRO A 65 32.53 14.97 -35.67
CA PRO A 65 33.09 14.35 -36.87
C PRO A 65 33.03 12.84 -36.89
N GLU A 66 33.09 12.20 -35.73
CA GLU A 66 33.06 10.74 -35.62
C GLU A 66 31.63 10.25 -35.39
N CYS A 67 30.64 10.98 -35.90
CA CYS A 67 29.25 10.61 -35.75
C CYS A 67 28.46 10.74 -37.05
N GLU A 68 29.12 10.79 -38.20
CA GLU A 68 28.46 11.03 -39.47
C GLU A 68 27.45 9.94 -39.80
N SER A 69 27.69 8.73 -39.29
CA SER A 69 26.74 7.64 -39.52
C SER A 69 25.39 7.94 -38.88
N LEU A 70 25.38 8.72 -37.79
CA LEU A 70 24.15 9.05 -37.09
C LEU A 70 23.33 10.11 -37.79
N SER A 71 23.88 10.78 -38.79
CA SER A 71 23.07 11.67 -39.61
C SER A 71 22.12 10.85 -40.48
N THR A 72 21.20 11.55 -41.15
CA THR A 72 20.19 10.94 -42.00
C THR A 72 19.36 9.92 -41.22
N ALA A 73 18.91 10.37 -40.06
CA ALA A 73 18.04 9.57 -39.20
C ALA A 73 16.78 10.38 -38.92
N ARG A 74 15.61 9.79 -39.11
CA ARG A 74 14.40 10.57 -39.11
C ARG A 74 13.35 10.10 -38.12
N SER A 75 13.30 8.80 -37.84
CA SER A 75 12.30 8.25 -36.92
C SER A 75 12.92 7.15 -36.08
N TRP A 76 12.58 7.15 -34.79
CA TRP A 76 13.08 6.15 -33.87
C TRP A 76 12.05 5.92 -32.79
N SER A 77 11.98 4.67 -32.30
CA SER A 77 11.12 4.38 -31.16
C SER A 77 11.76 4.85 -29.85
N TYR A 78 13.07 4.69 -29.73
CA TYR A 78 13.79 5.17 -28.55
C TYR A 78 15.26 5.35 -28.91
N ILE A 79 15.97 6.05 -28.03
CA ILE A 79 17.38 6.36 -28.22
C ILE A 79 18.19 5.49 -27.27
N VAL A 80 19.21 4.83 -27.80
CA VAL A 80 20.07 3.96 -27.00
C VAL A 80 21.52 4.42 -27.12
N GLU A 81 22.11 4.68 -25.96
CA GLU A 81 23.51 5.05 -25.81
C GLU A 81 24.26 3.86 -25.23
N THR A 82 25.57 4.00 -25.14
CA THR A 82 26.43 2.93 -24.68
C THR A 82 27.28 3.43 -23.52
N SER A 83 27.82 2.49 -22.74
CA SER A 83 28.64 2.87 -21.59
C SER A 83 29.93 3.55 -22.03
N ASN A 84 30.43 3.23 -23.22
CA ASN A 84 31.64 3.84 -23.75
C ASN A 84 31.34 4.94 -24.77
N SER A 85 30.26 5.70 -24.58
CA SER A 85 29.93 6.82 -25.44
C SER A 85 30.78 8.02 -25.02
N ASP A 86 31.98 8.10 -25.59
CA ASP A 86 32.93 9.13 -25.19
C ASP A 86 33.00 10.29 -26.17
N ASN A 87 32.63 10.08 -27.43
CA ASN A 87 32.74 11.13 -28.43
C ASN A 87 31.57 12.09 -28.30
N GLY A 88 31.83 13.26 -27.73
CA GLY A 88 30.80 14.26 -27.51
C GLY A 88 31.27 15.60 -28.00
N THR A 89 31.32 16.58 -27.09
CA THR A 89 31.86 17.89 -27.42
C THR A 89 33.37 17.78 -27.55
N CYS A 90 33.86 17.77 -28.78
CA CYS A 90 35.32 17.58 -28.98
C CYS A 90 36.11 18.82 -28.54
N TYR A 91 35.69 20.03 -28.90
CA TYR A 91 36.39 21.24 -28.43
C TYR A 91 36.02 21.45 -26.99
N PRO A 92 37.00 21.52 -26.07
CA PRO A 92 36.76 21.67 -24.64
C PRO A 92 35.76 22.80 -24.38
N GLY A 93 34.83 22.58 -23.47
CA GLY A 93 33.84 23.62 -23.16
C GLY A 93 32.63 23.14 -22.36
N ASP A 94 31.56 23.92 -22.34
CA ASP A 94 30.35 23.59 -21.52
C ASP A 94 29.06 23.60 -22.34
N PHE A 95 28.25 22.55 -22.23
CA PHE A 95 26.93 22.53 -22.90
C PHE A 95 25.94 22.99 -21.85
N ILE A 96 25.25 24.10 -22.11
CA ILE A 96 24.38 24.70 -21.07
C ILE A 96 22.99 24.08 -21.15
N ASN A 97 22.44 23.67 -20.00
CA ASN A 97 21.10 23.05 -19.96
C ASN A 97 21.12 21.87 -20.91
N TYR A 98 22.06 20.95 -20.72
CA TYR A 98 22.17 19.74 -21.57
C TYR A 98 21.21 18.70 -21.07
N GLU A 99 21.18 18.54 -19.71
CA GLU A 99 20.22 17.59 -19.10
C GLU A 99 18.79 18.03 -19.45
N GLU A 100 18.59 19.28 -19.81
CA GLU A 100 17.25 19.77 -20.24
C GLU A 100 17.07 19.38 -21.71
N LEU A 101 18.09 19.56 -22.54
CA LEU A 101 18.01 19.13 -23.94
C LEU A 101 17.83 17.63 -24.03
N ARG A 102 18.56 16.89 -23.20
CA ARG A 102 18.42 15.43 -23.18
C ARG A 102 17.01 15.03 -22.84
N GLU A 103 16.42 15.67 -21.85
CA GLU A 103 15.02 15.42 -21.49
C GLU A 103 14.06 15.83 -22.59
N GLN A 104 14.37 16.88 -23.32
CA GLN A 104 13.53 17.35 -24.42
C GLN A 104 13.56 16.41 -25.62
N LEU A 105 14.66 15.69 -25.81
CA LEU A 105 14.78 14.75 -26.93
C LEU A 105 14.23 13.38 -26.59
N SER A 106 13.78 13.17 -25.36
CA SER A 106 13.16 11.90 -24.98
C SER A 106 11.65 12.00 -25.14
N SER A 107 11.17 13.02 -25.83
CA SER A 107 9.73 13.17 -26.14
C SER A 107 9.56 13.25 -27.66
N VAL A 108 10.67 13.24 -28.39
CA VAL A 108 10.59 13.40 -29.87
C VAL A 108 10.83 12.04 -30.52
N SER A 109 10.08 11.73 -31.57
CA SER A 109 10.33 10.48 -32.32
C SER A 109 10.91 10.87 -33.67
N SER A 110 10.60 12.07 -34.14
CA SER A 110 11.04 12.54 -35.48
C SER A 110 12.03 13.70 -35.37
N PHE A 111 12.72 14.00 -36.45
CA PHE A 111 13.71 15.09 -36.50
C PHE A 111 13.99 15.34 -37.94
N GLU A 112 13.74 16.57 -38.40
CA GLU A 112 14.07 16.95 -39.80
C GLU A 112 15.24 17.93 -39.76
N ARG A 113 16.45 17.47 -40.11
CA ARG A 113 17.62 18.37 -40.15
C ARG A 113 17.54 19.23 -41.42
N PHE A 114 17.48 20.55 -41.26
CA PHE A 114 17.42 21.47 -42.43
C PHE A 114 18.53 22.51 -42.30
N GLU A 115 18.92 23.10 -43.43
CA GLU A 115 20.00 24.12 -43.42
C GLU A 115 19.38 25.47 -43.07
N ILE A 116 19.53 25.90 -41.81
CA ILE A 116 18.97 27.19 -41.35
C ILE A 116 19.79 28.31 -42.00
N PHE A 117 21.10 28.12 -42.11
CA PHE A 117 21.95 29.15 -42.70
C PHE A 117 22.85 28.48 -43.73
N PRO A 118 22.54 28.58 -45.02
CA PRO A 118 23.40 27.98 -46.03
C PRO A 118 24.81 28.53 -45.97
N LYS A 119 25.78 27.63 -46.10
CA LYS A 119 27.18 28.01 -45.94
C LYS A 119 27.63 28.96 -47.05
N THR A 120 27.10 28.77 -48.26
CA THR A 120 27.61 29.48 -49.42
C THR A 120 26.93 30.83 -49.66
N SER A 121 25.90 31.17 -48.90
CA SER A 121 25.16 32.40 -49.15
C SER A 121 24.97 33.27 -47.92
N SER A 122 25.09 32.72 -46.72
CA SER A 122 24.72 33.47 -45.52
C SER A 122 25.85 34.28 -44.94
N TRP A 123 27.11 33.97 -45.26
CA TRP A 123 28.27 34.64 -44.69
C TRP A 123 29.19 35.12 -45.80
N PRO A 124 28.81 36.18 -46.51
CA PRO A 124 29.67 36.69 -47.60
C PRO A 124 30.86 37.48 -47.10
N ASN A 125 30.80 38.06 -45.91
CA ASN A 125 31.84 38.93 -45.39
C ASN A 125 32.77 38.24 -44.41
N HIS A 126 32.54 36.96 -44.11
CA HIS A 126 33.32 36.24 -43.13
C HIS A 126 33.82 34.93 -43.74
N ASP A 127 34.93 34.45 -43.20
CA ASP A 127 35.57 33.23 -43.70
C ASP A 127 34.97 32.03 -42.97
N SER A 128 34.29 31.17 -43.72
CA SER A 128 33.63 30.00 -43.17
C SER A 128 34.40 28.71 -43.44
N ASP A 129 35.67 28.80 -43.81
CA ASP A 129 36.45 27.63 -44.18
C ASP A 129 37.67 27.39 -43.28
N LYS A 130 38.07 28.37 -42.46
CA LYS A 130 39.23 28.23 -41.61
C LYS A 130 38.88 27.91 -40.17
N GLY A 131 37.61 27.67 -39.86
CA GLY A 131 37.22 27.37 -38.50
C GLY A 131 37.31 25.89 -38.16
N VAL A 132 38.52 25.35 -38.24
CA VAL A 132 38.77 23.94 -37.93
C VAL A 132 39.85 23.87 -36.86
N THR A 133 39.82 22.79 -36.08
CA THR A 133 40.71 22.63 -34.96
C THR A 133 41.20 21.20 -34.87
N ALA A 134 42.33 21.02 -34.20
CA ALA A 134 42.90 19.71 -33.96
C ALA A 134 42.22 18.97 -32.81
N ALA A 135 41.33 19.64 -32.09
CA ALA A 135 40.53 18.99 -31.07
C ALA A 135 39.39 18.16 -31.65
N CYS A 136 39.07 18.33 -32.93
CA CYS A 136 38.03 17.57 -33.61
C CYS A 136 38.62 17.01 -34.91
N PRO A 137 39.48 16.01 -34.82
CA PRO A 137 40.15 15.50 -36.02
C PRO A 137 39.27 14.52 -36.79
N HIS A 138 39.39 14.56 -38.10
CA HIS A 138 38.75 13.61 -39.00
C HIS A 138 39.81 13.00 -39.91
N ALA A 139 40.09 11.72 -39.72
CA ALA A 139 41.10 11.01 -40.50
C ALA A 139 42.46 11.68 -40.40
N GLY A 140 42.75 12.25 -39.23
CA GLY A 140 43.99 12.94 -39.00
C GLY A 140 43.98 14.41 -39.37
N ALA A 141 43.00 14.86 -40.15
CA ALA A 141 42.92 16.24 -40.57
C ALA A 141 42.06 17.04 -39.62
N LYS A 142 42.42 18.31 -39.44
CA LYS A 142 41.65 19.19 -38.58
C LYS A 142 40.26 19.41 -39.16
N SER A 143 39.26 19.36 -38.29
CA SER A 143 37.88 19.49 -38.72
C SER A 143 37.10 20.21 -37.62
N PHE A 144 35.78 20.22 -37.76
CA PHE A 144 34.89 20.88 -36.82
C PHE A 144 33.55 20.15 -36.85
N TYR A 145 32.60 20.66 -36.09
CA TYR A 145 31.27 20.06 -36.07
C TYR A 145 30.58 20.24 -37.41
N LYS A 146 29.71 19.30 -37.75
CA LYS A 146 28.97 19.35 -39.00
C LYS A 146 27.82 20.34 -38.97
N ASN A 147 27.22 20.57 -37.81
CA ASN A 147 26.06 21.44 -37.70
C ASN A 147 26.42 22.87 -37.29
N LEU A 148 27.69 23.19 -37.15
CA LEU A 148 28.13 24.51 -36.71
C LEU A 148 29.25 24.99 -37.62
N ILE A 149 29.31 26.31 -37.80
CA ILE A 149 30.37 26.96 -38.57
C ILE A 149 31.10 27.92 -37.65
N TRP A 150 32.41 27.75 -37.54
CA TRP A 150 33.24 28.64 -36.73
C TRP A 150 33.78 29.73 -37.63
N LEU A 151 33.07 30.85 -37.68
CA LEU A 151 33.46 31.96 -38.55
C LEU A 151 34.64 32.72 -37.99
N VAL A 152 35.53 33.15 -38.88
CA VAL A 152 36.68 33.95 -38.52
C VAL A 152 36.71 35.20 -39.39
N LYS A 153 37.74 36.03 -39.20
CA LYS A 153 37.93 37.18 -40.05
C LYS A 153 38.21 36.75 -41.49
N LYS A 154 37.78 37.56 -42.46
CA LYS A 154 38.20 37.39 -43.84
C LYS A 154 39.07 38.59 -44.20
N GLY A 155 40.30 38.57 -43.72
CA GLY A 155 41.33 39.50 -44.11
C GLY A 155 41.29 40.71 -43.22
N ASN A 156 42.07 40.70 -42.14
CA ASN A 156 42.18 41.81 -41.21
C ASN A 156 40.89 42.57 -40.97
N SER A 157 39.76 41.86 -40.87
CA SER A 157 38.48 42.55 -40.71
C SER A 157 37.41 41.55 -40.31
N TYR A 158 36.61 41.93 -39.31
CA TYR A 158 35.44 41.15 -38.91
C TYR A 158 34.28 42.12 -38.78
N PRO A 159 33.57 42.40 -39.87
CA PRO A 159 32.41 43.29 -39.80
C PRO A 159 31.30 42.68 -38.96
N LYS A 160 30.41 43.55 -38.49
CA LYS A 160 29.31 43.11 -37.63
C LYS A 160 28.43 42.12 -38.36
N LEU A 161 28.09 41.03 -37.67
CA LEU A 161 27.31 39.94 -38.20
C LEU A 161 25.87 40.09 -37.76
N ASN A 162 24.94 39.95 -38.70
CA ASN A 162 23.52 40.21 -38.41
C ASN A 162 22.72 39.24 -39.29
N GLN A 163 22.10 38.25 -38.66
CA GLN A 163 21.28 37.28 -39.39
C GLN A 163 20.02 36.99 -38.61
N THR A 164 18.97 36.63 -39.34
CA THR A 164 17.68 36.30 -38.75
C THR A 164 17.08 35.10 -39.46
N TYR A 165 16.24 34.39 -38.73
CA TYR A 165 15.51 33.24 -39.27
C TYR A 165 14.07 33.27 -38.78
N ILE A 166 13.12 33.34 -39.72
CA ILE A 166 11.70 33.29 -39.44
C ILE A 166 11.24 31.86 -39.62
N ASN A 167 10.60 31.30 -38.59
CA ASN A 167 10.19 29.90 -38.60
C ASN A 167 8.92 29.75 -39.43
N ASP A 168 9.08 29.34 -40.69
CA ASP A 168 7.95 29.09 -41.57
C ASP A 168 7.49 27.64 -41.54
N LYS A 169 8.20 26.78 -40.83
CA LYS A 169 7.72 25.43 -40.58
C LYS A 169 6.51 25.48 -39.66
N GLY A 170 5.71 24.42 -39.69
CA GLY A 170 4.56 24.40 -38.83
C GLY A 170 4.81 23.95 -37.42
N LYS A 171 6.03 23.49 -37.12
CA LYS A 171 6.33 22.96 -35.81
C LYS A 171 7.63 23.52 -35.26
N GLU A 172 8.04 23.05 -34.09
CA GLU A 172 9.12 23.66 -33.32
C GLU A 172 10.47 23.34 -33.93
N VAL A 173 11.39 24.30 -33.84
CA VAL A 173 12.72 24.16 -34.42
C VAL A 173 13.76 24.31 -33.32
N LEU A 174 14.68 23.35 -33.26
CA LEU A 174 15.79 23.38 -32.33
C LEU A 174 17.01 23.97 -33.02
N VAL A 175 17.58 25.00 -32.41
CA VAL A 175 18.69 25.77 -32.96
C VAL A 175 19.84 25.75 -31.96
N LEU A 176 21.04 25.47 -32.46
CA LEU A 176 22.23 25.34 -31.63
C LEU A 176 23.30 26.30 -32.11
N TRP A 177 23.99 26.95 -31.16
CA TRP A 177 25.11 27.82 -31.49
C TRP A 177 26.18 27.67 -30.42
N GLY A 178 27.30 28.36 -30.62
CA GLY A 178 28.40 28.30 -29.68
C GLY A 178 29.07 29.65 -29.54
N ILE A 179 29.74 29.81 -28.40
CA ILE A 179 30.53 30.99 -28.09
C ILE A 179 31.94 30.53 -27.77
N HIS A 180 32.93 31.18 -28.39
CA HIS A 180 34.33 30.82 -28.21
C HIS A 180 35.03 31.80 -27.30
N HIS A 181 35.83 31.26 -26.38
CA HIS A 181 36.64 32.04 -25.45
C HIS A 181 38.09 31.73 -25.74
N PRO A 182 38.80 32.62 -26.43
CA PRO A 182 40.20 32.37 -26.72
C PRO A 182 41.03 32.46 -25.46
N PRO A 183 42.18 31.77 -25.43
CA PRO A 183 43.04 31.85 -24.24
C PRO A 183 43.75 33.18 -24.06
N THR A 184 44.02 33.91 -25.13
CA THR A 184 44.80 35.13 -25.06
C THR A 184 44.17 36.22 -25.90
N ILE A 185 44.51 37.47 -25.59
CA ILE A 185 44.07 38.60 -26.39
C ILE A 185 44.67 38.51 -27.79
N ALA A 186 45.91 38.05 -27.88
CA ALA A 186 46.55 37.87 -29.18
C ALA A 186 45.76 36.90 -30.05
N ALA A 187 45.28 35.81 -29.45
CA ALA A 187 44.45 34.86 -30.20
C ALA A 187 43.13 35.49 -30.62
N GLN A 188 42.56 36.33 -29.75
CA GLN A 188 41.32 37.02 -30.08
C GLN A 188 41.50 37.90 -31.31
N GLU A 189 42.61 38.62 -31.38
CA GLU A 189 42.89 39.43 -32.56
C GLU A 189 43.25 38.56 -33.76
N SER A 190 43.94 37.44 -33.57
CA SER A 190 44.28 36.56 -34.68
C SER A 190 43.05 35.87 -35.26
N LEU A 191 41.95 35.82 -34.51
CA LEU A 191 40.72 35.22 -35.02
C LEU A 191 39.67 36.25 -35.41
N TYR A 192 39.49 37.31 -34.63
CA TYR A 192 38.37 38.23 -34.85
C TYR A 192 38.76 39.69 -34.98
N GLN A 193 39.97 40.08 -34.59
CA GLN A 193 40.47 41.45 -34.81
C GLN A 193 39.60 42.49 -34.09
N ASN A 194 38.94 42.08 -33.03
CA ASN A 194 38.09 43.02 -32.26
C ASN A 194 38.17 42.57 -30.80
N ALA A 195 39.17 43.07 -30.07
CA ALA A 195 39.36 42.68 -28.66
C ALA A 195 38.07 42.86 -27.86
N ASP A 196 37.35 43.95 -28.06
CA ASP A 196 36.06 44.15 -27.39
C ASP A 196 34.96 43.62 -28.30
N ALA A 197 34.61 42.36 -28.14
CA ALA A 197 33.63 41.74 -29.06
C ALA A 197 32.39 41.28 -28.28
N TYR A 198 31.27 41.10 -28.96
CA TYR A 198 30.01 40.72 -28.27
C TYR A 198 29.15 39.88 -29.15
N VAL A 199 28.33 39.05 -28.53
CA VAL A 199 27.32 38.26 -29.23
C VAL A 199 25.98 38.57 -28.61
N PHE A 200 24.94 38.61 -29.43
CA PHE A 200 23.59 38.82 -28.93
C PHE A 200 22.67 37.85 -29.66
N VAL A 201 21.96 37.02 -28.91
CA VAL A 201 21.01 36.08 -29.50
C VAL A 201 19.63 36.38 -28.94
N GLY A 202 18.64 36.49 -29.83
CA GLY A 202 17.32 36.83 -29.40
C GLY A 202 16.16 36.17 -30.11
N THR A 203 15.15 35.75 -29.36
CA THR A 203 13.87 35.32 -29.88
C THR A 203 12.77 36.12 -29.19
N SER A 204 11.51 35.72 -29.41
CA SER A 204 10.41 36.37 -28.71
C SER A 204 10.43 36.11 -27.21
N ARG A 205 11.10 35.05 -26.76
CA ARG A 205 11.19 34.77 -25.34
C ARG A 205 12.64 34.78 -24.86
N TYR A 206 13.57 34.48 -25.77
CA TYR A 206 14.98 34.45 -25.43
C TYR A 206 15.65 35.75 -25.82
N SER A 207 16.53 36.23 -24.95
CA SER A 207 17.35 37.40 -25.24
C SER A 207 18.56 37.35 -24.32
N LYS A 208 19.76 37.23 -24.90
CA LYS A 208 20.95 37.14 -24.06
C LYS A 208 22.15 37.71 -24.80
N LYS A 209 22.99 38.41 -24.04
CA LYS A 209 24.23 39.00 -24.53
C LYS A 209 25.41 38.25 -23.93
N PHE A 210 26.34 37.85 -24.79
CA PHE A 210 27.53 37.09 -24.42
C PHE A 210 28.78 37.91 -24.68
N LYS A 211 29.68 37.89 -23.70
CA LYS A 211 30.98 38.51 -23.83
C LYS A 211 32.07 37.46 -23.64
N PRO A 212 33.12 37.49 -24.45
CA PRO A 212 34.20 36.51 -24.32
C PRO A 212 34.88 36.60 -22.96
N GLU A 213 35.31 35.45 -22.46
CA GLU A 213 36.08 35.35 -21.23
C GLU A 213 37.48 34.90 -21.61
N ILE A 214 38.35 35.85 -21.88
CA ILE A 214 39.70 35.56 -22.37
C ILE A 214 40.60 35.28 -21.18
N ALA A 215 40.98 34.01 -21.03
CA ALA A 215 41.88 33.58 -19.97
C ALA A 215 42.43 32.21 -20.36
N THR A 216 43.52 31.82 -19.71
CA THR A 216 44.22 30.57 -20.02
C THR A 216 43.72 29.48 -19.08
N ARG A 217 42.98 28.53 -19.64
CA ARG A 217 42.49 27.39 -18.89
C ARG A 217 43.50 26.26 -18.91
N PRO A 218 43.36 25.28 -18.01
CA PRO A 218 44.14 24.05 -18.15
C PRO A 218 43.88 23.34 -19.46
N LYS A 219 44.92 22.73 -20.03
CA LYS A 219 44.83 22.08 -21.33
C LYS A 219 44.05 20.79 -21.22
N VAL A 220 42.90 20.74 -21.87
CA VAL A 220 42.22 19.46 -22.12
C VAL A 220 41.98 19.36 -23.62
N ARG A 221 42.29 18.20 -24.18
CA ARG A 221 42.35 18.00 -25.63
C ARG A 221 43.25 19.03 -26.31
N ASP A 222 44.34 19.40 -25.64
CA ASP A 222 45.37 20.28 -26.18
C ASP A 222 44.79 21.64 -26.57
N GLN A 223 43.88 22.15 -25.74
CA GLN A 223 43.27 23.44 -25.98
C GLN A 223 43.23 24.23 -24.68
N GLU A 224 43.61 25.50 -24.75
CA GLU A 224 43.56 26.38 -23.60
C GLU A 224 42.33 27.27 -23.58
N GLY A 225 41.69 27.47 -24.73
CA GLY A 225 40.44 28.20 -24.80
C GLY A 225 39.26 27.28 -24.63
N ARG A 226 38.07 27.85 -24.67
CA ARG A 226 36.86 27.07 -24.41
C ARG A 226 35.79 27.38 -25.44
N MET A 227 34.79 26.50 -25.50
CA MET A 227 33.64 26.67 -26.38
C MET A 227 32.40 26.31 -25.57
N ASN A 228 31.55 27.31 -25.31
CA ASN A 228 30.28 27.06 -24.65
C ASN A 228 29.19 26.86 -25.69
N TYR A 229 28.35 25.86 -25.47
CA TYR A 229 27.34 25.45 -26.43
C TYR A 229 25.96 25.78 -25.89
N TYR A 230 25.16 26.46 -26.70
CA TYR A 230 23.84 26.91 -26.29
C TYR A 230 22.81 26.41 -27.29
N TRP A 231 21.59 26.20 -26.80
CA TRP A 231 20.48 25.74 -27.61
C TRP A 231 19.23 26.53 -27.30
N THR A 232 18.30 26.53 -28.24
CA THR A 232 17.00 27.16 -28.04
C THR A 232 15.97 26.48 -28.91
N LEU A 233 14.71 26.67 -28.54
CA LEU A 233 13.57 26.20 -29.31
C LEU A 233 12.78 27.39 -29.82
N VAL A 234 12.61 27.46 -31.14
CA VAL A 234 11.86 28.52 -31.79
C VAL A 234 10.50 27.95 -32.16
N GLU A 235 9.45 28.63 -31.72
CA GLU A 235 8.08 28.21 -31.98
C GLU A 235 7.65 28.61 -33.38
N PRO A 236 6.60 27.98 -33.91
CA PRO A 236 6.11 28.38 -35.24
C PRO A 236 5.73 29.84 -35.27
N GLY A 237 6.12 30.52 -36.34
CA GLY A 237 5.84 31.93 -36.51
C GLY A 237 6.78 32.86 -35.78
N ASP A 238 7.72 32.32 -35.01
CA ASP A 238 8.68 33.12 -34.26
C ASP A 238 9.99 33.19 -35.03
N LYS A 239 10.81 34.17 -34.66
CA LYS A 239 12.08 34.41 -35.34
C LYS A 239 13.23 34.44 -34.33
N ILE A 240 14.40 34.02 -34.81
CA ILE A 240 15.63 34.08 -34.05
C ILE A 240 16.58 35.03 -34.74
N THR A 241 17.38 35.74 -33.94
CA THR A 241 18.27 36.78 -34.45
C THR A 241 19.64 36.63 -33.80
N PHE A 242 20.67 36.59 -34.64
CA PHE A 242 22.06 36.55 -34.21
C PHE A 242 22.76 37.84 -34.61
N GLU A 243 23.39 38.49 -33.64
CA GLU A 243 24.23 39.65 -33.88
C GLU A 243 25.58 39.38 -33.24
N ALA A 244 26.64 39.82 -33.88
CA ALA A 244 27.96 39.55 -33.33
C ALA A 244 28.97 40.56 -33.85
N THR A 245 30.05 40.71 -33.10
CA THR A 245 31.27 41.36 -33.58
C THR A 245 32.45 40.42 -33.35
N GLY A 246 32.16 39.15 -33.13
CA GLY A 246 33.19 38.15 -32.91
C GLY A 246 32.71 37.09 -31.96
N ASN A 247 33.44 35.97 -31.96
CA ASN A 247 33.29 34.86 -31.03
C ASN A 247 31.96 34.12 -31.15
N LEU A 248 31.39 34.04 -32.33
CA LEU A 248 30.15 33.29 -32.52
C LEU A 248 30.40 32.09 -33.42
N VAL A 249 29.98 30.92 -32.97
CA VAL A 249 29.97 29.71 -33.78
C VAL A 249 28.54 29.54 -34.26
N VAL A 250 28.29 29.88 -35.52
CA VAL A 250 26.94 30.04 -36.04
C VAL A 250 26.32 28.68 -36.38
N PRO A 251 25.00 28.57 -36.36
CA PRO A 251 24.37 27.32 -36.81
C PRO A 251 24.53 27.11 -38.30
N ARG A 252 24.56 25.85 -38.69
CA ARG A 252 24.44 25.46 -40.09
C ARG A 252 23.23 24.58 -40.33
N TYR A 253 22.94 23.66 -39.43
CA TYR A 253 21.78 22.78 -39.53
C TYR A 253 20.95 22.87 -38.26
N ALA A 254 19.65 23.09 -38.43
CA ALA A 254 18.69 23.12 -37.34
C ALA A 254 17.75 21.94 -37.49
N PHE A 255 17.07 21.60 -36.39
CA PHE A 255 16.27 20.38 -36.36
C PHE A 255 14.80 20.72 -36.12
N THR A 256 13.97 20.51 -37.15
CA THR A 256 12.53 20.53 -36.96
C THR A 256 12.10 19.28 -36.24
N MET A 257 11.40 19.42 -35.11
CA MET A 257 11.15 18.27 -34.25
C MET A 257 9.67 18.07 -33.99
N GLU A 258 9.24 16.82 -33.97
CA GLU A 258 7.85 16.46 -33.69
C GLU A 258 7.78 15.59 -32.44
N ARG A 259 6.78 15.85 -31.61
CA ARG A 259 6.69 15.27 -30.26
C ARG A 259 5.63 14.19 -30.23
N ASP A 260 5.96 13.05 -29.62
CA ASP A 260 4.95 12.07 -29.21
C ASP A 260 5.51 11.26 -28.06
N ALA A 261 4.69 11.00 -27.05
CA ALA A 261 5.12 10.29 -25.86
C ALA A 261 5.34 8.82 -26.16
N GLY A 262 6.09 8.17 -25.30
CA GLY A 262 6.44 6.77 -25.44
C GLY A 262 7.87 6.49 -25.88
N SER A 263 8.73 7.50 -25.94
CA SER A 263 10.13 7.34 -26.28
C SER A 263 10.97 7.54 -25.03
N GLY A 264 12.28 7.46 -25.20
CA GLY A 264 13.19 7.67 -24.10
C GLY A 264 14.62 7.40 -24.50
N ILE A 265 15.51 7.56 -23.54
CA ILE A 265 16.94 7.32 -23.72
C ILE A 265 17.34 6.27 -22.70
N ILE A 266 17.92 5.18 -23.18
CA ILE A 266 18.42 4.13 -22.29
C ILE A 266 19.89 3.89 -22.58
N ILE A 267 20.64 3.53 -21.54
CA ILE A 267 22.06 3.23 -21.64
C ILE A 267 22.22 1.72 -21.57
N SER A 268 22.65 1.12 -22.68
CA SER A 268 22.73 -0.33 -22.76
C SER A 268 23.90 -0.72 -23.64
N ASP A 269 24.58 -1.79 -23.26
CA ASP A 269 25.58 -2.44 -24.08
C ASP A 269 25.00 -3.62 -24.85
N THR A 270 23.69 -3.83 -24.78
CA THR A 270 23.06 -4.97 -25.43
C THR A 270 23.08 -4.77 -26.95
N PRO A 271 23.36 -5.82 -27.72
CA PRO A 271 23.34 -5.69 -29.18
C PRO A 271 21.92 -5.48 -29.71
N VAL A 272 21.86 -4.90 -30.90
CA VAL A 272 20.60 -4.61 -31.58
C VAL A 272 20.36 -5.66 -32.65
N HIS A 273 19.16 -6.22 -32.68
CA HIS A 273 18.76 -7.21 -33.67
C HIS A 273 17.40 -6.83 -34.25
N ASP A 274 16.98 -7.58 -35.26
CA ASP A 274 15.67 -7.39 -35.84
C ASP A 274 14.62 -8.14 -35.03
N CYS A 275 13.62 -7.41 -34.55
CA CYS A 275 12.63 -7.96 -33.64
C CYS A 275 11.29 -7.31 -33.91
N ASN A 276 10.33 -7.59 -33.04
CA ASN A 276 9.12 -6.80 -32.93
C ASN A 276 8.54 -7.03 -31.54
N THR A 277 8.78 -6.09 -30.63
CA THR A 277 8.36 -6.24 -29.25
C THR A 277 7.51 -5.05 -28.83
N THR A 278 6.83 -5.22 -27.69
CA THR A 278 6.02 -4.16 -27.10
C THR A 278 6.59 -3.65 -25.79
N CYS A 279 7.68 -4.24 -25.31
CA CYS A 279 8.28 -3.83 -24.04
C CYS A 279 9.78 -4.01 -24.15
N GLN A 280 10.53 -2.93 -23.95
CA GLN A 280 11.97 -2.94 -24.09
C GLN A 280 12.63 -2.54 -22.78
N THR A 281 13.73 -3.21 -22.48
CA THR A 281 14.49 -3.04 -21.25
C THR A 281 15.96 -2.98 -21.62
N PRO A 282 16.78 -2.26 -20.85
CA PRO A 282 18.22 -2.22 -21.16
C PRO A 282 18.87 -3.59 -21.25
N GLU A 283 18.39 -4.57 -20.51
CA GLU A 283 18.94 -5.91 -20.58
C GLU A 283 18.40 -6.72 -21.76
N GLY A 284 17.24 -6.37 -22.28
CA GLY A 284 16.63 -7.11 -23.36
C GLY A 284 15.13 -7.02 -23.30
N ALA A 285 14.48 -7.48 -24.37
CA ALA A 285 13.05 -7.34 -24.52
C ALA A 285 12.29 -8.37 -23.70
N ILE A 286 11.09 -7.98 -23.27
CA ILE A 286 10.20 -8.82 -22.48
C ILE A 286 8.93 -9.07 -23.27
N ASN A 287 8.57 -10.36 -23.42
CA ASN A 287 7.40 -10.77 -24.19
C ASN A 287 6.51 -11.61 -23.29
N THR A 288 5.58 -10.96 -22.60
CA THR A 288 4.70 -11.67 -21.68
C THR A 288 3.48 -10.82 -21.40
N SER A 289 2.51 -11.45 -20.74
CA SER A 289 1.32 -10.77 -20.25
C SER A 289 1.22 -10.78 -18.74
N LEU A 290 2.28 -11.21 -18.05
CA LEU A 290 2.24 -11.31 -16.59
C LEU A 290 2.29 -9.93 -15.96
N PRO A 291 1.65 -9.76 -14.80
CA PRO A 291 1.58 -8.43 -14.18
C PRO A 291 2.87 -7.93 -13.56
N PHE A 292 3.84 -8.79 -13.27
CA PHE A 292 5.07 -8.36 -12.61
C PHE A 292 6.29 -8.86 -13.35
N GLN A 293 7.43 -8.27 -13.02
CA GLN A 293 8.72 -8.65 -13.57
C GLN A 293 9.80 -8.34 -12.54
N ASN A 294 10.96 -8.96 -12.70
CA ASN A 294 12.13 -8.66 -11.91
C ASN A 294 13.38 -8.61 -12.77
N VAL A 295 13.26 -8.00 -13.95
CA VAL A 295 14.35 -7.95 -14.91
C VAL A 295 15.19 -6.70 -14.68
N HIS A 296 14.57 -5.53 -14.83
CA HIS A 296 15.26 -4.26 -14.72
C HIS A 296 14.23 -3.14 -14.62
N PRO A 297 14.44 -2.13 -13.78
CA PRO A 297 13.38 -1.14 -13.53
C PRO A 297 13.13 -0.16 -14.67
N ILE A 298 14.05 -0.01 -15.62
CA ILE A 298 13.87 0.94 -16.71
C ILE A 298 13.21 0.20 -17.87
N THR A 299 12.09 0.74 -18.36
CA THR A 299 11.31 0.08 -19.39
C THR A 299 10.74 1.10 -20.36
N ILE A 300 10.53 0.67 -21.60
CA ILE A 300 9.89 1.47 -22.63
C ILE A 300 8.77 0.65 -23.25
N GLY A 301 7.59 1.22 -23.34
CA GLY A 301 6.42 0.54 -23.88
C GLY A 301 5.51 0.03 -22.79
N LYS A 302 4.57 -0.82 -23.21
CA LYS A 302 3.62 -1.45 -22.30
C LYS A 302 4.35 -2.59 -21.59
N CYS A 303 4.67 -2.38 -20.31
CA CYS A 303 5.56 -3.27 -19.60
C CYS A 303 4.97 -3.70 -18.26
N PRO A 304 5.34 -4.86 -17.74
CA PRO A 304 4.88 -5.26 -16.41
C PRO A 304 5.56 -4.42 -15.33
N LYS A 305 4.93 -4.39 -14.19
CA LYS A 305 5.45 -3.59 -13.07
C LYS A 305 6.69 -4.27 -12.51
N TYR A 306 7.66 -3.49 -12.15
CA TYR A 306 8.90 -4.03 -11.62
C TYR A 306 8.80 -4.19 -10.11
N VAL A 307 9.15 -5.37 -9.61
CA VAL A 307 9.19 -5.65 -8.19
C VAL A 307 10.48 -6.40 -7.87
N LYS A 308 10.90 -6.32 -6.61
CA LYS A 308 12.13 -6.94 -6.16
C LYS A 308 11.93 -8.38 -5.70
N SER A 309 10.84 -9.02 -6.10
CA SER A 309 10.55 -10.37 -5.67
C SER A 309 11.22 -11.39 -6.59
N THR A 310 11.39 -12.60 -6.06
CA THR A 310 11.90 -13.71 -6.83
C THR A 310 10.87 -14.80 -7.09
N LYS A 311 9.71 -14.75 -6.43
CA LYS A 311 8.70 -15.78 -6.59
C LYS A 311 7.35 -15.18 -6.22
N LEU A 312 6.43 -15.14 -7.18
CA LEU A 312 5.04 -14.75 -6.94
C LEU A 312 4.16 -15.77 -7.64
N ARG A 313 3.75 -16.81 -6.92
CA ARG A 313 2.92 -17.87 -7.48
C ARG A 313 1.59 -17.88 -6.74
N LEU A 314 0.51 -17.82 -7.49
CA LEU A 314 -0.85 -17.76 -6.96
C LEU A 314 -1.44 -19.16 -6.95
N ALA A 315 -1.86 -19.63 -5.79
CA ALA A 315 -2.49 -20.94 -5.69
C ALA A 315 -3.88 -20.90 -6.29
N THR A 316 -4.22 -21.87 -7.13
CA THR A 316 -5.52 -21.84 -7.82
C THR A 316 -6.25 -23.10 -7.49
N GLY A 317 -5.52 -24.16 -7.16
CA GLY A 317 -6.12 -25.45 -6.83
C GLY A 317 -5.98 -25.84 -5.39
N LEU A 318 -6.13 -27.13 -5.08
CA LEU A 318 -6.15 -27.62 -3.69
C LEU A 318 -4.76 -28.04 -3.24
N ARG A 319 -4.55 -28.19 -1.92
CA ARG A 319 -3.30 -28.73 -1.44
C ARG A 319 -3.12 -30.16 -1.93
N ASN A 320 -1.90 -30.50 -2.32
CA ASN A 320 -1.61 -31.84 -2.84
C ASN A 320 -1.30 -32.79 -1.69
N VAL A 321 -2.18 -33.75 -1.47
CA VAL A 321 -1.97 -34.79 -0.48
C VAL A 321 -2.13 -36.14 -1.17
N PRO A 322 -1.11 -36.63 -1.89
CA PRO A 322 -1.20 -37.90 -2.61
C PRO A 322 -1.18 -39.10 -1.68
N ASP B 1 -45.78 -29.34 14.73
CA ASP B 1 -45.07 -28.18 15.22
C ASP B 1 -43.69 -28.10 14.58
N THR B 2 -43.35 -26.95 14.02
CA THR B 2 -42.12 -26.80 13.27
C THR B 2 -41.44 -25.49 13.66
N LEU B 3 -40.11 -25.51 13.66
CA LEU B 3 -39.32 -24.31 13.93
C LEU B 3 -38.17 -24.26 12.95
N CYS B 4 -38.13 -23.24 12.10
CA CYS B 4 -37.05 -23.10 11.13
C CYS B 4 -36.22 -21.86 11.40
N ILE B 5 -34.94 -21.98 11.05
CA ILE B 5 -33.95 -20.92 11.20
C ILE B 5 -33.77 -20.26 9.85
N GLY B 6 -33.81 -18.95 9.81
CA GLY B 6 -33.70 -18.21 8.56
C GLY B 6 -33.11 -16.84 8.75
N TYR B 7 -33.03 -16.10 7.65
CA TYR B 7 -32.36 -14.81 7.65
C TYR B 7 -33.18 -13.82 6.83
N HIS B 8 -32.66 -12.60 6.77
CA HIS B 8 -33.43 -11.45 6.31
C HIS B 8 -33.27 -11.24 4.81
N ALA B 9 -34.37 -10.85 4.17
CA ALA B 9 -34.34 -10.42 2.78
C ALA B 9 -35.23 -9.20 2.64
N ASN B 10 -34.90 -8.36 1.66
CA ASN B 10 -35.62 -7.11 1.47
C ASN B 10 -35.53 -6.72 0.01
N ASN B 11 -36.22 -5.51 -0.27
CA ASN B 11 -36.36 -5.05 -1.68
C ASN B 11 -35.11 -4.35 -2.18
N SER B 12 -34.09 -4.24 -1.38
CA SER B 12 -32.89 -3.52 -1.81
C SER B 12 -32.28 -4.18 -3.04
N THR B 13 -31.84 -3.35 -3.98
CA THR B 13 -31.23 -3.81 -5.22
C THR B 13 -29.81 -3.29 -5.38
N ASP B 14 -29.12 -3.05 -4.28
CA ASP B 14 -27.76 -2.55 -4.32
C ASP B 14 -26.75 -3.69 -4.35
N THR B 15 -25.64 -3.46 -5.05
CA THR B 15 -24.69 -4.51 -5.39
C THR B 15 -23.29 -4.09 -4.98
N VAL B 16 -22.49 -5.10 -4.64
CA VAL B 16 -21.11 -4.91 -4.23
C VAL B 16 -20.23 -5.88 -5.00
N ASP B 17 -18.93 -5.64 -4.96
CA ASP B 17 -17.96 -6.50 -5.60
C ASP B 17 -17.13 -7.24 -4.56
N THR B 18 -16.88 -8.52 -4.84
CA THR B 18 -16.10 -9.41 -4.00
C THR B 18 -15.01 -10.02 -4.88
N VAL B 19 -13.92 -10.47 -4.24
CA VAL B 19 -12.82 -11.07 -4.99
C VAL B 19 -13.29 -12.28 -5.78
N LEU B 20 -14.18 -13.10 -5.19
CA LEU B 20 -14.55 -14.34 -5.85
C LEU B 20 -15.66 -14.13 -6.87
N GLU B 21 -16.54 -13.19 -6.59
CA GLU B 21 -17.71 -12.95 -7.45
C GLU B 21 -18.06 -11.46 -7.52
N LYS B 22 -18.64 -11.05 -8.63
CA LYS B 22 -19.00 -9.64 -8.80
C LYS B 22 -20.50 -9.45 -8.85
N ASN B 23 -20.93 -8.22 -8.61
CA ASN B 23 -22.34 -7.83 -8.67
C ASN B 23 -23.19 -8.65 -7.71
N VAL B 24 -22.78 -8.66 -6.45
CA VAL B 24 -23.53 -9.36 -5.40
C VAL B 24 -24.58 -8.40 -4.85
N THR B 25 -25.85 -8.75 -4.99
CA THR B 25 -26.91 -7.95 -4.40
C THR B 25 -26.96 -8.22 -2.89
N VAL B 26 -26.95 -7.15 -2.10
CA VAL B 26 -26.89 -7.28 -0.66
C VAL B 26 -27.99 -6.44 -0.03
N THR B 27 -28.30 -6.76 1.22
CA THR B 27 -29.41 -6.10 1.91
C THR B 27 -29.10 -4.65 2.23
N HIS B 28 -27.89 -4.37 2.70
CA HIS B 28 -27.49 -3.03 3.08
C HIS B 28 -26.05 -2.78 2.63
N SER B 29 -25.76 -1.53 2.32
CA SER B 29 -24.43 -1.13 1.87
C SER B 29 -24.24 0.35 2.17
N VAL B 30 -22.98 0.76 2.24
CA VAL B 30 -22.62 2.17 2.38
C VAL B 30 -21.75 2.55 1.18
N ASN B 31 -21.81 3.82 0.81
CA ASN B 31 -21.04 4.34 -0.31
C ASN B 31 -19.86 5.14 0.20
N LEU B 32 -18.68 4.84 -0.34
CA LEU B 32 -17.45 5.49 0.09
C LEU B 32 -16.88 6.44 -0.95
N LEU B 33 -17.57 6.66 -2.06
CA LEU B 33 -17.06 7.52 -3.13
C LEU B 33 -18.04 8.65 -3.39
N GLU B 34 -17.51 9.86 -3.53
CA GLU B 34 -18.28 11.05 -3.89
C GLU B 34 -17.96 11.43 -5.33
N ASP B 35 -18.99 11.57 -6.15
CA ASP B 35 -18.83 11.92 -7.55
C ASP B 35 -19.75 13.10 -7.94
N LYS B 36 -20.09 13.94 -6.97
CA LYS B 36 -20.99 15.05 -7.21
C LYS B 36 -20.36 16.35 -6.70
N HIS B 37 -20.56 17.42 -7.45
CA HIS B 37 -20.11 18.74 -7.05
C HIS B 37 -21.14 19.75 -7.53
N ASN B 38 -21.12 20.93 -6.91
CA ASN B 38 -22.09 21.96 -7.25
C ASN B 38 -21.70 22.82 -8.43
N GLY B 39 -20.51 22.61 -8.99
CA GLY B 39 -20.09 23.34 -10.17
C GLY B 39 -19.95 24.83 -9.97
N LYS B 40 -19.51 25.26 -8.79
CA LYS B 40 -19.34 26.67 -8.50
C LYS B 40 -18.10 26.88 -7.65
N LEU B 41 -17.42 27.99 -7.88
CA LEU B 41 -16.40 28.43 -6.94
C LEU B 41 -17.06 29.17 -5.79
N CYS B 42 -16.68 28.78 -4.57
CA CYS B 42 -17.44 29.16 -3.40
C CYS B 42 -16.49 29.57 -2.29
N LYS B 43 -17.02 30.33 -1.33
CA LYS B 43 -16.21 30.81 -0.22
C LYS B 43 -15.74 29.67 0.67
N LEU B 44 -14.50 29.73 1.12
CA LEU B 44 -13.93 28.75 2.03
C LEU B 44 -13.98 29.31 3.43
N ARG B 45 -14.75 28.68 4.31
CA ARG B 45 -14.93 29.12 5.68
C ARG B 45 -15.38 30.58 5.73
N GLY B 46 -16.24 30.95 4.80
CA GLY B 46 -16.82 32.28 4.76
C GLY B 46 -15.98 33.34 4.12
N VAL B 47 -14.79 33.00 3.62
CA VAL B 47 -13.88 33.97 3.02
C VAL B 47 -13.93 33.78 1.51
N ALA B 48 -14.23 34.87 0.79
CA ALA B 48 -14.33 34.81 -0.66
C ALA B 48 -12.96 34.65 -1.28
N PRO B 49 -12.88 34.05 -2.47
CA PRO B 49 -11.60 33.94 -3.18
C PRO B 49 -11.23 35.22 -3.91
N LEU B 50 -9.97 35.27 -4.33
CA LEU B 50 -9.45 36.36 -5.14
C LEU B 50 -9.44 35.91 -6.59
N HIS B 51 -10.29 36.52 -7.41
CA HIS B 51 -10.48 36.10 -8.78
C HIS B 51 -9.74 37.05 -9.71
N LEU B 52 -8.67 36.57 -10.32
CA LEU B 52 -7.90 37.33 -11.31
C LEU B 52 -8.55 37.03 -12.66
N GLY B 53 -9.53 37.85 -13.04
CA GLY B 53 -10.38 37.47 -14.15
C GLY B 53 -9.63 37.37 -15.46
N LYS B 54 -9.21 38.52 -16.00
CA LYS B 54 -8.43 38.55 -17.22
C LYS B 54 -6.93 38.64 -16.96
N CYS B 55 -6.53 38.91 -15.73
CA CYS B 55 -5.14 39.06 -15.35
C CYS B 55 -4.60 37.75 -14.80
N ASN B 56 -3.28 37.64 -14.76
CA ASN B 56 -2.60 36.59 -14.05
C ASN B 56 -1.89 37.18 -12.85
N ILE B 57 -1.11 36.36 -12.16
CA ILE B 57 -0.42 36.83 -10.96
C ILE B 57 0.60 37.91 -11.33
N ALA B 58 1.22 37.79 -12.49
CA ALA B 58 2.16 38.82 -12.94
C ALA B 58 1.44 40.15 -13.15
N GLY B 59 0.32 40.12 -13.87
CA GLY B 59 -0.41 41.35 -14.14
C GLY B 59 -0.99 41.97 -12.88
N TRP B 60 -1.50 41.12 -11.98
CA TRP B 60 -2.08 41.63 -10.74
C TRP B 60 -1.01 42.22 -9.83
N ILE B 61 0.14 41.55 -9.71
CA ILE B 61 1.20 42.03 -8.83
C ILE B 61 1.81 43.31 -9.39
N LEU B 62 2.11 43.32 -10.69
CA LEU B 62 2.76 44.48 -11.29
C LEU B 62 1.81 45.65 -11.47
N GLY B 63 0.51 45.43 -11.41
CA GLY B 63 -0.44 46.51 -11.60
C GLY B 63 -0.67 46.80 -13.07
N ASN B 64 -1.05 45.77 -13.81
CA ASN B 64 -1.36 45.93 -15.22
C ASN B 64 -2.54 46.89 -15.37
N PRO B 65 -2.51 47.77 -16.38
CA PRO B 65 -3.61 48.72 -16.56
C PRO B 65 -4.97 48.06 -16.68
N GLU B 66 -5.03 46.82 -17.17
CA GLU B 66 -6.28 46.09 -17.31
C GLU B 66 -6.63 45.31 -16.04
N CYS B 67 -6.13 45.74 -14.89
CA CYS B 67 -6.36 45.04 -13.63
C CYS B 67 -6.73 45.99 -12.50
N GLU B 68 -7.28 47.17 -12.80
CA GLU B 68 -7.60 48.14 -11.76
C GLU B 68 -8.62 47.58 -10.77
N SER B 69 -9.44 46.62 -11.21
CA SER B 69 -10.42 46.01 -10.33
C SER B 69 -9.77 45.22 -9.20
N LEU B 70 -8.48 44.88 -9.34
CA LEU B 70 -7.79 44.02 -8.38
C LEU B 70 -6.88 44.82 -7.46
N SER B 71 -6.94 46.14 -7.49
CA SER B 71 -6.14 46.97 -6.60
C SER B 71 -6.60 46.94 -5.15
N THR B 72 -7.88 46.66 -4.91
CA THR B 72 -8.44 46.61 -3.56
C THR B 72 -8.70 45.15 -3.21
N ALA B 73 -7.73 44.53 -2.55
CA ALA B 73 -7.83 43.12 -2.20
C ALA B 73 -7.08 42.88 -0.90
N ARG B 74 -7.81 42.65 0.19
CA ARG B 74 -7.18 42.51 1.49
C ARG B 74 -6.93 41.06 1.86
N SER B 75 -7.98 40.26 1.94
CA SER B 75 -7.87 38.87 2.35
C SER B 75 -8.65 37.97 1.40
N TRP B 76 -8.15 36.75 1.23
CA TRP B 76 -8.78 35.78 0.34
C TRP B 76 -8.54 34.38 0.88
N SER B 77 -9.41 33.46 0.47
CA SER B 77 -9.22 32.06 0.82
C SER B 77 -8.30 31.36 -0.18
N TYR B 78 -8.44 31.67 -1.45
CA TYR B 78 -7.58 31.11 -2.48
C TYR B 78 -7.64 32.02 -3.71
N ILE B 79 -6.68 31.83 -4.60
CA ILE B 79 -6.59 32.62 -5.82
C ILE B 79 -7.08 31.79 -6.99
N VAL B 80 -7.87 32.40 -7.85
CA VAL B 80 -8.41 31.76 -9.04
C VAL B 80 -7.89 32.48 -10.27
N GLU B 81 -7.29 31.73 -11.18
CA GLU B 81 -6.87 32.22 -12.48
C GLU B 81 -7.66 31.48 -13.55
N THR B 82 -7.92 32.17 -14.66
CA THR B 82 -8.71 31.62 -15.74
C THR B 82 -7.79 31.08 -16.83
N SER B 83 -8.32 30.16 -17.62
CA SER B 83 -7.51 29.55 -18.68
C SER B 83 -7.11 30.55 -19.74
N ASN B 84 -7.93 31.59 -19.96
CA ASN B 84 -7.64 32.63 -20.94
C ASN B 84 -7.17 33.92 -20.29
N SER B 85 -6.34 33.79 -19.24
CA SER B 85 -5.78 34.96 -18.57
C SER B 85 -4.49 35.36 -19.31
N ASP B 86 -4.61 36.33 -20.19
CA ASP B 86 -3.44 36.71 -21.02
C ASP B 86 -2.79 37.99 -20.48
N ASN B 87 -3.57 38.86 -19.87
CA ASN B 87 -3.01 40.14 -19.44
C ASN B 87 -2.01 39.94 -18.32
N GLY B 88 -0.73 40.12 -18.64
CA GLY B 88 0.35 39.93 -17.69
C GLY B 88 1.37 41.03 -17.77
N THR B 89 2.62 40.67 -18.03
CA THR B 89 3.68 41.65 -18.25
C THR B 89 3.46 42.27 -19.62
N CYS B 90 2.78 43.41 -19.64
CA CYS B 90 2.46 44.05 -20.92
C CYS B 90 3.71 44.45 -21.68
N TYR B 91 4.64 45.09 -21.01
CA TYR B 91 5.90 45.38 -21.68
C TYR B 91 6.72 44.10 -21.79
N PRO B 92 7.33 43.85 -22.95
CA PRO B 92 8.12 42.63 -23.13
C PRO B 92 9.29 42.55 -22.16
N GLY B 93 9.59 41.33 -21.75
CA GLY B 93 10.72 41.08 -20.87
C GLY B 93 10.58 39.73 -20.19
N ASP B 94 11.31 39.58 -19.10
CA ASP B 94 11.37 38.33 -18.37
C ASP B 94 11.11 38.58 -16.89
N PHE B 95 10.19 37.81 -16.32
CA PHE B 95 9.93 37.83 -14.88
C PHE B 95 10.84 36.81 -14.22
N ILE B 96 11.74 37.27 -13.36
CA ILE B 96 12.77 36.42 -12.80
C ILE B 96 12.25 35.76 -11.55
N ASN B 97 12.37 34.43 -11.48
CA ASN B 97 11.81 33.63 -10.41
C ASN B 97 10.31 33.87 -10.28
N TYR B 98 9.62 33.91 -11.42
CA TYR B 98 8.18 34.09 -11.43
C TYR B 98 7.48 32.96 -10.69
N GLU B 99 7.89 31.71 -10.96
CA GLU B 99 7.27 30.58 -10.31
C GLU B 99 7.54 30.57 -8.82
N GLU B 100 8.72 31.06 -8.41
CA GLU B 100 8.98 31.22 -6.99
C GLU B 100 8.04 32.24 -6.37
N LEU B 101 7.76 33.34 -7.07
CA LEU B 101 6.81 34.31 -6.55
C LEU B 101 5.41 33.70 -6.44
N ARG B 102 5.01 32.92 -7.44
CA ARG B 102 3.72 32.24 -7.36
C ARG B 102 3.68 31.31 -6.16
N GLU B 103 4.78 30.59 -5.92
CA GLU B 103 4.83 29.69 -4.77
C GLU B 103 4.73 30.44 -3.46
N GLN B 104 5.41 31.58 -3.36
CA GLN B 104 5.32 32.36 -2.12
C GLN B 104 3.95 32.99 -1.94
N LEU B 105 3.23 33.25 -3.02
CA LEU B 105 1.90 33.83 -2.92
C LEU B 105 0.82 32.79 -2.69
N SER B 106 1.15 31.50 -2.75
CA SER B 106 0.20 30.45 -2.43
C SER B 106 0.13 30.17 -0.94
N SER B 107 1.06 30.70 -0.16
CA SER B 107 0.99 30.63 1.29
C SER B 107 0.55 31.94 1.93
N VAL B 108 0.18 32.93 1.14
CA VAL B 108 -0.18 34.24 1.63
C VAL B 108 -1.68 34.34 1.73
N SER B 109 -2.17 34.76 2.90
CA SER B 109 -3.61 34.95 3.08
C SER B 109 -4.00 36.41 2.92
N SER B 110 -3.18 37.33 3.43
CA SER B 110 -3.51 38.75 3.42
C SER B 110 -2.37 39.59 2.90
N PHE B 111 -2.70 40.48 1.95
CA PHE B 111 -1.84 41.53 1.44
C PHE B 111 -2.27 42.86 2.05
N GLU B 112 -1.30 43.74 2.27
CA GLU B 112 -1.58 45.15 2.48
C GLU B 112 -0.65 45.96 1.60
N ARG B 113 -1.23 46.78 0.74
CA ARG B 113 -0.47 47.51 -0.27
C ARG B 113 -0.24 48.94 0.20
N PHE B 114 1.02 49.34 0.30
CA PHE B 114 1.37 50.67 0.76
C PHE B 114 2.38 51.30 -0.19
N GLU B 115 2.46 52.62 -0.15
CA GLU B 115 3.36 53.38 -1.02
C GLU B 115 4.74 53.38 -0.39
N ILE B 116 5.63 52.53 -0.94
CA ILE B 116 6.98 52.44 -0.44
C ILE B 116 7.77 53.70 -0.75
N PHE B 117 7.53 54.30 -1.92
CA PHE B 117 8.20 55.52 -2.34
C PHE B 117 7.12 56.44 -2.91
N PRO B 118 6.69 57.45 -2.15
CA PRO B 118 5.69 58.39 -2.67
C PRO B 118 6.16 59.07 -3.93
N LYS B 119 5.25 59.20 -4.90
CA LYS B 119 5.61 59.73 -6.21
C LYS B 119 5.99 61.20 -6.12
N THR B 120 5.31 61.95 -5.28
CA THR B 120 5.44 63.40 -5.25
C THR B 120 6.62 63.89 -4.42
N SER B 121 7.35 62.99 -3.74
CA SER B 121 8.41 63.42 -2.85
C SER B 121 9.70 62.62 -2.99
N SER B 122 9.70 61.48 -3.67
CA SER B 122 10.88 60.63 -3.68
C SER B 122 11.81 60.91 -4.84
N TRP B 123 11.32 61.48 -5.93
CA TRP B 123 12.12 61.70 -7.14
C TRP B 123 12.01 63.17 -7.55
N PRO B 124 12.74 64.06 -6.87
CA PRO B 124 12.71 65.48 -7.27
C PRO B 124 13.61 65.81 -8.43
N ASN B 125 14.49 64.89 -8.84
CA ASN B 125 15.47 65.16 -9.87
C ASN B 125 15.25 64.39 -11.16
N HIS B 126 14.25 63.50 -11.20
CA HIS B 126 13.98 62.68 -12.37
C HIS B 126 12.53 62.85 -12.77
N ASP B 127 12.25 62.62 -14.04
CA ASP B 127 10.92 62.82 -14.60
C ASP B 127 10.12 61.54 -14.44
N SER B 128 9.09 61.59 -13.61
CA SER B 128 8.27 60.43 -13.29
C SER B 128 6.91 60.46 -13.96
N ASP B 129 6.74 61.27 -15.02
CA ASP B 129 5.49 61.34 -15.74
C ASP B 129 5.58 60.91 -17.20
N LYS B 130 6.77 60.87 -17.78
CA LYS B 130 6.93 60.49 -19.18
C LYS B 130 7.16 59.00 -19.37
N GLY B 131 7.20 58.23 -18.29
CA GLY B 131 7.43 56.80 -18.39
C GLY B 131 6.19 56.02 -18.73
N VAL B 132 5.63 56.28 -19.90
CA VAL B 132 4.45 55.57 -20.39
C VAL B 132 4.74 55.03 -21.78
N THR B 133 4.06 53.95 -22.13
CA THR B 133 4.31 53.26 -23.38
C THR B 133 3.00 52.80 -23.99
N ALA B 134 3.06 52.48 -25.28
CA ALA B 134 1.93 51.95 -26.02
C ALA B 134 1.85 50.42 -25.92
N ALA B 135 2.86 49.78 -25.34
CA ALA B 135 2.77 48.36 -25.07
C ALA B 135 1.87 48.07 -23.89
N CYS B 136 1.54 49.08 -23.09
CA CYS B 136 0.62 48.95 -21.96
C CYS B 136 -0.45 50.02 -22.10
N PRO B 137 -1.39 49.83 -23.02
CA PRO B 137 -2.37 50.88 -23.32
C PRO B 137 -3.51 50.89 -22.33
N HIS B 138 -4.02 52.08 -22.03
CA HIS B 138 -5.19 52.27 -21.18
C HIS B 138 -6.14 53.23 -21.88
N ALA B 139 -7.33 52.74 -22.21
CA ALA B 139 -8.33 53.52 -22.93
C ALA B 139 -7.78 54.06 -24.24
N GLY B 140 -6.94 53.26 -24.89
CA GLY B 140 -6.29 53.68 -26.12
C GLY B 140 -5.02 54.47 -25.88
N ALA B 141 -4.98 55.23 -24.78
CA ALA B 141 -3.84 56.07 -24.48
C ALA B 141 -2.67 55.25 -23.95
N LYS B 142 -1.47 55.80 -24.13
CA LYS B 142 -0.26 55.19 -23.60
C LYS B 142 -0.26 55.25 -22.08
N SER B 143 0.21 54.18 -21.45
CA SER B 143 0.27 54.14 -19.99
C SER B 143 1.33 53.14 -19.56
N PHE B 144 1.34 52.82 -18.27
CA PHE B 144 2.35 51.95 -17.68
C PHE B 144 1.69 51.22 -16.52
N TYR B 145 2.49 50.47 -15.77
CA TYR B 145 1.97 49.74 -14.62
C TYR B 145 1.55 50.72 -13.52
N LYS B 146 0.66 50.24 -12.64
CA LYS B 146 0.19 51.03 -11.52
C LYS B 146 1.02 50.86 -10.26
N ASN B 147 2.03 50.00 -10.30
CA ASN B 147 2.87 49.73 -9.13
C ASN B 147 4.33 50.05 -9.35
N LEU B 148 4.71 50.54 -10.52
CA LEU B 148 6.10 50.83 -10.85
C LEU B 148 6.16 52.17 -11.57
N ILE B 149 7.25 52.90 -11.37
CA ILE B 149 7.47 54.18 -12.05
C ILE B 149 8.69 54.05 -12.94
N TRP B 150 8.52 54.35 -14.22
CA TRP B 150 9.61 54.31 -15.19
C TRP B 150 10.22 55.70 -15.25
N LEU B 151 11.29 55.91 -14.48
CA LEU B 151 11.91 57.21 -14.41
C LEU B 151 12.67 57.54 -15.68
N VAL B 152 12.83 58.84 -15.92
CA VAL B 152 13.40 59.34 -17.17
C VAL B 152 14.14 60.64 -16.84
N LYS B 153 15.18 60.92 -17.62
CA LYS B 153 15.94 62.16 -17.51
C LYS B 153 15.01 63.37 -17.41
N LYS B 154 15.44 64.37 -16.64
CA LYS B 154 14.73 65.64 -16.54
C LYS B 154 15.54 66.71 -17.26
N GLY B 155 15.35 66.79 -18.57
CA GLY B 155 16.01 67.80 -19.36
C GLY B 155 17.51 67.61 -19.50
N ASN B 156 17.92 66.57 -20.22
CA ASN B 156 19.33 66.33 -20.52
C ASN B 156 20.16 66.11 -19.26
N SER B 157 19.54 65.56 -18.22
CA SER B 157 20.26 65.27 -16.99
C SER B 157 19.58 64.12 -16.27
N TYR B 158 20.36 63.09 -15.96
CA TYR B 158 19.91 61.96 -15.15
C TYR B 158 20.95 61.80 -14.04
N PRO B 159 20.83 62.58 -12.97
CA PRO B 159 21.77 62.43 -11.86
C PRO B 159 21.62 61.08 -11.19
N LYS B 160 22.65 60.73 -10.42
CA LYS B 160 22.67 59.48 -9.68
C LYS B 160 21.47 59.39 -8.74
N LEU B 161 20.86 58.22 -8.70
CA LEU B 161 19.66 57.96 -7.91
C LEU B 161 20.03 57.11 -6.71
N ASN B 162 19.62 57.55 -5.53
CA ASN B 162 19.96 56.91 -4.25
C ASN B 162 18.72 56.93 -3.38
N GLN B 163 18.18 55.75 -3.06
CA GLN B 163 17.03 55.64 -2.19
C GLN B 163 17.15 54.42 -1.29
N THR B 164 16.54 54.52 -0.11
CA THR B 164 16.55 53.43 0.84
C THR B 164 15.22 53.39 1.57
N TYR B 165 14.75 52.18 1.83
CA TYR B 165 13.51 51.95 2.58
C TYR B 165 13.81 51.00 3.72
N ILE B 166 13.54 51.44 4.94
CA ILE B 166 13.71 50.61 6.14
C ILE B 166 12.34 50.07 6.53
N ASN B 167 12.28 48.76 6.76
CA ASN B 167 11.01 48.09 7.00
C ASN B 167 10.57 48.33 8.44
N ASP B 168 9.64 49.26 8.64
CA ASP B 168 9.08 49.56 9.95
C ASP B 168 7.85 48.71 10.26
N LYS B 169 7.32 48.00 9.28
CA LYS B 169 6.25 47.04 9.51
C LYS B 169 6.81 45.85 10.28
N GLY B 170 5.92 45.12 10.93
CA GLY B 170 6.36 43.92 11.62
C GLY B 170 6.36 42.68 10.76
N LYS B 171 6.05 42.80 9.49
CA LYS B 171 5.88 41.67 8.60
C LYS B 171 6.80 41.80 7.38
N GLU B 172 6.88 40.73 6.60
CA GLU B 172 7.66 40.71 5.38
C GLU B 172 7.05 41.64 4.33
N VAL B 173 7.90 42.29 3.57
CA VAL B 173 7.46 43.24 2.55
C VAL B 173 8.01 42.79 1.20
N LEU B 174 7.10 42.48 0.28
CA LEU B 174 7.43 42.17 -1.10
C LEU B 174 7.62 43.48 -1.86
N VAL B 175 8.80 43.63 -2.46
CA VAL B 175 9.19 44.82 -3.21
C VAL B 175 9.56 44.38 -4.61
N LEU B 176 9.00 45.05 -5.62
CA LEU B 176 9.23 44.71 -7.02
C LEU B 176 9.79 45.90 -7.77
N TRP B 177 10.69 45.63 -8.71
CA TRP B 177 11.25 46.66 -9.58
C TRP B 177 11.52 46.07 -10.95
N GLY B 178 12.07 46.91 -11.83
CA GLY B 178 12.34 46.51 -13.19
C GLY B 178 13.61 47.14 -13.72
N ILE B 179 14.16 46.50 -14.74
CA ILE B 179 15.35 46.97 -15.44
C ILE B 179 15.03 47.01 -16.93
N HIS B 180 15.36 48.13 -17.57
CA HIS B 180 15.04 48.38 -18.97
C HIS B 180 16.26 48.20 -19.85
N HIS B 181 16.08 47.47 -20.95
CA HIS B 181 17.12 47.25 -21.95
C HIS B 181 16.68 47.89 -23.26
N PRO B 182 17.18 49.07 -23.58
CA PRO B 182 16.78 49.75 -24.81
C PRO B 182 17.33 49.03 -26.03
N PRO B 183 16.70 49.19 -27.19
CA PRO B 183 17.19 48.51 -28.40
C PRO B 183 18.46 49.12 -28.96
N THR B 184 18.65 50.44 -28.84
CA THR B 184 19.78 51.11 -29.46
C THR B 184 20.38 52.10 -28.47
N ILE B 185 21.63 52.47 -28.72
CA ILE B 185 22.36 53.42 -27.89
C ILE B 185 21.68 54.78 -27.96
N ALA B 186 21.18 55.14 -29.14
CA ALA B 186 20.43 56.38 -29.29
C ALA B 186 19.21 56.40 -28.38
N ALA B 187 18.55 55.26 -28.20
CA ALA B 187 17.42 55.18 -27.29
C ALA B 187 17.86 55.21 -25.84
N GLN B 188 19.07 54.73 -25.55
CA GLN B 188 19.63 54.86 -24.22
C GLN B 188 19.87 56.32 -23.86
N GLU B 189 20.34 57.10 -24.84
CA GLU B 189 20.60 58.50 -24.59
C GLU B 189 19.31 59.32 -24.52
N SER B 190 18.31 58.95 -25.30
CA SER B 190 17.05 59.67 -25.34
C SER B 190 16.20 59.45 -24.09
N LEU B 191 16.58 58.52 -23.22
CA LEU B 191 15.82 58.25 -22.01
C LEU B 191 16.64 58.55 -20.76
N TYR B 192 17.94 58.28 -20.78
CA TYR B 192 18.78 58.36 -19.59
C TYR B 192 20.03 59.22 -19.75
N GLN B 193 20.50 59.46 -20.98
CA GLN B 193 21.66 60.31 -21.24
C GLN B 193 22.90 59.79 -20.52
N ASN B 194 23.09 58.48 -20.52
CA ASN B 194 24.26 58.02 -19.78
C ASN B 194 25.09 56.98 -20.53
N ALA B 195 24.50 56.21 -21.44
CA ALA B 195 25.21 55.19 -22.21
C ALA B 195 25.77 54.08 -21.32
N ASP B 196 26.72 54.41 -20.44
CA ASP B 196 27.28 53.41 -19.52
C ASP B 196 26.62 53.51 -18.15
N ALA B 197 25.32 53.25 -18.12
CA ALA B 197 24.54 53.26 -16.90
C ALA B 197 24.63 51.93 -16.17
N TYR B 198 24.20 51.94 -14.91
CA TYR B 198 24.19 50.74 -14.08
C TYR B 198 23.11 50.89 -13.01
N VAL B 199 22.74 49.76 -12.42
CA VAL B 199 21.81 49.71 -11.30
C VAL B 199 22.43 48.82 -10.23
N PHE B 200 22.21 49.17 -8.97
CA PHE B 200 22.58 48.29 -7.85
C PHE B 200 21.40 48.22 -6.89
N VAL B 201 20.96 47.01 -6.58
CA VAL B 201 19.90 46.78 -5.62
C VAL B 201 20.44 45.93 -4.50
N GLY B 202 20.23 46.38 -3.26
CA GLY B 202 20.80 45.67 -2.13
C GLY B 202 19.97 45.60 -0.86
N THR B 203 19.84 44.41 -0.30
CA THR B 203 19.33 44.20 1.04
C THR B 203 20.42 43.51 1.86
N SER B 204 20.07 43.10 3.07
CA SER B 204 21.04 42.41 3.91
C SER B 204 21.33 40.99 3.42
N ARG B 205 20.54 40.48 2.48
CA ARG B 205 20.73 39.13 1.99
C ARG B 205 20.85 39.12 0.46
N TYR B 206 20.31 40.15 -0.19
CA TYR B 206 20.28 40.23 -1.64
C TYR B 206 21.12 41.41 -2.09
N SER B 207 22.09 41.16 -2.97
CA SER B 207 22.87 42.20 -3.59
C SER B 207 23.11 41.87 -5.06
N LYS B 208 22.82 42.83 -5.94
CA LYS B 208 23.00 42.54 -7.35
C LYS B 208 23.21 43.84 -8.12
N LYS B 209 24.14 43.78 -9.07
CA LYS B 209 24.42 44.87 -10.00
C LYS B 209 23.89 44.50 -11.38
N PHE B 210 23.15 45.42 -11.99
CA PHE B 210 22.52 45.23 -13.27
C PHE B 210 23.16 46.18 -14.28
N LYS B 211 23.48 45.65 -15.45
CA LYS B 211 23.95 46.42 -16.58
C LYS B 211 23.03 46.24 -17.77
N PRO B 212 22.71 47.31 -18.48
CA PRO B 212 21.82 47.20 -19.64
C PRO B 212 22.43 46.34 -20.74
N GLU B 213 21.57 45.63 -21.44
CA GLU B 213 21.95 44.84 -22.61
C GLU B 213 21.30 45.50 -23.82
N ILE B 214 22.01 46.47 -24.40
CA ILE B 214 21.46 47.30 -25.47
C ILE B 214 21.63 46.55 -26.80
N ALA B 215 20.53 46.00 -27.30
CA ALA B 215 20.52 45.29 -28.57
C ALA B 215 19.09 45.25 -29.09
N THR B 216 18.96 44.96 -30.38
CA THR B 216 17.66 44.96 -31.05
C THR B 216 17.06 43.57 -30.97
N ARG B 217 15.90 43.45 -30.33
CA ARG B 217 15.21 42.19 -30.19
C ARG B 217 14.08 42.09 -31.21
N PRO B 218 13.62 40.88 -31.50
CA PRO B 218 12.41 40.73 -32.31
C PRO B 218 11.23 41.47 -31.67
N LYS B 219 10.42 42.08 -32.52
CA LYS B 219 9.30 42.89 -32.06
C LYS B 219 8.22 42.00 -31.47
N VAL B 220 7.97 42.13 -30.17
CA VAL B 220 6.77 41.59 -29.56
C VAL B 220 6.05 42.74 -28.88
N ARG B 221 4.74 42.85 -29.13
CA ARG B 221 3.94 44.00 -28.73
C ARG B 221 4.52 45.31 -29.25
N ASP B 222 5.07 45.27 -30.46
CA ASP B 222 5.59 46.46 -31.15
C ASP B 222 6.72 47.13 -30.37
N GLN B 223 7.50 46.32 -29.65
CA GLN B 223 8.62 46.85 -28.87
C GLN B 223 9.87 46.07 -29.21
N GLU B 224 11.02 46.76 -29.18
CA GLU B 224 12.30 46.17 -29.54
C GLU B 224 13.22 46.00 -28.34
N GLY B 225 13.02 46.78 -27.28
CA GLY B 225 13.73 46.62 -26.02
C GLY B 225 12.94 45.72 -25.08
N ARG B 226 13.50 45.51 -23.90
CA ARG B 226 12.91 44.57 -22.95
C ARG B 226 12.89 45.15 -21.55
N MET B 227 12.09 44.51 -20.69
CA MET B 227 11.95 44.92 -19.29
C MET B 227 12.03 43.66 -18.43
N ASN B 228 13.15 43.48 -17.75
CA ASN B 228 13.27 42.38 -16.79
C ASN B 228 12.70 42.81 -15.44
N TYR B 229 11.77 42.03 -14.91
CA TYR B 229 11.09 42.34 -13.66
C TYR B 229 11.66 41.48 -12.54
N TYR B 230 12.06 42.13 -11.45
CA TYR B 230 12.67 41.47 -10.32
C TYR B 230 11.84 41.76 -9.07
N TRP B 231 11.95 40.87 -8.09
CA TRP B 231 11.24 41.00 -6.84
C TRP B 231 12.12 40.51 -5.70
N THR B 232 11.79 40.93 -4.49
CA THR B 232 12.49 40.48 -3.30
C THR B 232 11.57 40.61 -2.10
N LEU B 233 11.92 39.90 -1.04
CA LEU B 233 11.23 40.00 0.24
C LEU B 233 12.17 40.62 1.26
N VAL B 234 11.75 41.75 1.83
CA VAL B 234 12.50 42.46 2.84
C VAL B 234 11.94 42.07 4.20
N GLU B 235 12.80 41.59 5.06
CA GLU B 235 12.50 41.09 6.40
C GLU B 235 12.27 42.26 7.35
N PRO B 236 11.58 42.01 8.47
CA PRO B 236 11.38 43.09 9.45
C PRO B 236 12.70 43.63 9.98
N GLY B 237 12.81 44.94 10.01
CA GLY B 237 14.01 45.62 10.45
C GLY B 237 15.08 45.77 9.38
N ASP B 238 14.88 45.17 8.21
CA ASP B 238 15.83 45.23 7.13
C ASP B 238 15.56 46.45 6.25
N LYS B 239 16.51 46.75 5.36
CA LYS B 239 16.38 47.89 4.47
C LYS B 239 16.73 47.47 3.06
N ILE B 240 16.09 48.10 2.09
CA ILE B 240 16.37 47.89 0.68
C ILE B 240 16.89 49.19 0.10
N THR B 241 17.98 49.09 -0.65
CA THR B 241 18.63 50.26 -1.22
C THR B 241 18.68 50.14 -2.74
N PHE B 242 18.30 51.22 -3.41
CA PHE B 242 18.31 51.34 -4.85
C PHE B 242 19.30 52.43 -5.25
N GLU B 243 20.21 52.10 -6.15
CA GLU B 243 21.15 53.07 -6.71
C GLU B 243 21.14 52.92 -8.22
N ALA B 244 21.11 54.04 -8.94
CA ALA B 244 20.94 53.89 -10.38
C ALA B 244 21.44 55.12 -11.10
N THR B 245 22.31 54.90 -12.09
CA THR B 245 22.66 55.90 -13.09
C THR B 245 21.67 55.89 -14.25
N GLY B 246 20.82 54.88 -14.33
CA GLY B 246 19.78 54.80 -15.34
C GLY B 246 19.21 53.41 -15.42
N ASN B 247 18.19 53.27 -16.27
CA ASN B 247 17.57 51.99 -16.63
C ASN B 247 16.86 51.31 -15.46
N LEU B 248 16.37 52.06 -14.48
CA LEU B 248 15.70 51.49 -13.33
C LEU B 248 14.23 51.86 -13.36
N VAL B 249 13.36 50.87 -13.21
CA VAL B 249 11.93 51.08 -13.03
C VAL B 249 11.68 50.92 -11.53
N VAL B 250 11.50 52.05 -10.85
CA VAL B 250 11.53 52.05 -9.39
C VAL B 250 10.20 51.52 -8.86
N PRO B 251 10.17 50.95 -7.66
CA PRO B 251 8.89 50.58 -7.04
C PRO B 251 8.10 51.81 -6.65
N ARG B 252 6.78 51.65 -6.63
CA ARG B 252 5.87 52.65 -6.08
C ARG B 252 5.00 52.08 -4.97
N TYR B 253 4.53 50.84 -5.11
CA TYR B 253 3.65 50.21 -4.14
C TYR B 253 4.23 48.85 -3.78
N ALA B 254 4.49 48.64 -2.49
CA ALA B 254 4.97 47.36 -1.98
C ALA B 254 3.88 46.69 -1.17
N PHE B 255 4.06 45.39 -0.94
CA PHE B 255 3.02 44.58 -0.32
C PHE B 255 3.54 43.94 0.95
N THR B 256 3.01 44.34 2.09
CA THR B 256 3.31 43.63 3.33
C THR B 256 2.38 42.43 3.46
N MET B 257 3.00 41.27 3.60
CA MET B 257 2.24 40.02 3.49
C MET B 257 2.23 39.19 4.76
N GLU B 258 1.06 38.62 5.06
CA GLU B 258 0.88 37.75 6.23
C GLU B 258 0.63 36.33 5.74
N ARG B 259 1.42 35.38 6.24
CA ARG B 259 1.38 34.00 5.77
C ARG B 259 0.46 33.17 6.67
N ASP B 260 -0.42 32.40 6.04
CA ASP B 260 -1.25 31.41 6.73
C ASP B 260 -1.48 30.27 5.74
N ALA B 261 -0.97 29.09 6.08
CA ALA B 261 -1.07 27.94 5.19
C ALA B 261 -2.53 27.52 5.02
N GLY B 262 -2.83 26.93 3.87
CA GLY B 262 -4.18 26.52 3.52
C GLY B 262 -4.75 27.20 2.29
N SER B 263 -3.99 28.06 1.63
CA SER B 263 -4.43 28.74 0.42
C SER B 263 -3.85 28.05 -0.81
N GLY B 264 -4.08 28.66 -1.96
CA GLY B 264 -3.52 28.12 -3.18
C GLY B 264 -3.97 28.93 -4.39
N ILE B 265 -3.48 28.51 -5.54
CA ILE B 265 -3.85 29.09 -6.82
C ILE B 265 -4.38 27.98 -7.70
N ILE B 266 -5.63 28.09 -8.11
CA ILE B 266 -6.25 27.10 -8.98
C ILE B 266 -6.64 27.76 -10.30
N ILE B 267 -6.55 26.98 -11.37
CA ILE B 267 -6.88 27.43 -12.71
C ILE B 267 -8.22 26.80 -13.07
N SER B 268 -9.25 27.62 -13.19
CA SER B 268 -10.58 27.12 -13.51
C SER B 268 -11.38 28.19 -14.21
N ASP B 269 -12.34 27.74 -15.02
CA ASP B 269 -13.30 28.62 -15.68
C ASP B 269 -14.65 28.61 -14.98
N THR B 270 -14.74 27.99 -13.82
CA THR B 270 -15.97 27.85 -13.08
C THR B 270 -16.42 29.20 -12.54
N PRO B 271 -17.71 29.54 -12.68
CA PRO B 271 -18.19 30.82 -12.15
C PRO B 271 -18.17 30.85 -10.63
N VAL B 272 -18.12 32.06 -10.10
CA VAL B 272 -18.02 32.30 -8.66
C VAL B 272 -19.39 32.71 -8.15
N HIS B 273 -19.83 32.07 -7.07
CA HIS B 273 -21.10 32.39 -6.44
C HIS B 273 -20.90 32.48 -4.94
N ASP B 274 -21.97 32.85 -4.24
CA ASP B 274 -21.97 32.93 -2.79
C ASP B 274 -22.22 31.55 -2.20
N CYS B 275 -21.36 31.13 -1.28
CA CYS B 275 -21.41 29.79 -0.72
C CYS B 275 -20.78 29.81 0.66
N ASN B 276 -20.77 28.65 1.28
CA ASN B 276 -19.94 28.40 2.46
C ASN B 276 -19.56 26.93 2.45
N THR B 277 -18.39 26.62 1.89
CA THR B 277 -17.97 25.24 1.75
C THR B 277 -16.65 25.03 2.48
N THR B 278 -16.31 23.76 2.68
CA THR B 278 -15.05 23.37 3.31
C THR B 278 -14.12 22.68 2.33
N CYS B 279 -14.56 22.46 1.10
CA CYS B 279 -13.75 21.77 0.10
C CYS B 279 -14.05 22.37 -1.26
N GLN B 280 -13.01 22.82 -1.95
CA GLN B 280 -13.15 23.45 -3.25
C GLN B 280 -12.23 22.80 -4.27
N THR B 281 -12.79 22.46 -5.41
CA THR B 281 -12.07 21.94 -6.56
C THR B 281 -12.28 22.88 -7.72
N PRO B 282 -11.40 22.85 -8.73
CA PRO B 282 -11.62 23.68 -9.92
C PRO B 282 -12.91 23.39 -10.63
N GLU B 283 -13.47 22.19 -10.47
CA GLU B 283 -14.74 21.84 -11.07
C GLU B 283 -15.94 22.17 -10.20
N GLY B 284 -15.72 22.56 -8.95
CA GLY B 284 -16.82 22.86 -8.05
C GLY B 284 -16.60 22.38 -6.63
N ALA B 285 -17.45 22.82 -5.72
CA ALA B 285 -17.31 22.46 -4.31
C ALA B 285 -17.90 21.10 -4.03
N ILE B 286 -17.42 20.47 -2.97
CA ILE B 286 -17.87 19.16 -2.53
C ILE B 286 -18.40 19.28 -1.11
N ASN B 287 -19.64 18.84 -0.90
CA ASN B 287 -20.27 18.86 0.42
C ASN B 287 -20.54 17.41 0.82
N THR B 288 -19.55 16.77 1.44
CA THR B 288 -19.67 15.37 1.79
C THR B 288 -18.69 15.05 2.90
N SER B 289 -18.97 13.94 3.60
CA SER B 289 -18.08 13.38 4.60
C SER B 289 -17.55 12.01 4.19
N LEU B 290 -17.68 11.66 2.92
CA LEU B 290 -17.20 10.37 2.45
C LEU B 290 -15.67 10.38 2.38
N PRO B 291 -15.04 9.25 2.66
CA PRO B 291 -13.57 9.21 2.64
C PRO B 291 -12.95 9.47 1.28
N PHE B 292 -13.59 9.07 0.19
CA PHE B 292 -12.99 9.14 -1.13
C PHE B 292 -13.81 10.02 -2.06
N GLN B 293 -13.17 10.39 -3.18
CA GLN B 293 -13.81 11.17 -4.24
C GLN B 293 -13.13 10.83 -5.55
N ASN B 294 -13.83 11.10 -6.65
CA ASN B 294 -13.27 10.96 -7.99
C ASN B 294 -13.63 12.18 -8.82
N VAL B 295 -13.68 13.35 -8.18
CA VAL B 295 -14.08 14.58 -8.86
C VAL B 295 -12.87 15.22 -9.51
N HIS B 296 -11.86 15.56 -8.70
CA HIS B 296 -10.68 16.25 -9.23
C HIS B 296 -9.50 16.12 -8.28
N PRO B 297 -8.28 15.98 -8.80
CA PRO B 297 -7.12 15.85 -7.91
C PRO B 297 -6.82 17.10 -7.08
N ILE B 298 -6.93 18.27 -7.68
CA ILE B 298 -6.59 19.52 -7.01
C ILE B 298 -7.71 19.94 -6.09
N THR B 299 -7.40 20.10 -4.80
CA THR B 299 -8.40 20.44 -3.80
C THR B 299 -7.84 21.50 -2.87
N ILE B 300 -8.75 22.29 -2.29
CA ILE B 300 -8.42 23.25 -1.24
C ILE B 300 -9.41 23.03 -0.09
N GLY B 301 -8.88 22.90 1.12
CA GLY B 301 -9.67 22.67 2.31
C GLY B 301 -9.59 21.23 2.77
N LYS B 302 -10.49 20.88 3.68
CA LYS B 302 -10.62 19.49 4.13
C LYS B 302 -11.39 18.71 3.08
N CYS B 303 -10.68 17.86 2.32
CA CYS B 303 -11.25 17.22 1.17
C CYS B 303 -10.99 15.72 1.22
N PRO B 304 -11.86 14.91 0.62
CA PRO B 304 -11.61 13.46 0.58
C PRO B 304 -10.48 13.11 -0.36
N LYS B 305 -9.96 11.91 -0.18
CA LYS B 305 -8.84 11.44 -1.01
C LYS B 305 -9.33 11.15 -2.43
N TYR B 306 -8.57 11.58 -3.40
CA TYR B 306 -8.93 11.39 -4.79
C TYR B 306 -8.45 10.03 -5.27
N VAL B 307 -9.35 9.28 -5.91
CA VAL B 307 -9.01 7.99 -6.49
C VAL B 307 -9.62 7.90 -7.87
N LYS B 308 -9.06 7.02 -8.70
CA LYS B 308 -9.51 6.83 -10.07
C LYS B 308 -10.64 5.84 -10.18
N SER B 309 -11.09 5.27 -9.07
CA SER B 309 -12.17 4.30 -9.10
C SER B 309 -13.48 4.98 -9.43
N THR B 310 -14.44 4.17 -9.87
CA THR B 310 -15.79 4.64 -10.17
C THR B 310 -16.86 4.04 -9.28
N LYS B 311 -16.52 3.05 -8.46
CA LYS B 311 -17.52 2.38 -7.63
C LYS B 311 -16.79 1.83 -6.40
N LEU B 312 -17.15 2.35 -5.23
CA LEU B 312 -16.61 1.90 -3.95
C LEU B 312 -17.77 1.74 -2.99
N ARG B 313 -18.33 0.55 -2.93
CA ARG B 313 -19.46 0.25 -2.06
C ARG B 313 -19.06 -0.82 -1.05
N LEU B 314 -19.28 -0.53 0.23
CA LEU B 314 -18.93 -1.43 1.31
C LEU B 314 -20.19 -2.13 1.82
N ALA B 315 -20.17 -3.46 1.81
CA ALA B 315 -21.34 -4.22 2.19
C ALA B 315 -21.50 -4.24 3.71
N THR B 316 -22.75 -4.12 4.16
CA THR B 316 -23.10 -4.24 5.57
C THR B 316 -24.01 -5.43 5.83
N GLY B 317 -25.09 -5.54 5.05
CA GLY B 317 -26.07 -6.58 5.25
C GLY B 317 -25.73 -7.86 4.50
N LEU B 318 -26.64 -8.82 4.59
CA LEU B 318 -26.45 -10.13 4.01
C LEU B 318 -26.60 -10.08 2.49
N ARG B 319 -26.22 -11.20 1.86
CA ARG B 319 -26.58 -11.40 0.47
C ARG B 319 -28.09 -11.56 0.34
N ASN B 320 -28.66 -10.82 -0.60
CA ASN B 320 -30.11 -10.74 -0.76
C ASN B 320 -30.57 -11.91 -1.62
N VAL B 321 -31.24 -12.87 -1.00
CA VAL B 321 -31.76 -14.04 -1.69
C VAL B 321 -33.26 -14.13 -1.44
N PRO B 322 -34.09 -13.35 -2.13
CA PRO B 322 -35.54 -13.41 -1.92
C PRO B 322 -36.18 -14.56 -2.69
N ASP C 1 -18.81 -40.34 34.25
CA ASP C 1 -17.46 -40.25 33.62
C ASP C 1 -17.55 -39.25 32.48
N THR C 2 -16.95 -38.07 32.64
CA THR C 2 -17.09 -36.99 31.64
C THR C 2 -15.77 -36.55 31.08
N LEU C 3 -15.71 -36.24 29.78
CA LEU C 3 -14.51 -35.66 29.13
C LEU C 3 -14.94 -34.33 28.51
N CYS C 4 -14.34 -33.23 28.94
CA CYS C 4 -14.66 -31.89 28.41
C CYS C 4 -13.51 -31.41 27.51
N ILE C 5 -13.82 -30.57 26.53
CA ILE C 5 -12.80 -30.00 25.60
C ILE C 5 -12.77 -28.49 25.87
N GLY C 6 -11.58 -27.90 25.97
CA GLY C 6 -11.49 -26.48 26.34
C GLY C 6 -10.22 -25.83 25.87
N TYR C 7 -9.99 -24.58 26.26
CA TYR C 7 -8.86 -23.80 25.78
C TYR C 7 -8.22 -23.07 26.94
N HIS C 8 -7.09 -22.45 26.66
CA HIS C 8 -6.18 -21.86 27.63
C HIS C 8 -6.67 -20.50 28.10
N ALA C 9 -6.34 -20.16 29.35
CA ALA C 9 -6.59 -18.80 29.89
C ALA C 9 -5.43 -18.44 30.84
N ASN C 10 -5.20 -17.16 31.13
CA ASN C 10 -4.05 -16.72 31.96
C ASN C 10 -4.31 -15.35 32.59
N ASN C 11 -3.34 -14.77 33.28
CA ASN C 11 -3.51 -13.47 33.99
C ASN C 11 -3.08 -12.35 33.08
N SER C 12 -3.16 -12.56 31.77
CA SER C 12 -2.68 -11.55 30.80
C SER C 12 -3.70 -10.45 30.62
N THR C 13 -3.22 -9.21 30.60
CA THR C 13 -4.13 -8.11 30.30
C THR C 13 -3.67 -7.39 29.04
N ASP C 14 -3.28 -8.16 28.04
CA ASP C 14 -2.75 -7.62 26.78
C ASP C 14 -3.86 -7.50 25.75
N THR C 15 -4.15 -6.28 25.34
CA THR C 15 -5.24 -6.00 24.42
C THR C 15 -4.70 -5.73 23.03
N VAL C 16 -5.43 -6.24 22.04
CA VAL C 16 -5.13 -6.01 20.63
C VAL C 16 -6.39 -5.46 19.98
N ASP C 17 -6.20 -4.82 18.83
CA ASP C 17 -7.28 -4.19 18.09
C ASP C 17 -7.63 -5.03 16.87
N THR C 18 -8.92 -5.15 16.61
CA THR C 18 -9.45 -5.91 15.50
C THR C 18 -10.41 -5.03 14.73
N VAL C 19 -10.58 -5.31 13.44
CA VAL C 19 -11.46 -4.49 12.61
C VAL C 19 -12.91 -4.64 13.06
N LEU C 20 -13.25 -5.75 13.70
CA LEU C 20 -14.63 -5.96 14.12
C LEU C 20 -14.88 -5.40 15.52
N GLU C 21 -13.89 -5.50 16.41
CA GLU C 21 -14.02 -4.97 17.75
C GLU C 21 -12.66 -4.56 18.30
N LYS C 22 -12.67 -3.67 19.28
CA LYS C 22 -11.48 -3.07 19.84
C LYS C 22 -11.26 -3.51 21.28
N ASN C 23 -10.02 -3.40 21.72
CA ASN C 23 -9.60 -3.74 23.08
C ASN C 23 -9.96 -5.18 23.42
N VAL C 24 -9.35 -6.11 22.69
CA VAL C 24 -9.61 -7.53 22.85
C VAL C 24 -8.45 -8.13 23.63
N THR C 25 -8.75 -8.69 24.80
CA THR C 25 -7.72 -9.28 25.64
C THR C 25 -7.34 -10.66 25.13
N VAL C 26 -6.02 -10.91 25.04
CA VAL C 26 -5.50 -12.14 24.48
C VAL C 26 -4.46 -12.72 25.43
N THR C 27 -4.24 -14.02 25.31
CA THR C 27 -3.29 -14.70 26.19
C THR C 27 -1.85 -14.31 25.88
N HIS C 28 -1.53 -14.12 24.61
CA HIS C 28 -0.19 -13.75 24.20
C HIS C 28 -0.25 -12.74 23.07
N SER C 29 0.78 -11.90 22.98
CA SER C 29 0.88 -10.90 21.93
C SER C 29 2.33 -10.50 21.78
N VAL C 30 2.63 -9.87 20.64
CA VAL C 30 3.95 -9.33 20.36
C VAL C 30 3.82 -7.85 20.04
N ASN C 31 4.79 -7.07 20.48
CA ASN C 31 4.80 -5.64 20.21
C ASN C 31 5.67 -5.36 19.00
N LEU C 32 5.13 -4.62 18.03
CA LEU C 32 5.83 -4.32 16.79
C LEU C 32 6.28 -2.87 16.70
N LEU C 33 6.06 -2.07 17.75
CA LEU C 33 6.33 -0.65 17.71
C LEU C 33 7.27 -0.27 18.84
N GLU C 34 8.31 0.49 18.51
CA GLU C 34 9.28 0.94 19.48
C GLU C 34 9.12 2.44 19.71
N ASP C 35 9.05 2.83 20.98
CA ASP C 35 8.84 4.23 21.32
C ASP C 35 9.76 4.70 22.45
N LYS C 36 10.95 4.12 22.57
CA LYS C 36 11.90 4.49 23.60
C LYS C 36 13.23 4.84 22.97
N HIS C 37 13.91 5.81 23.59
CA HIS C 37 15.25 6.21 23.20
C HIS C 37 16.00 6.67 24.43
N ASN C 38 17.33 6.66 24.34
CA ASN C 38 18.14 6.99 25.51
C ASN C 38 18.41 8.48 25.65
N GLY C 39 17.95 9.31 24.72
CA GLY C 39 18.15 10.73 24.85
C GLY C 39 19.59 11.20 24.72
N LYS C 40 20.43 10.44 24.02
CA LYS C 40 21.83 10.77 23.87
C LYS C 40 22.26 10.57 22.42
N LEU C 41 23.17 11.43 21.97
CA LEU C 41 23.85 11.20 20.70
C LEU C 41 25.04 10.28 20.95
N CYS C 42 25.10 9.19 20.18
CA CYS C 42 25.98 8.09 20.50
C CYS C 42 26.81 7.72 19.27
N LYS C 43 27.89 6.98 19.53
CA LYS C 43 28.75 6.52 18.46
C LYS C 43 28.04 5.48 17.59
N LEU C 44 28.33 5.52 16.29
CA LEU C 44 27.93 4.46 15.38
C LEU C 44 29.14 3.61 15.04
N ARG C 45 29.03 2.31 15.32
CA ARG C 45 30.10 1.36 15.04
C ARG C 45 31.40 1.77 15.73
N GLY C 46 31.28 2.43 16.87
CA GLY C 46 32.46 2.89 17.59
C GLY C 46 33.07 4.17 17.08
N VAL C 47 32.44 4.83 16.12
CA VAL C 47 32.95 6.07 15.55
C VAL C 47 32.14 7.24 16.08
N ALA C 48 32.82 8.18 16.71
CA ALA C 48 32.14 9.33 17.28
C ALA C 48 31.72 10.31 16.20
N PRO C 49 30.61 11.01 16.40
CA PRO C 49 30.18 12.02 15.42
C PRO C 49 31.00 13.31 15.51
N LEU C 50 30.82 14.15 14.50
CA LEU C 50 31.47 15.45 14.42
C LEU C 50 30.49 16.51 14.91
N HIS C 51 30.75 17.08 16.07
CA HIS C 51 29.84 18.03 16.68
C HIS C 51 30.27 19.45 16.34
N LEU C 52 29.53 20.10 15.46
CA LEU C 52 29.77 21.51 15.10
C LEU C 52 28.99 22.34 16.10
N GLY C 53 29.55 22.47 17.31
CA GLY C 53 28.77 22.95 18.44
C GLY C 53 28.18 24.33 18.27
N LYS C 54 28.99 25.33 17.98
CA LYS C 54 28.42 26.68 17.74
C LYS C 54 28.66 27.10 16.29
N CYS C 55 29.35 26.24 15.53
CA CYS C 55 29.70 26.55 14.13
C CYS C 55 28.73 25.82 13.19
N ASN C 56 28.50 26.35 12.00
CA ASN C 56 27.66 25.66 10.98
C ASN C 56 28.63 25.00 10.00
N ILE C 57 28.12 24.32 8.98
CA ILE C 57 29.00 23.72 7.97
C ILE C 57 29.82 24.79 7.27
N ALA C 58 29.21 25.94 7.01
CA ALA C 58 29.94 27.04 6.39
C ALA C 58 31.10 27.50 7.27
N GLY C 59 30.83 27.73 8.55
CA GLY C 59 31.87 28.20 9.45
C GLY C 59 32.97 27.19 9.64
N TRP C 60 32.62 25.91 9.72
CA TRP C 60 33.63 24.88 9.91
C TRP C 60 34.47 24.70 8.66
N ILE C 61 33.85 24.74 7.48
CA ILE C 61 34.59 24.49 6.25
C ILE C 61 35.41 25.71 5.83
N LEU C 62 35.02 26.91 6.27
CA LEU C 62 35.79 28.10 5.97
C LEU C 62 36.89 28.38 7.00
N GLY C 63 36.83 27.76 8.17
CA GLY C 63 37.79 28.00 9.22
C GLY C 63 37.47 29.24 10.03
N ASN C 64 36.29 29.26 10.62
CA ASN C 64 35.84 30.41 11.40
C ASN C 64 36.75 30.58 12.62
N PRO C 65 37.01 31.82 13.04
CA PRO C 65 37.84 32.04 14.22
C PRO C 65 37.29 31.40 15.48
N GLU C 66 35.98 31.19 15.52
CA GLU C 66 35.34 30.58 16.70
C GLU C 66 35.01 29.13 16.40
N CYS C 67 35.97 28.36 15.90
CA CYS C 67 35.73 26.96 15.52
C CYS C 67 37.04 26.15 15.58
N GLU C 68 38.11 26.72 16.10
CA GLU C 68 39.43 26.03 16.12
C GLU C 68 39.26 24.59 16.60
N SER C 69 38.38 24.35 17.57
CA SER C 69 38.21 23.02 18.15
C SER C 69 37.91 21.97 17.10
N LEU C 70 37.42 22.39 15.92
CA LEU C 70 37.09 21.48 14.84
C LEU C 70 38.15 21.48 13.75
N SER C 71 39.32 22.06 14.04
CA SER C 71 40.43 22.01 13.09
C SER C 71 41.09 20.64 13.04
N THR C 72 40.97 19.85 14.11
CA THR C 72 41.58 18.53 14.21
C THR C 72 40.46 17.50 14.18
N ALA C 73 40.09 17.09 12.96
CA ALA C 73 38.95 16.19 12.78
C ALA C 73 39.20 15.38 11.52
N ARG C 74 39.18 14.06 11.63
CA ARG C 74 39.52 13.22 10.49
C ARG C 74 38.49 12.16 10.13
N SER C 75 37.72 11.67 11.07
CA SER C 75 36.74 10.62 10.76
C SER C 75 35.52 10.78 11.66
N TRP C 76 34.33 10.58 11.12
CA TRP C 76 33.11 10.75 11.87
C TRP C 76 32.03 9.85 11.29
N SER C 77 31.11 9.42 12.15
CA SER C 77 29.96 8.64 11.69
C SER C 77 28.90 9.56 11.09
N TYR C 78 28.71 10.75 11.66
CA TYR C 78 27.76 11.72 11.15
C TYR C 78 28.08 13.08 11.74
N ILE C 79 27.45 14.10 11.19
CA ILE C 79 27.67 15.49 11.61
C ILE C 79 26.47 15.95 12.42
N VAL C 80 26.73 16.62 13.53
CA VAL C 80 25.69 17.15 14.39
C VAL C 80 25.79 18.68 14.40
N GLU C 81 24.73 19.33 13.97
CA GLU C 81 24.56 20.76 14.11
C GLU C 81 23.59 21.03 15.25
N THR C 82 23.61 22.26 15.75
CA THR C 82 22.75 22.66 16.84
C THR C 82 21.77 23.71 16.36
N SER C 83 20.63 23.80 17.05
CA SER C 83 19.61 24.77 16.68
C SER C 83 20.08 26.21 16.85
N ASN C 84 21.12 26.43 17.67
CA ASN C 84 21.69 27.76 17.87
C ASN C 84 23.10 27.87 17.34
N SER C 85 23.37 27.28 16.18
CA SER C 85 24.68 27.37 15.53
C SER C 85 24.68 28.59 14.61
N ASP C 86 25.21 29.70 15.12
CA ASP C 86 25.18 30.96 14.39
C ASP C 86 26.52 31.35 13.79
N ASN C 87 27.62 30.78 14.26
CA ASN C 87 28.93 31.19 13.79
C ASN C 87 29.23 30.54 12.45
N GLY C 88 29.11 31.32 11.38
CA GLY C 88 29.35 30.84 10.04
C GLY C 88 30.23 31.79 9.26
N THR C 89 29.72 32.31 8.16
CA THR C 89 30.44 33.32 7.38
C THR C 89 30.44 34.63 8.15
N CYS C 90 31.56 34.97 8.76
CA CYS C 90 31.64 36.21 9.58
C CYS C 90 31.63 37.46 8.67
N TYR C 91 32.34 37.45 7.53
CA TYR C 91 32.30 38.59 6.60
C TYR C 91 31.02 38.50 5.80
N PRO C 92 30.19 39.55 5.82
CA PRO C 92 28.90 39.55 5.09
C PRO C 92 29.14 39.11 3.65
N GLY C 93 28.35 38.16 3.17
CA GLY C 93 28.47 37.70 1.78
C GLY C 93 27.57 36.55 1.44
N ASP C 94 27.95 35.75 0.44
CA ASP C 94 27.09 34.63 -0.04
C ASP C 94 27.88 33.36 -0.39
N PHE C 95 27.61 32.23 0.26
CA PHE C 95 28.25 30.93 -0.09
C PHE C 95 27.45 30.39 -1.25
N ILE C 96 28.07 30.30 -2.43
CA ILE C 96 27.36 29.88 -3.67
C ILE C 96 27.34 28.35 -3.71
N ASN C 97 26.15 27.75 -3.76
CA ASN C 97 25.97 26.28 -3.75
C ASN C 97 26.35 25.76 -2.38
N TYR C 98 25.76 26.35 -1.36
CA TYR C 98 26.05 25.93 0.04
C TYR C 98 25.30 24.65 0.27
N GLU C 99 24.02 24.59 -0.10
CA GLU C 99 23.19 23.39 0.16
C GLU C 99 23.71 22.24 -0.71
N GLU C 100 24.44 22.55 -1.77
CA GLU C 100 25.06 21.49 -2.61
C GLU C 100 26.34 21.04 -1.89
N LEU C 101 27.12 21.95 -1.32
CA LEU C 101 28.28 21.58 -0.52
C LEU C 101 27.89 20.79 0.70
N ARG C 102 26.81 21.21 1.37
CA ARG C 102 26.31 20.47 2.52
C ARG C 102 25.94 19.05 2.12
N GLU C 103 25.34 18.90 0.94
CA GLU C 103 24.97 17.59 0.44
C GLU C 103 26.17 16.70 0.14
N GLN C 104 27.24 17.25 -0.46
CA GLN C 104 28.43 16.45 -0.67
C GLN C 104 29.17 16.11 0.61
N LEU C 105 28.99 16.89 1.68
CA LEU C 105 29.59 16.59 2.96
C LEU C 105 28.81 15.55 3.74
N SER C 106 27.67 15.13 3.20
CA SER C 106 26.81 14.12 3.87
C SER C 106 27.15 12.73 3.35
N SER C 107 28.08 12.62 2.42
CA SER C 107 28.50 11.31 1.86
C SER C 107 29.96 11.06 2.21
N VAL C 108 30.62 12.05 2.80
CA VAL C 108 32.04 11.92 3.20
C VAL C 108 32.07 11.51 4.66
N SER C 109 33.00 10.63 5.02
CA SER C 109 33.16 10.21 6.43
C SER C 109 34.55 10.62 6.86
N SER C 110 35.45 10.83 5.90
CA SER C 110 36.86 11.18 6.23
C SER C 110 37.18 12.62 5.76
N PHE C 111 38.25 13.19 6.31
CA PHE C 111 38.68 14.56 5.91
C PHE C 111 40.14 14.74 6.27
N GLU C 112 40.98 15.00 5.26
CA GLU C 112 42.43 15.21 5.50
C GLU C 112 42.81 16.60 4.98
N ARG C 113 42.85 17.60 5.86
CA ARG C 113 43.19 18.99 5.45
C ARG C 113 44.69 19.07 5.14
N PHE C 114 45.06 19.82 4.10
CA PHE C 114 46.49 20.00 3.74
C PHE C 114 46.70 21.41 3.19
N GLU C 115 47.91 21.95 3.35
CA GLU C 115 48.17 23.32 2.86
C GLU C 115 48.38 23.26 1.35
N ILE C 116 47.35 23.62 0.58
CA ILE C 116 47.44 23.64 -0.91
C ILE C 116 48.47 24.72 -1.28
N PHE C 117 48.43 25.85 -0.58
CA PHE C 117 49.36 26.95 -0.88
C PHE C 117 49.99 27.40 0.42
N PRO C 118 51.24 27.03 0.67
CA PRO C 118 51.92 27.50 1.88
C PRO C 118 52.00 29.02 1.93
N LYS C 119 51.72 29.56 3.12
CA LYS C 119 51.67 31.01 3.28
C LYS C 119 53.05 31.64 3.10
N THR C 120 54.11 30.93 3.49
CA THR C 120 55.45 31.48 3.52
C THR C 120 56.15 31.46 2.17
N SER C 121 55.59 30.78 1.16
CA SER C 121 56.28 30.64 -0.12
C SER C 121 55.41 30.92 -1.34
N SER C 122 54.09 30.89 -1.23
CA SER C 122 53.25 30.98 -2.42
C SER C 122 52.99 32.43 -2.85
N TRP C 123 53.09 33.40 -1.94
CA TRP C 123 52.73 34.79 -2.22
C TRP C 123 53.90 35.70 -1.88
N PRO C 124 54.93 35.72 -2.72
CA PRO C 124 56.07 36.61 -2.45
C PRO C 124 55.83 38.05 -2.85
N ASN C 125 54.97 38.29 -3.84
CA ASN C 125 54.76 39.62 -4.40
C ASN C 125 53.54 40.33 -3.81
N HIS C 126 52.77 39.65 -2.97
CA HIS C 126 51.57 40.20 -2.38
C HIS C 126 51.65 40.09 -0.87
N ASP C 127 50.88 40.92 -0.18
CA ASP C 127 50.91 40.99 1.26
C ASP C 127 49.82 40.11 1.85
N SER C 128 50.22 39.14 2.69
CA SER C 128 49.31 38.15 3.23
C SER C 128 49.18 38.25 4.74
N ASP C 129 49.31 39.45 5.31
CA ASP C 129 49.22 39.63 6.75
C ASP C 129 48.22 40.67 7.20
N LYS C 130 47.79 41.57 6.32
CA LYS C 130 46.84 42.61 6.68
C LYS C 130 45.42 42.30 6.24
N GLY C 131 45.15 41.08 5.78
CA GLY C 131 43.80 40.71 5.41
C GLY C 131 42.96 40.27 6.58
N VAL C 132 42.87 41.11 7.61
CA VAL C 132 42.10 40.82 8.80
C VAL C 132 41.05 41.91 8.97
N THR C 133 39.92 41.52 9.55
CA THR C 133 38.77 42.42 9.62
C THR C 133 38.10 42.30 10.97
N ALA C 134 37.39 43.36 11.34
CA ALA C 134 36.66 43.39 12.60
C ALA C 134 35.38 42.58 12.57
N ALA C 135 34.94 42.14 11.39
CA ALA C 135 33.79 41.26 11.28
C ALA C 135 34.10 39.83 11.68
N CYS C 136 35.38 39.48 11.82
CA CYS C 136 35.79 38.13 12.23
C CYS C 136 36.77 38.26 13.40
N PRO C 137 36.27 38.66 14.57
CA PRO C 137 37.17 38.91 15.69
C PRO C 137 37.59 37.63 16.39
N HIS C 138 38.78 37.69 16.98
CA HIS C 138 39.32 36.58 17.79
C HIS C 138 39.91 37.18 19.05
N ALA C 139 39.23 36.98 20.17
CA ALA C 139 39.64 37.53 21.46
C ALA C 139 39.78 39.05 21.38
N GLY C 140 38.84 39.69 20.71
CA GLY C 140 38.86 41.13 20.50
C GLY C 140 39.68 41.55 19.31
N ALA C 141 40.82 40.91 19.09
CA ALA C 141 41.69 41.28 17.99
C ALA C 141 41.08 40.88 16.65
N LYS C 142 41.36 41.67 15.63
CA LYS C 142 40.87 41.38 14.29
C LYS C 142 41.55 40.14 13.72
N SER C 143 40.78 39.33 13.02
CA SER C 143 41.30 38.09 12.45
C SER C 143 40.58 37.81 11.14
N PHE C 144 40.75 36.60 10.64
CA PHE C 144 40.16 36.15 9.39
C PHE C 144 40.02 34.64 9.44
N TYR C 145 39.45 34.08 8.37
CA TYR C 145 39.29 32.64 8.26
C TYR C 145 40.64 31.94 8.26
N LYS C 146 40.71 30.77 8.89
CA LYS C 146 41.97 30.01 8.91
C LYS C 146 42.26 29.36 7.58
N ASN C 147 41.23 29.02 6.82
CA ASN C 147 41.39 28.29 5.57
C ASN C 147 41.59 29.20 4.36
N LEU C 148 41.56 30.52 4.55
CA LEU C 148 41.62 31.46 3.45
C LEU C 148 42.55 32.61 3.79
N ILE C 149 43.26 33.12 2.78
CA ILE C 149 44.12 34.29 2.94
C ILE C 149 43.55 35.43 2.09
N TRP C 150 43.29 36.56 2.73
CA TRP C 150 42.85 37.77 2.03
C TRP C 150 44.09 38.56 1.65
N LEU C 151 44.46 38.48 0.38
CA LEU C 151 45.66 39.16 -0.09
C LEU C 151 45.37 40.61 -0.40
N VAL C 152 46.34 41.47 -0.09
CA VAL C 152 46.27 42.90 -0.34
C VAL C 152 47.55 43.30 -1.06
N LYS C 153 47.63 44.58 -1.41
CA LYS C 153 48.80 45.09 -2.10
C LYS C 153 49.98 45.21 -1.14
N LYS C 154 51.18 45.05 -1.67
CA LYS C 154 52.42 45.20 -0.91
C LYS C 154 53.09 46.50 -1.34
N GLY C 155 52.71 47.59 -0.69
CA GLY C 155 53.36 48.86 -0.95
C GLY C 155 53.01 49.48 -2.28
N ASN C 156 51.77 49.89 -2.43
CA ASN C 156 51.30 50.62 -3.61
C ASN C 156 51.55 49.85 -4.90
N SER C 157 51.37 48.53 -4.86
CA SER C 157 51.51 47.71 -6.06
C SER C 157 50.84 46.37 -5.81
N TYR C 158 50.02 45.93 -6.76
CA TYR C 158 49.38 44.61 -6.75
C TYR C 158 49.69 43.94 -8.07
N PRO C 159 50.83 43.26 -8.19
CA PRO C 159 51.14 42.56 -9.44
C PRO C 159 50.19 41.40 -9.68
N LYS C 160 50.12 41.00 -10.95
CA LYS C 160 49.23 39.92 -11.35
C LYS C 160 49.62 38.60 -10.68
N LEU C 161 48.61 37.88 -10.22
CA LEU C 161 48.76 36.66 -9.44
C LEU C 161 48.41 35.46 -10.30
N ASN C 162 49.32 34.48 -10.33
CA ASN C 162 49.19 33.29 -11.17
C ASN C 162 49.66 32.09 -10.36
N GLN C 163 48.73 31.24 -9.94
CA GLN C 163 49.10 30.04 -9.21
C GLN C 163 48.33 28.84 -9.72
N THR C 164 48.91 27.66 -9.51
CA THR C 164 48.31 26.41 -9.98
C THR C 164 48.53 25.34 -8.92
N TYR C 165 47.64 24.35 -8.93
CA TYR C 165 47.79 23.17 -8.11
C TYR C 165 47.34 21.95 -8.90
N ILE C 166 48.24 20.98 -9.05
CA ILE C 166 47.94 19.72 -9.70
C ILE C 166 47.65 18.68 -8.64
N ASN C 167 46.51 18.02 -8.75
CA ASN C 167 46.05 17.08 -7.73
C ASN C 167 46.85 15.80 -7.83
N ASP C 168 47.84 15.64 -6.94
CA ASP C 168 48.65 14.43 -6.89
C ASP C 168 48.12 13.40 -5.91
N LYS C 169 47.13 13.74 -5.08
CA LYS C 169 46.46 12.74 -4.27
C LYS C 169 45.66 11.81 -5.18
N GLY C 170 45.31 10.65 -4.64
CA GLY C 170 44.44 9.77 -5.39
C GLY C 170 42.97 9.99 -5.18
N LYS C 171 42.60 11.05 -4.45
CA LYS C 171 41.22 11.31 -4.07
C LYS C 171 40.83 12.69 -4.56
N GLU C 172 39.54 13.00 -4.43
CA GLU C 172 39.02 14.31 -4.77
C GLU C 172 39.44 15.33 -3.70
N VAL C 173 39.68 16.55 -4.15
CA VAL C 173 40.12 17.63 -3.28
C VAL C 173 39.09 18.75 -3.33
N LEU C 174 38.59 19.14 -2.17
CA LEU C 174 37.70 20.30 -2.04
C LEU C 174 38.56 21.53 -1.83
N VAL C 175 38.37 22.52 -2.71
CA VAL C 175 39.11 23.78 -2.68
C VAL C 175 38.11 24.92 -2.59
N LEU C 176 38.31 25.81 -1.63
CA LEU C 176 37.43 26.94 -1.40
C LEU C 176 38.19 28.25 -1.57
N TRP C 177 37.53 29.24 -2.17
CA TRP C 177 38.09 30.57 -2.30
C TRP C 177 36.98 31.61 -2.14
N GLY C 178 37.36 32.88 -2.21
CA GLY C 178 36.41 33.96 -2.04
C GLY C 178 36.77 35.15 -2.89
N ILE C 179 35.74 35.91 -3.23
CA ILE C 179 35.86 37.13 -4.01
C ILE C 179 35.30 38.29 -3.21
N HIS C 180 36.08 39.36 -3.09
CA HIS C 180 35.72 40.51 -2.28
C HIS C 180 35.17 41.63 -3.15
N HIS C 181 34.07 42.23 -2.68
CA HIS C 181 33.41 43.34 -3.35
C HIS C 181 33.47 44.53 -2.40
N PRO C 182 34.37 45.47 -2.64
CA PRO C 182 34.50 46.61 -1.73
C PRO C 182 33.34 47.57 -1.92
N PRO C 183 33.05 48.38 -0.91
CA PRO C 183 31.93 49.32 -1.03
C PRO C 183 32.21 50.51 -1.93
N THR C 184 33.46 50.95 -2.05
CA THR C 184 33.78 52.16 -2.80
C THR C 184 35.01 51.92 -3.67
N ILE C 185 35.14 52.74 -4.71
CA ILE C 185 36.33 52.70 -5.55
C ILE C 185 37.56 53.09 -4.74
N ALA C 186 37.40 54.04 -3.81
CA ALA C 186 38.51 54.41 -2.94
C ALA C 186 38.98 53.25 -2.09
N ALA C 187 38.05 52.46 -1.55
CA ALA C 187 38.41 51.25 -0.83
C ALA C 187 39.05 50.21 -1.76
N GLN C 188 38.55 50.11 -2.99
CA GLN C 188 39.13 49.20 -3.95
C GLN C 188 40.59 49.54 -4.23
N GLU C 189 40.92 50.82 -4.32
CA GLU C 189 42.28 51.26 -4.52
C GLU C 189 43.11 51.19 -3.24
N SER C 190 42.48 51.28 -2.07
CA SER C 190 43.20 51.14 -0.81
C SER C 190 43.60 49.70 -0.52
N LEU C 191 42.81 48.72 -0.95
CA LEU C 191 43.17 47.33 -0.77
C LEU C 191 44.06 46.81 -1.89
N TYR C 192 43.58 46.86 -3.13
CA TYR C 192 44.33 46.49 -4.31
C TYR C 192 44.61 47.74 -5.11
N GLN C 193 45.64 47.72 -5.93
CA GLN C 193 46.00 48.96 -6.60
C GLN C 193 45.13 49.25 -7.80
N ASN C 194 44.47 48.24 -8.36
CA ASN C 194 43.82 48.34 -9.66
C ASN C 194 42.32 48.50 -9.48
N ALA C 195 41.76 49.57 -10.07
CA ALA C 195 40.33 49.81 -10.04
C ALA C 195 39.56 48.85 -10.95
N ASP C 196 40.17 48.40 -12.04
CA ASP C 196 39.59 47.40 -12.92
C ASP C 196 40.38 46.11 -12.78
N ALA C 197 40.00 45.31 -11.79
CA ALA C 197 40.65 44.05 -11.49
C ALA C 197 39.70 42.90 -11.78
N TYR C 198 40.27 41.72 -12.00
CA TYR C 198 39.46 40.55 -12.36
C TYR C 198 40.06 39.33 -11.69
N VAL C 199 39.24 38.28 -11.59
CA VAL C 199 39.69 36.99 -11.12
C VAL C 199 39.25 35.94 -12.12
N PHE C 200 40.09 34.93 -12.32
CA PHE C 200 39.74 33.78 -13.15
C PHE C 200 40.15 32.52 -12.43
N VAL C 201 39.19 31.62 -12.21
CA VAL C 201 39.47 30.32 -11.62
C VAL C 201 39.10 29.25 -12.62
N GLY C 202 40.02 28.32 -12.86
CA GLY C 202 39.77 27.30 -13.86
C GLY C 202 40.29 25.90 -13.55
N THR C 203 39.44 24.91 -13.71
CA THR C 203 39.82 23.50 -13.70
C THR C 203 39.51 22.92 -15.07
N SER C 204 39.62 21.59 -15.19
CA SER C 204 39.31 20.95 -16.45
C SER C 204 37.83 21.05 -16.80
N ARG C 205 36.96 21.07 -15.80
CA ARG C 205 35.54 21.23 -16.06
C ARG C 205 34.94 22.50 -15.48
N TYR C 206 35.73 23.31 -14.78
CA TYR C 206 35.26 24.56 -14.19
C TYR C 206 36.07 25.71 -14.78
N SER C 207 35.40 26.79 -15.14
CA SER C 207 36.06 28.00 -15.61
C SER C 207 35.13 29.17 -15.38
N LYS C 208 35.57 30.14 -14.59
CA LYS C 208 34.72 31.29 -14.33
C LYS C 208 35.58 32.54 -14.15
N LYS C 209 35.04 33.67 -14.62
CA LYS C 209 35.66 34.97 -14.49
C LYS C 209 34.80 35.85 -13.59
N PHE C 210 35.40 36.41 -12.55
CA PHE C 210 34.73 37.23 -11.55
C PHE C 210 35.19 38.67 -11.70
N LYS C 211 34.21 39.58 -11.72
CA LYS C 211 34.40 41.01 -11.75
C LYS C 211 33.86 41.59 -10.45
N PRO C 212 34.64 42.40 -9.74
CA PRO C 212 34.15 43.02 -8.51
C PRO C 212 32.93 43.89 -8.76
N GLU C 213 31.98 43.85 -7.84
CA GLU C 213 30.80 44.71 -7.89
C GLU C 213 30.93 45.71 -6.75
N ILE C 214 31.39 46.91 -7.08
CA ILE C 214 31.68 47.94 -6.10
C ILE C 214 30.43 48.78 -5.88
N ALA C 215 29.86 48.69 -4.67
CA ALA C 215 28.70 49.48 -4.29
C ALA C 215 28.50 49.32 -2.78
N THR C 216 27.85 50.31 -2.19
CA THR C 216 27.61 50.31 -0.76
C THR C 216 26.34 49.54 -0.44
N ARG C 217 26.47 48.50 0.36
CA ARG C 217 25.37 47.67 0.82
C ARG C 217 24.94 48.11 2.20
N PRO C 218 23.73 47.76 2.62
CA PRO C 218 23.37 47.93 4.03
C PRO C 218 24.32 47.19 4.95
N LYS C 219 24.62 47.82 6.09
CA LYS C 219 25.66 47.32 6.96
C LYS C 219 25.25 46.03 7.64
N VAL C 220 26.02 44.98 7.41
CA VAL C 220 25.91 43.73 8.14
C VAL C 220 27.23 43.48 8.83
N ARG C 221 27.21 43.39 10.16
CA ARG C 221 28.42 43.24 10.97
C ARG C 221 29.39 44.39 10.70
N ASP C 222 28.85 45.60 10.59
CA ASP C 222 29.62 46.83 10.39
C ASP C 222 30.48 46.72 9.12
N GLN C 223 29.89 46.19 8.05
CA GLN C 223 30.58 46.05 6.77
C GLN C 223 29.62 46.46 5.67
N GLU C 224 30.07 47.35 4.79
CA GLU C 224 29.29 47.74 3.62
C GLU C 224 29.71 46.99 2.36
N GLY C 225 30.80 46.22 2.41
CA GLY C 225 31.20 45.38 1.31
C GLY C 225 30.72 43.95 1.50
N ARG C 226 31.13 43.09 0.58
CA ARG C 226 30.68 41.71 0.59
C ARG C 226 31.81 40.76 0.23
N MET C 227 31.62 39.48 0.53
CA MET C 227 32.58 38.42 0.19
C MET C 227 31.79 37.19 -0.27
N ASN C 228 31.83 36.92 -1.57
CA ASN C 228 31.24 35.70 -2.08
C ASN C 228 32.20 34.54 -1.90
N TYR C 229 31.67 33.39 -1.51
CA TYR C 229 32.47 32.20 -1.23
C TYR C 229 32.14 31.12 -2.24
N TYR C 230 33.17 30.56 -2.86
CA TYR C 230 33.02 29.56 -3.91
C TYR C 230 33.84 28.34 -3.55
N TRP C 231 33.43 27.20 -4.10
CA TRP C 231 34.09 25.94 -3.84
C TRP C 231 34.09 25.10 -5.10
N THR C 232 35.02 24.16 -5.17
CA THR C 232 35.09 23.24 -6.30
C THR C 232 35.75 21.95 -5.86
N LEU C 233 35.52 20.90 -6.66
CA LEU C 233 36.14 19.60 -6.47
C LEU C 233 37.12 19.37 -7.61
N VAL C 234 38.38 19.13 -7.25
CA VAL C 234 39.43 18.80 -8.20
C VAL C 234 39.64 17.30 -8.17
N GLU C 235 39.59 16.68 -9.32
CA GLU C 235 39.70 15.25 -9.55
C GLU C 235 41.15 14.81 -9.53
N PRO C 236 41.41 13.51 -9.33
CA PRO C 236 42.80 13.03 -9.38
C PRO C 236 43.43 13.31 -10.73
N GLY C 237 44.64 13.87 -10.71
CA GLY C 237 45.33 14.24 -11.92
C GLY C 237 44.87 15.53 -12.54
N ASP C 238 43.90 16.21 -11.95
CA ASP C 238 43.38 17.46 -12.48
C ASP C 238 44.11 18.64 -11.86
N LYS C 239 44.00 19.79 -12.51
CA LYS C 239 44.73 20.99 -12.14
C LYS C 239 43.79 22.16 -11.99
N ILE C 240 43.99 22.94 -10.93
CA ILE C 240 43.21 24.15 -10.68
C ILE C 240 44.15 25.35 -10.80
N THR C 241 43.66 26.40 -11.46
CA THR C 241 44.45 27.59 -11.74
C THR C 241 43.73 28.83 -11.24
N PHE C 242 44.49 29.69 -10.55
CA PHE C 242 44.01 30.97 -10.07
C PHE C 242 44.78 32.09 -10.75
N GLU C 243 44.04 33.03 -11.35
CA GLU C 243 44.56 34.20 -12.03
C GLU C 243 43.86 35.39 -11.40
N ALA C 244 44.61 36.44 -11.06
CA ALA C 244 43.99 37.55 -10.37
C ALA C 244 44.75 38.84 -10.59
N THR C 245 44.01 39.95 -10.53
CA THR C 245 44.57 41.28 -10.43
C THR C 245 44.05 42.01 -9.20
N GLY C 246 43.19 41.38 -8.43
CA GLY C 246 42.65 41.93 -7.21
C GLY C 246 41.42 41.17 -6.78
N ASN C 247 40.97 41.45 -5.56
CA ASN C 247 39.71 40.94 -5.02
C ASN C 247 39.67 39.43 -4.88
N LEU C 248 40.80 38.77 -4.65
CA LEU C 248 40.85 37.33 -4.53
C LEU C 248 41.24 36.93 -3.12
N VAL C 249 40.39 36.14 -2.47
CA VAL C 249 40.72 35.52 -1.20
C VAL C 249 41.15 34.09 -1.53
N VAL C 250 42.45 33.84 -1.43
CA VAL C 250 43.06 32.61 -1.93
C VAL C 250 42.91 31.47 -0.93
N PRO C 251 42.90 30.23 -1.38
CA PRO C 251 42.90 29.10 -0.46
C PRO C 251 44.23 29.00 0.28
N ARG C 252 44.15 28.50 1.51
CA ARG C 252 45.32 28.11 2.29
C ARG C 252 45.29 26.63 2.60
N TYR C 253 44.11 26.07 2.87
CA TYR C 253 43.96 24.67 3.20
C TYR C 253 42.85 24.05 2.36
N ALA C 254 43.14 22.89 1.78
CA ALA C 254 42.19 22.13 0.98
C ALA C 254 41.99 20.78 1.64
N PHE C 255 40.86 20.14 1.29
CA PHE C 255 40.43 18.93 1.99
C PHE C 255 40.34 17.78 1.00
N THR C 256 41.21 16.78 1.13
CA THR C 256 41.02 15.57 0.35
C THR C 256 40.02 14.67 1.05
N MET C 257 39.07 14.14 0.27
CA MET C 257 37.85 13.57 0.83
C MET C 257 37.68 12.13 0.39
N GLU C 258 37.16 11.30 1.30
CA GLU C 258 36.78 9.93 0.96
C GLU C 258 35.29 9.74 1.18
N ARG C 259 34.62 9.14 0.19
CA ARG C 259 33.18 8.97 0.21
C ARG C 259 32.79 7.65 0.87
N ASP C 260 31.71 7.69 1.64
CA ASP C 260 31.20 6.50 2.31
C ASP C 260 29.74 6.75 2.66
N ALA C 261 28.84 6.00 2.02
CA ALA C 261 27.42 6.13 2.30
C ALA C 261 27.11 5.65 3.72
N GLY C 262 26.11 6.28 4.31
CA GLY C 262 25.75 6.01 5.68
C GLY C 262 26.03 7.13 6.66
N SER C 263 26.21 8.36 6.18
CA SER C 263 26.46 9.52 7.02
C SER C 263 25.31 10.50 6.85
N GLY C 264 25.43 11.66 7.49
CA GLY C 264 24.41 12.67 7.36
C GLY C 264 24.69 13.85 8.25
N ILE C 265 23.81 14.84 8.18
CA ILE C 265 23.88 16.04 8.99
C ILE C 265 22.56 16.12 9.73
N ILE C 266 22.60 15.92 11.05
CA ILE C 266 21.37 16.02 11.84
C ILE C 266 21.45 17.22 12.76
N ILE C 267 20.32 17.92 12.91
CA ILE C 267 20.22 19.07 13.80
C ILE C 267 19.59 18.63 15.11
N SER C 268 20.33 18.78 16.21
CA SER C 268 19.81 18.34 17.50
C SER C 268 20.46 19.17 18.61
N ASP C 269 19.80 19.23 19.76
CA ASP C 269 20.36 19.88 20.95
C ASP C 269 20.56 18.84 22.03
N THR C 270 20.86 17.61 21.62
CA THR C 270 21.02 16.47 22.50
C THR C 270 22.49 16.29 22.85
N PRO C 271 22.83 16.10 24.11
CA PRO C 271 24.23 15.93 24.49
C PRO C 271 24.81 14.64 23.95
N VAL C 272 26.12 14.66 23.69
CA VAL C 272 26.85 13.50 23.22
C VAL C 272 27.39 12.74 24.41
N HIS C 273 27.50 11.42 24.27
CA HIS C 273 28.02 10.57 25.33
C HIS C 273 28.78 9.42 24.69
N ASP C 274 29.37 8.58 25.54
CA ASP C 274 29.99 7.36 25.09
C ASP C 274 28.93 6.28 24.92
N CYS C 275 28.95 5.62 23.77
CA CYS C 275 27.90 4.70 23.39
C CYS C 275 28.46 3.71 22.38
N ASN C 276 27.62 2.78 21.97
CA ASN C 276 27.85 1.99 20.76
C ASN C 276 26.49 1.55 20.27
N THR C 277 25.93 2.29 19.31
CA THR C 277 24.59 2.02 18.81
C THR C 277 24.64 1.82 17.31
N THR C 278 23.62 1.16 16.79
CA THR C 278 23.49 0.91 15.36
C THR C 278 22.43 1.79 14.72
N CYS C 279 21.75 2.64 15.50
CA CYS C 279 20.66 3.47 14.98
C CYS C 279 20.58 4.74 15.79
N GLN C 280 20.80 5.88 15.13
CA GLN C 280 20.83 7.17 15.78
C GLN C 280 19.71 8.06 15.24
N THR C 281 19.14 8.87 16.13
CA THR C 281 18.02 9.74 15.88
C THR C 281 18.32 11.07 16.54
N PRO C 282 17.84 12.18 16.00
CA PRO C 282 18.08 13.49 16.65
C PRO C 282 17.60 13.55 18.09
N GLU C 283 16.62 12.73 18.46
CA GLU C 283 16.15 12.70 19.85
C GLU C 283 16.96 11.76 20.72
N GLY C 284 17.68 10.82 20.15
CA GLY C 284 18.45 9.85 20.89
C GLY C 284 18.47 8.51 20.17
N ALA C 285 19.37 7.64 20.61
CA ALA C 285 19.59 6.38 19.93
C ALA C 285 18.48 5.38 20.21
N ILE C 286 18.41 4.33 19.39
CA ILE C 286 17.43 3.28 19.49
C ILE C 286 18.14 1.93 19.50
N ASN C 287 17.83 1.10 20.48
CA ASN C 287 18.42 -0.23 20.61
C ASN C 287 17.25 -1.23 20.61
N THR C 288 16.87 -1.69 19.44
CA THR C 288 15.73 -2.58 19.32
C THR C 288 15.81 -3.34 18.01
N SER C 289 15.01 -4.40 17.92
CA SER C 289 14.87 -5.19 16.71
C SER C 289 13.44 -5.18 16.19
N LEU C 290 12.64 -4.23 16.64
CA LEU C 290 11.26 -4.19 16.20
C LEU C 290 11.14 -3.57 14.81
N PRO C 291 10.17 -4.02 14.02
CA PRO C 291 10.08 -3.54 12.64
C PRO C 291 9.70 -2.08 12.52
N PHE C 292 8.99 -1.51 13.50
CA PHE C 292 8.47 -0.16 13.39
C PHE C 292 8.97 0.69 14.54
N GLN C 293 8.56 1.96 14.53
CA GLN C 293 9.13 3.00 15.38
C GLN C 293 8.26 4.25 15.24
N ASN C 294 8.06 4.97 16.35
CA ASN C 294 7.39 6.26 16.28
C ASN C 294 8.14 7.32 17.07
N VAL C 295 9.47 7.29 17.00
CA VAL C 295 10.28 8.25 17.75
C VAL C 295 10.52 9.51 16.92
N HIS C 296 11.16 9.37 15.77
CA HIS C 296 11.49 10.49 14.91
C HIS C 296 11.71 9.99 13.50
N PRO C 297 11.34 10.79 12.48
CA PRO C 297 11.53 10.32 11.10
C PRO C 297 12.98 10.26 10.65
N ILE C 298 13.83 11.17 11.12
CA ILE C 298 15.21 11.23 10.68
C ILE C 298 16.01 10.17 11.43
N THR C 299 16.71 9.33 10.68
CA THR C 299 17.48 8.23 11.26
C THR C 299 18.81 8.09 10.55
N ILE C 300 19.79 7.55 11.26
CA ILE C 300 21.09 7.19 10.70
C ILE C 300 21.41 5.77 11.13
N GLY C 301 21.74 4.92 10.18
CA GLY C 301 22.05 3.53 10.48
C GLY C 301 20.91 2.59 10.17
N LYS C 302 20.99 1.36 10.65
CA LYS C 302 19.95 0.35 10.43
C LYS C 302 18.84 0.61 11.45
N CYS C 303 17.73 1.16 10.98
CA CYS C 303 16.69 1.67 11.87
C CYS C 303 15.34 1.11 11.47
N PRO C 304 14.40 0.99 12.41
CA PRO C 304 13.04 0.59 12.04
C PRO C 304 12.36 1.66 11.21
N LYS C 305 11.25 1.28 10.59
CA LYS C 305 10.51 2.16 9.70
C LYS C 305 9.60 3.03 10.52
N TYR C 306 9.81 4.35 10.45
CA TYR C 306 9.03 5.28 11.23
C TYR C 306 7.57 5.26 10.78
N VAL C 307 6.66 5.22 11.75
CA VAL C 307 5.23 5.27 11.48
C VAL C 307 4.58 6.24 12.45
N LYS C 308 3.38 6.67 12.15
CA LYS C 308 2.66 7.64 13.00
C LYS C 308 1.65 6.88 13.87
N SER C 309 1.89 5.59 14.09
CA SER C 309 1.06 4.84 15.01
C SER C 309 1.47 5.08 16.46
N THR C 310 0.55 4.74 17.36
CA THR C 310 0.83 4.73 18.79
C THR C 310 0.73 3.35 19.41
N LYS C 311 0.20 2.36 18.69
CA LYS C 311 0.04 1.02 19.24
C LYS C 311 -0.05 0.05 18.05
N LEU C 312 0.98 -0.78 17.88
CA LEU C 312 1.00 -1.84 16.89
C LEU C 312 1.28 -3.15 17.61
N ARG C 313 0.23 -3.81 18.08
CA ARG C 313 0.35 -5.07 18.79
C ARG C 313 -0.28 -6.18 17.96
N LEU C 314 0.45 -7.28 17.81
CA LEU C 314 0.04 -8.41 17.00
C LEU C 314 -0.34 -9.56 17.91
N ALA C 315 -1.59 -10.00 17.81
CA ALA C 315 -2.10 -11.07 18.65
C ALA C 315 -1.44 -12.39 18.26
N THR C 316 -1.14 -13.20 19.26
CA THR C 316 -0.58 -14.52 19.05
C THR C 316 -1.42 -15.63 19.67
N GLY C 317 -1.88 -15.45 20.91
CA GLY C 317 -2.60 -16.45 21.62
C GLY C 317 -4.09 -16.33 21.45
N LEU C 318 -4.82 -17.06 22.29
CA LEU C 318 -6.27 -17.12 22.18
C LEU C 318 -6.89 -15.85 22.73
N ARG C 319 -8.21 -15.78 22.67
CA ARG C 319 -8.96 -14.75 23.37
C ARG C 319 -9.06 -15.12 24.84
N ASN C 320 -8.58 -14.23 25.70
CA ASN C 320 -8.54 -14.51 27.13
C ASN C 320 -9.95 -14.39 27.70
N VAL C 321 -10.55 -15.51 28.04
CA VAL C 321 -11.86 -15.55 28.68
C VAL C 321 -11.74 -16.33 29.97
N PRO C 322 -11.26 -15.73 31.07
CA PRO C 322 -11.08 -16.43 32.33
C PRO C 322 -12.29 -16.30 33.24
N GLU D 2 16.34 -16.51 16.98
CA GLU D 2 17.14 -17.54 16.26
C GLU D 2 18.51 -17.69 16.91
N LYS D 3 18.73 -17.13 18.10
CA LYS D 3 20.02 -17.35 18.80
C LYS D 3 19.89 -17.05 20.28
N LEU D 4 20.59 -17.73 21.13
CA LEU D 4 20.61 -17.49 22.58
C LEU D 4 22.09 -17.47 22.96
N VAL D 5 22.56 -16.41 23.60
CA VAL D 5 23.97 -16.27 23.95
C VAL D 5 24.09 -16.23 25.46
N GLU D 6 25.00 -17.02 26.02
CA GLU D 6 25.23 -17.07 27.46
C GLU D 6 26.49 -16.28 27.80
N SER D 7 26.41 -15.53 28.90
CA SER D 7 27.53 -14.72 29.37
C SER D 7 27.49 -14.72 30.90
N GLY D 8 28.59 -14.27 31.49
CA GLY D 8 28.67 -14.09 32.93
C GLY D 8 29.39 -15.19 33.68
N GLY D 9 29.89 -16.19 32.99
CA GLY D 9 30.63 -17.25 33.65
C GLY D 9 32.08 -16.87 33.89
N GLY D 10 32.79 -17.78 34.54
CA GLY D 10 34.20 -17.57 34.81
C GLY D 10 34.61 -18.30 36.06
N LEU D 11 35.70 -17.81 36.65
CA LEU D 11 36.21 -18.38 37.88
C LEU D 11 35.55 -17.71 39.07
N VAL D 12 35.23 -18.52 40.09
CA VAL D 12 34.59 -18.04 41.30
C VAL D 12 35.14 -18.86 42.47
N GLN D 13 35.32 -18.20 43.61
CA GLN D 13 35.81 -18.89 44.79
C GLN D 13 34.70 -19.72 45.42
N PRO D 14 35.04 -20.82 46.10
CA PRO D 14 34.01 -21.59 46.80
C PRO D 14 33.28 -20.74 47.83
N GLY D 15 31.98 -20.95 47.91
CA GLY D 15 31.15 -20.14 48.76
C GLY D 15 30.77 -18.79 48.19
N GLY D 16 31.15 -18.49 46.95
CA GLY D 16 30.85 -17.24 46.33
C GLY D 16 29.53 -17.25 45.58
N SER D 17 29.32 -16.20 44.79
CA SER D 17 28.09 -16.03 44.02
C SER D 17 28.45 -15.65 42.60
N LEU D 18 27.56 -15.97 41.67
CA LEU D 18 27.78 -15.65 40.27
C LEU D 18 26.46 -15.61 39.54
N ARG D 19 26.27 -14.57 38.71
CA ARG D 19 25.03 -14.42 37.91
C ARG D 19 25.29 -14.60 36.42
N LEU D 20 24.62 -15.57 35.83
CA LEU D 20 24.73 -15.84 34.40
C LEU D 20 23.53 -15.25 33.67
N SER D 21 23.77 -14.81 32.45
CA SER D 21 22.71 -14.20 31.65
C SER D 21 22.61 -14.88 30.29
N CYS D 22 21.39 -15.13 29.86
CA CYS D 22 21.09 -15.66 28.54
C CYS D 22 20.30 -14.61 27.78
N VAL D 23 20.86 -14.13 26.68
CA VAL D 23 20.27 -13.05 25.91
C VAL D 23 19.81 -13.60 24.57
N GLY D 24 18.62 -13.21 24.15
CA GLY D 24 18.02 -13.71 22.93
C GLY D 24 17.89 -12.62 21.87
N SER D 25 17.99 -13.02 20.62
CA SER D 25 17.83 -12.12 19.49
C SER D 25 16.45 -12.35 18.88
N GLY D 26 15.71 -11.27 18.67
CA GLY D 26 14.41 -11.34 18.08
C GLY D 26 13.45 -10.40 18.78
N ILE D 27 12.17 -10.63 18.57
CA ILE D 27 11.14 -9.78 19.14
C ILE D 27 10.23 -10.61 20.03
N THR D 28 10.27 -11.92 19.86
CA THR D 28 9.41 -12.85 20.59
C THR D 28 10.17 -13.51 21.73
N PHE D 29 10.60 -12.70 22.71
CA PHE D 29 11.21 -13.25 23.91
C PHE D 29 10.23 -13.43 25.04
N SER D 30 9.19 -12.58 25.11
CA SER D 30 8.15 -12.78 26.11
C SER D 30 7.43 -14.10 25.93
N SER D 31 7.53 -14.72 24.76
CA SER D 31 6.98 -16.03 24.51
C SER D 31 7.81 -17.15 25.10
N TYR D 32 9.12 -16.93 25.26
CA TYR D 32 10.03 -17.99 25.65
C TYR D 32 9.74 -18.49 27.05
N VAL D 33 9.96 -19.80 27.24
CA VAL D 33 9.90 -20.42 28.58
C VAL D 33 11.36 -20.89 28.72
N VAL D 34 12.24 -20.05 29.28
CA VAL D 34 13.70 -20.35 29.29
C VAL D 34 14.09 -21.34 30.38
N SER D 35 15.14 -22.11 30.14
CA SER D 35 15.57 -23.20 31.06
C SER D 35 17.10 -23.26 31.09
N TRP D 36 17.67 -23.61 32.23
CA TRP D 36 19.14 -23.76 32.36
C TRP D 36 19.51 -25.24 32.55
N VAL D 37 20.49 -25.72 31.78
CA VAL D 37 20.94 -27.14 31.88
C VAL D 37 22.47 -27.15 31.96
N ARG D 38 23.04 -27.82 32.96
CA ARG D 38 24.51 -27.84 33.12
C ARG D 38 25.05 -29.24 32.75
N GLN D 39 26.35 -29.32 32.42
CA GLN D 39 26.97 -30.64 32.14
C GLN D 39 28.33 -30.69 32.84
N ALA D 40 28.42 -31.38 33.97
CA ALA D 40 29.68 -31.43 34.74
C ALA D 40 30.70 -32.26 33.98
N PRO D 41 31.96 -31.79 33.83
CA PRO D 41 33.03 -32.56 33.14
C PRO D 41 32.99 -34.02 33.59
N GLY D 42 32.73 -34.94 32.65
CA GLY D 42 32.69 -36.37 32.98
C GLY D 42 31.28 -36.84 33.25
N LYS D 43 30.42 -35.95 33.78
CA LYS D 43 29.02 -36.33 34.10
C LYS D 43 28.13 -36.03 32.89
N GLY D 44 26.81 -36.27 33.02
CA GLY D 44 25.90 -36.08 31.89
C GLY D 44 25.17 -34.76 31.95
N LEU D 45 24.05 -34.64 31.24
CA LEU D 45 23.27 -33.37 31.19
C LEU D 45 22.33 -33.30 32.39
N GLU D 46 22.18 -32.14 33.01
CA GLU D 46 21.37 -32.00 34.24
C GLU D 46 20.48 -30.75 34.17
N TRP D 47 19.16 -30.94 34.22
CA TRP D 47 18.23 -29.82 34.15
C TRP D 47 18.21 -29.10 35.49
N LEU D 48 18.48 -27.81 35.47
CA LEU D 48 18.70 -27.04 36.68
C LEU D 48 17.57 -26.10 37.03
N ALA D 49 17.19 -25.20 36.13
CA ALA D 49 16.21 -24.19 36.50
C ALA D 49 15.32 -23.89 35.31
N GLY D 50 14.16 -23.32 35.60
CA GLY D 50 13.26 -22.92 34.55
C GLY D 50 12.37 -21.75 34.91
N VAL D 51 12.37 -20.73 34.06
CA VAL D 51 11.51 -19.57 34.22
C VAL D 51 10.45 -19.60 33.12
N ASN D 52 9.21 -19.36 33.54
CA ASN D 52 8.03 -19.43 32.70
C ASN D 52 7.68 -18.02 32.25
N THR D 53 6.63 -17.93 31.43
CA THR D 53 6.19 -16.62 30.97
C THR D 53 5.57 -15.83 32.12
N VAL D 54 5.52 -14.51 31.94
CA VAL D 54 5.09 -13.62 33.00
C VAL D 54 3.61 -13.82 33.34
N SER D 55 2.80 -14.19 32.35
CA SER D 55 1.36 -14.32 32.55
C SER D 55 0.95 -15.70 33.05
N SER D 56 1.90 -16.56 33.38
CA SER D 56 1.61 -17.92 33.81
C SER D 56 1.45 -18.02 35.31
N ILE D 57 1.00 -19.19 35.78
CA ILE D 57 0.79 -19.41 37.20
C ILE D 57 2.07 -19.86 37.87
N SER D 58 2.62 -20.99 37.45
CA SER D 58 3.87 -21.51 37.98
C SER D 58 4.99 -20.73 37.29
N ARG D 59 5.43 -19.66 37.95
CA ARG D 59 6.39 -18.73 37.39
C ARG D 59 7.81 -19.28 37.34
N THR D 60 8.16 -20.21 38.23
CA THR D 60 9.55 -20.61 38.37
C THR D 60 9.68 -22.01 38.95
N ASP D 61 10.58 -22.82 38.42
CA ASP D 61 10.80 -24.18 38.89
C ASP D 61 12.29 -24.46 39.02
N TYR D 62 12.64 -25.27 40.02
CA TYR D 62 14.03 -25.65 40.24
C TYR D 62 14.16 -27.15 40.41
N ALA D 63 15.35 -27.66 40.15
CA ALA D 63 15.68 -29.02 40.48
C ALA D 63 15.94 -29.15 41.98
N ASP D 64 15.86 -30.38 42.48
CA ASP D 64 16.06 -30.60 43.91
C ASP D 64 17.50 -30.39 44.33
N SER D 65 18.45 -30.47 43.40
CA SER D 65 19.85 -30.34 43.76
C SER D 65 20.25 -28.90 44.05
N VAL D 66 19.57 -27.94 43.44
CA VAL D 66 19.98 -26.54 43.54
C VAL D 66 18.83 -25.68 44.04
N LYS D 67 17.86 -26.30 44.70
CA LYS D 67 16.72 -25.55 45.23
C LYS D 67 17.12 -24.86 46.53
N GLY D 68 16.92 -23.54 46.57
CA GLY D 68 17.29 -22.73 47.71
C GLY D 68 18.57 -21.95 47.51
N ARG D 69 19.48 -22.45 46.67
CA ARG D 69 20.72 -21.74 46.38
C ARG D 69 20.66 -20.97 45.08
N PHE D 70 19.95 -21.48 44.08
CA PHE D 70 19.85 -20.87 42.77
C PHE D 70 18.54 -20.11 42.66
N THR D 71 18.53 -19.06 41.85
CA THR D 71 17.35 -18.24 41.63
C THR D 71 17.32 -17.84 40.16
N ILE D 72 16.27 -18.24 39.45
CA ILE D 72 16.12 -17.86 38.05
C ILE D 72 15.19 -16.65 37.98
N SER D 73 15.42 -15.81 36.99
CA SER D 73 14.64 -14.58 36.82
C SER D 73 14.64 -14.19 35.35
N ARG D 74 13.81 -13.21 35.02
CA ARG D 74 13.54 -12.83 33.64
C ARG D 74 13.48 -11.31 33.53
N ASP D 75 13.83 -10.79 32.36
CA ASP D 75 13.70 -9.38 32.03
C ASP D 75 13.36 -9.29 30.55
N ASP D 76 12.07 -9.12 30.25
CA ASP D 76 11.63 -9.13 28.87
C ASP D 76 12.00 -7.84 28.15
N SER D 77 12.11 -6.74 28.90
CA SER D 77 12.48 -5.47 28.29
C SER D 77 13.88 -5.55 27.69
N GLN D 78 14.81 -6.20 28.40
CA GLN D 78 16.19 -6.33 27.94
C GLN D 78 16.46 -7.68 27.28
N ASN D 79 15.44 -8.50 27.10
CA ASN D 79 15.54 -9.79 26.43
C ASN D 79 16.59 -10.68 27.09
N THR D 80 16.42 -10.91 28.38
CA THR D 80 17.46 -11.64 29.11
C THR D 80 16.83 -12.52 30.20
N ALA D 81 17.43 -13.68 30.42
CA ALA D 81 17.08 -14.56 31.53
C ALA D 81 18.31 -14.72 32.42
N TYR D 82 18.13 -14.51 33.72
CA TYR D 82 19.23 -14.55 34.68
C TYR D 82 19.16 -15.81 35.53
N LEU D 83 20.34 -16.34 35.86
CA LEU D 83 20.48 -17.41 36.83
C LEU D 83 21.48 -16.93 37.88
N GLN D 84 20.98 -16.66 39.09
CA GLN D 84 21.84 -16.30 40.20
C GLN D 84 22.20 -17.53 41.01
N MET D 85 23.49 -17.84 41.10
CA MET D 85 23.99 -18.95 41.87
C MET D 85 24.62 -18.41 43.14
N ASN D 86 24.21 -18.96 44.27
CA ASN D 86 24.71 -18.56 45.58
C ASN D 86 25.24 -19.79 46.29
N ALA D 87 26.22 -19.57 47.17
CA ALA D 87 26.86 -20.64 47.93
C ALA D 87 27.40 -21.71 46.98
N LEU D 88 28.22 -21.26 46.05
CA LEU D 88 28.72 -22.12 44.99
C LEU D 88 29.69 -23.15 45.56
N ARG D 89 29.62 -24.37 45.05
CA ARG D 89 30.46 -25.47 45.50
C ARG D 89 31.39 -25.91 44.38
N THR D 90 32.33 -26.79 44.75
CA THR D 90 33.23 -27.38 43.77
C THR D 90 32.50 -28.29 42.80
N GLU D 91 31.40 -28.92 43.24
CA GLU D 91 30.61 -29.79 42.37
C GLU D 91 29.86 -29.01 41.30
N ASP D 92 29.85 -27.68 41.38
CA ASP D 92 29.15 -26.84 40.42
C ASP D 92 30.01 -26.44 39.24
N THR D 93 31.24 -26.93 39.18
CA THR D 93 32.08 -26.65 38.01
C THR D 93 31.52 -27.44 36.86
N ALA D 94 31.00 -26.77 35.84
CA ALA D 94 30.38 -27.43 34.70
C ALA D 94 30.23 -26.42 33.58
N ARG D 95 29.54 -26.84 32.51
CA ARG D 95 29.23 -25.90 31.40
C ARG D 95 27.72 -25.61 31.45
N TYR D 96 27.33 -24.34 31.49
CA TYR D 96 25.90 -23.98 31.66
C TYR D 96 25.29 -23.57 30.34
N TYR D 97 24.16 -24.18 30.00
CA TYR D 97 23.50 -23.90 28.70
C TYR D 97 22.13 -23.35 28.94
N CYS D 98 21.66 -22.49 28.05
CA CYS D 98 20.28 -21.96 28.16
C CYS D 98 19.48 -22.50 26.97
N ALA D 99 18.27 -22.96 27.24
CA ALA D 99 17.39 -23.50 26.19
C ALA D 99 16.02 -22.86 26.32
N ARG D 100 15.34 -22.66 25.20
CA ARG D 100 13.97 -22.08 25.19
C ARG D 100 13.04 -23.17 24.67
N SER D 101 11.78 -23.12 25.06
CA SER D 101 10.76 -24.09 24.57
C SER D 101 9.48 -23.32 24.20
N LEU D 102 9.61 -22.12 23.68
CA LEU D 102 8.44 -21.32 23.21
C LEU D 102 7.41 -21.11 24.33
N TYR D 103 6.12 -21.35 24.12
CA TYR D 103 5.11 -20.90 25.11
C TYR D 103 4.97 -21.78 26.34
N PHE D 104 5.20 -23.08 26.23
CA PHE D 104 4.97 -24.00 27.37
C PHE D 104 6.16 -24.92 27.50
N TYR D 105 6.30 -25.57 28.65
CA TYR D 105 7.45 -26.47 28.90
C TYR D 105 7.22 -27.78 28.20
N SER D 106 6.05 -27.97 27.59
CA SER D 106 5.77 -29.19 26.86
C SER D 106 6.20 -29.16 25.41
N MET D 107 6.62 -28.01 24.90
CA MET D 107 6.93 -27.86 23.50
C MET D 107 8.40 -28.22 23.26
N ARG D 108 8.83 -28.10 22.00
CA ARG D 108 10.19 -28.45 21.64
C ARG D 108 11.17 -27.54 22.35
N MET D 109 12.17 -28.13 23.00
CA MET D 109 13.27 -27.38 23.59
C MET D 109 14.43 -27.45 22.59
N ASP D 110 14.24 -26.79 21.46
CA ASP D 110 15.10 -26.99 20.31
C ASP D 110 16.06 -25.85 20.02
N LEU D 111 16.07 -24.80 20.84
CA LEU D 111 17.02 -23.70 20.67
C LEU D 111 17.96 -23.69 21.87
N TRP D 112 19.17 -24.18 21.65
CA TRP D 112 20.19 -24.21 22.69
C TRP D 112 21.26 -23.16 22.44
N GLY D 113 21.76 -22.59 23.52
CA GLY D 113 22.88 -21.69 23.43
C GLY D 113 24.19 -22.44 23.40
N PRO D 114 25.24 -21.75 22.96
CA PRO D 114 26.56 -22.39 22.84
C PRO D 114 27.12 -22.90 24.16
N GLY D 115 26.84 -22.23 25.28
CA GLY D 115 27.40 -22.62 26.56
C GLY D 115 28.32 -21.57 27.13
N VAL D 116 28.63 -21.75 28.41
CA VAL D 116 29.48 -20.83 29.15
C VAL D 116 29.97 -21.48 30.44
N GLU E 2 -10.74 -13.48 -22.71
CA GLU E 2 -9.64 -14.30 -23.26
C GLU E 2 -9.99 -14.72 -24.68
N LYS E 3 -9.08 -15.34 -25.40
CA LYS E 3 -9.18 -15.63 -26.83
C LYS E 3 -8.22 -16.72 -27.26
N LEU E 4 -8.59 -17.42 -28.34
CA LEU E 4 -7.77 -18.48 -28.92
C LEU E 4 -7.68 -18.24 -30.42
N VAL E 5 -6.47 -18.33 -30.97
CA VAL E 5 -6.23 -18.08 -32.38
C VAL E 5 -5.55 -19.30 -32.98
N GLU E 6 -6.08 -19.79 -34.10
CA GLU E 6 -5.52 -20.92 -34.81
C GLU E 6 -4.70 -20.43 -36.00
N SER E 7 -3.59 -21.12 -36.26
CA SER E 7 -2.69 -20.75 -37.34
C SER E 7 -2.04 -22.02 -37.89
N GLY E 8 -1.49 -21.91 -39.09
CA GLY E 8 -0.76 -23.00 -39.70
C GLY E 8 -1.62 -23.94 -40.52
N GLY E 9 -2.52 -23.37 -41.32
CA GLY E 9 -3.33 -24.18 -42.21
C GLY E 9 -2.93 -24.00 -43.65
N GLY E 10 -3.87 -24.21 -44.57
CA GLY E 10 -3.58 -24.02 -45.97
C GLY E 10 -3.71 -25.28 -46.79
N LEU E 11 -2.95 -25.37 -47.88
CA LEU E 11 -3.04 -26.48 -48.81
C LEU E 11 -1.88 -27.44 -48.60
N VAL E 12 -2.19 -28.73 -48.58
CA VAL E 12 -1.20 -29.79 -48.44
C VAL E 12 -1.52 -30.88 -49.44
N GLN E 13 -0.48 -31.39 -50.11
CA GLN E 13 -0.63 -32.52 -50.99
C GLN E 13 -1.04 -33.75 -50.21
N PRO E 14 -1.83 -34.63 -50.82
CA PRO E 14 -2.18 -35.89 -50.15
C PRO E 14 -0.93 -36.68 -49.77
N GLY E 15 -1.00 -37.32 -48.61
CA GLY E 15 0.16 -37.97 -48.05
C GLY E 15 1.09 -37.04 -47.30
N GLY E 16 0.78 -35.75 -47.23
CA GLY E 16 1.63 -34.78 -46.59
C GLY E 16 1.37 -34.65 -45.10
N SER E 17 1.97 -33.61 -44.53
CA SER E 17 1.86 -33.32 -43.11
C SER E 17 1.60 -31.85 -42.90
N LEU E 18 1.00 -31.52 -41.76
CA LEU E 18 0.69 -30.14 -41.43
C LEU E 18 0.60 -30.00 -39.92
N ARG E 19 1.19 -28.92 -39.41
CA ARG E 19 1.15 -28.66 -37.97
C ARG E 19 0.32 -27.41 -37.73
N LEU E 20 -0.79 -27.59 -37.02
CA LEU E 20 -1.66 -26.48 -36.63
C LEU E 20 -1.34 -26.05 -35.21
N SER E 21 -1.39 -24.75 -34.97
CA SER E 21 -1.07 -24.17 -33.67
C SER E 21 -2.27 -23.38 -33.16
N CYS E 22 -2.54 -23.51 -31.87
CA CYS E 22 -3.61 -22.78 -31.19
C CYS E 22 -2.96 -22.00 -30.07
N VAL E 23 -2.95 -20.68 -30.18
CA VAL E 23 -2.29 -19.79 -29.23
C VAL E 23 -3.36 -19.04 -28.45
N GLY E 24 -3.18 -19.00 -27.13
CA GLY E 24 -4.12 -18.32 -26.27
C GLY E 24 -3.54 -17.05 -25.67
N SER E 25 -4.44 -16.10 -25.40
CA SER E 25 -4.08 -14.84 -24.79
C SER E 25 -4.47 -14.91 -23.32
N GLY E 26 -3.55 -14.54 -22.44
CA GLY E 26 -3.78 -14.56 -21.02
C GLY E 26 -2.59 -15.14 -20.30
N ILE E 27 -2.76 -15.41 -19.01
CA ILE E 27 -1.67 -15.95 -18.22
C ILE E 27 -2.05 -17.33 -17.69
N THR E 28 -3.34 -17.67 -17.81
CA THR E 28 -3.83 -18.97 -17.34
C THR E 28 -4.04 -19.91 -18.52
N PHE E 29 -2.93 -20.40 -19.06
CA PHE E 29 -2.98 -21.38 -20.14
C PHE E 29 -2.68 -22.79 -19.69
N SER E 30 -1.87 -22.96 -18.65
CA SER E 30 -1.63 -24.29 -18.10
C SER E 30 -2.91 -24.87 -17.52
N SER E 31 -3.91 -24.02 -17.28
CA SER E 31 -5.21 -24.48 -16.83
C SER E 31 -6.03 -25.05 -17.99
N TYR E 32 -5.75 -24.60 -19.21
CA TYR E 32 -6.55 -24.96 -20.36
C TYR E 32 -6.46 -26.46 -20.63
N VAL E 33 -7.57 -27.02 -21.07
CA VAL E 33 -7.63 -28.38 -21.59
C VAL E 33 -8.06 -28.27 -23.04
N VAL E 34 -7.09 -28.35 -23.96
CA VAL E 34 -7.27 -27.94 -25.34
C VAL E 34 -7.74 -29.12 -26.16
N SER E 35 -8.75 -28.90 -26.99
CA SER E 35 -9.33 -29.91 -27.85
C SER E 35 -9.45 -29.37 -29.27
N TRP E 36 -9.36 -30.27 -30.24
CA TRP E 36 -9.50 -29.92 -31.66
C TRP E 36 -10.79 -30.51 -32.20
N VAL E 37 -11.53 -29.69 -32.95
CA VAL E 37 -12.75 -30.11 -33.62
C VAL E 37 -12.61 -29.73 -35.08
N ARG E 38 -13.24 -30.48 -35.96
CA ARG E 38 -13.25 -30.12 -37.37
C ARG E 38 -14.64 -30.25 -37.94
N GLN E 39 -14.91 -29.45 -38.96
CA GLN E 39 -16.18 -29.47 -39.67
C GLN E 39 -15.90 -29.61 -41.16
N ALA E 40 -16.20 -30.78 -41.71
CA ALA E 40 -16.10 -30.97 -43.14
C ALA E 40 -17.27 -30.27 -43.83
N PRO E 41 -17.09 -29.84 -45.07
CA PRO E 41 -18.19 -29.20 -45.80
C PRO E 41 -19.37 -30.14 -45.99
N GLY E 42 -20.51 -29.78 -45.42
CA GLY E 42 -21.70 -30.61 -45.50
C GLY E 42 -21.83 -31.67 -44.43
N LYS E 43 -20.92 -31.70 -43.46
CA LYS E 43 -20.98 -32.64 -42.34
C LYS E 43 -21.01 -31.85 -41.04
N GLY E 44 -21.15 -32.57 -39.93
CA GLY E 44 -21.24 -31.95 -38.62
C GLY E 44 -19.90 -31.84 -37.93
N LEU E 45 -19.96 -31.39 -36.69
CA LEU E 45 -18.75 -31.25 -35.89
C LEU E 45 -18.18 -32.62 -35.57
N GLU E 46 -16.85 -32.73 -35.57
CA GLU E 46 -16.19 -33.99 -35.28
C GLU E 46 -14.99 -33.71 -34.37
N TRP E 47 -15.01 -34.31 -33.20
CA TRP E 47 -13.96 -34.12 -32.20
C TRP E 47 -12.77 -35.02 -32.55
N LEU E 48 -11.59 -34.44 -32.69
CA LEU E 48 -10.42 -35.15 -33.17
C LEU E 48 -9.47 -35.57 -32.06
N ALA E 49 -8.97 -34.61 -31.28
CA ALA E 49 -7.94 -34.90 -30.31
C ALA E 49 -8.05 -33.91 -29.16
N GLY E 50 -7.45 -34.27 -28.05
CA GLY E 50 -7.45 -33.43 -26.86
C GLY E 50 -6.22 -33.65 -26.02
N VAL E 51 -5.61 -32.55 -25.58
CA VAL E 51 -4.43 -32.59 -24.73
C VAL E 51 -4.80 -32.09 -23.34
N ASN E 52 -4.37 -32.82 -22.33
CA ASN E 52 -4.68 -32.55 -20.94
C ASN E 52 -3.61 -31.66 -20.32
N THR E 53 -3.81 -31.30 -19.07
CA THR E 53 -2.83 -30.50 -18.36
C THR E 53 -1.60 -31.34 -18.03
N VAL E 54 -0.49 -30.66 -17.76
CA VAL E 54 0.79 -31.36 -17.63
C VAL E 54 0.80 -32.30 -16.44
N SER E 55 0.14 -31.95 -15.35
CA SER E 55 0.10 -32.79 -14.16
C SER E 55 -1.21 -33.58 -14.12
N SER E 56 -1.24 -34.62 -14.94
CA SER E 56 -2.44 -35.45 -15.06
C SER E 56 -2.02 -36.84 -15.54
N ILE E 57 -2.90 -37.81 -15.28
CA ILE E 57 -2.59 -39.19 -15.64
C ILE E 57 -2.69 -39.39 -17.15
N SER E 58 -3.88 -39.20 -17.70
CA SER E 58 -4.08 -39.30 -19.14
C SER E 58 -3.70 -37.98 -19.79
N ARG E 59 -2.67 -38.01 -20.63
CA ARG E 59 -2.10 -36.79 -21.19
C ARG E 59 -2.68 -36.42 -22.53
N THR E 60 -2.89 -37.38 -23.42
CA THR E 60 -3.48 -37.11 -24.72
C THR E 60 -4.59 -38.12 -24.98
N ASP E 61 -5.57 -37.71 -25.78
CA ASP E 61 -6.63 -38.61 -26.18
C ASP E 61 -7.04 -38.29 -27.60
N TYR E 62 -7.31 -39.33 -28.39
CA TYR E 62 -7.56 -39.19 -29.81
C TYR E 62 -8.81 -39.96 -30.19
N ALA E 63 -9.53 -39.42 -31.19
CA ALA E 63 -10.65 -40.12 -31.77
C ALA E 63 -10.16 -41.28 -32.62
N ASP E 64 -11.01 -42.29 -32.77
CA ASP E 64 -10.61 -43.51 -33.46
C ASP E 64 -10.28 -43.25 -34.92
N SER E 65 -10.91 -42.24 -35.54
CA SER E 65 -10.69 -41.99 -36.96
C SER E 65 -9.34 -41.36 -37.23
N VAL E 66 -8.72 -40.73 -36.23
CA VAL E 66 -7.46 -40.02 -36.43
C VAL E 66 -6.39 -40.56 -35.49
N LYS E 67 -6.69 -41.64 -34.79
CA LYS E 67 -5.72 -42.23 -33.88
C LYS E 67 -4.62 -42.93 -34.67
N GLY E 68 -3.37 -42.60 -34.37
CA GLY E 68 -2.22 -43.09 -35.09
C GLY E 68 -1.72 -42.17 -36.18
N ARG E 69 -2.58 -41.32 -36.72
CA ARG E 69 -2.19 -40.34 -37.73
C ARG E 69 -1.94 -38.96 -37.16
N PHE E 70 -2.75 -38.56 -36.18
CA PHE E 70 -2.66 -37.23 -35.58
C PHE E 70 -1.96 -37.33 -34.24
N THR E 71 -1.22 -36.28 -33.90
CA THR E 71 -0.53 -36.21 -32.62
C THR E 71 -0.75 -34.84 -32.02
N ILE E 72 -1.27 -34.80 -30.80
CA ILE E 72 -1.51 -33.55 -30.10
C ILE E 72 -0.37 -33.31 -29.11
N SER E 73 -0.03 -32.06 -28.91
CA SER E 73 1.07 -31.70 -28.02
C SER E 73 0.82 -30.30 -27.47
N ARG E 74 1.64 -29.92 -26.50
CA ARG E 74 1.40 -28.72 -25.71
C ARG E 74 2.73 -28.04 -25.39
N ASP E 75 2.74 -26.71 -25.43
CA ASP E 75 3.88 -25.90 -25.00
C ASP E 75 3.32 -24.75 -24.18
N ASP E 76 3.33 -24.89 -22.86
CA ASP E 76 2.75 -23.89 -21.98
C ASP E 76 3.61 -22.64 -21.87
N SER E 77 4.92 -22.77 -22.03
CA SER E 77 5.79 -21.59 -21.98
C SER E 77 5.49 -20.64 -23.12
N GLN E 78 5.20 -21.17 -24.32
CA GLN E 78 4.84 -20.35 -25.46
C GLN E 78 3.34 -20.19 -25.63
N ASN E 79 2.54 -20.74 -24.71
CA ASN E 79 1.08 -20.61 -24.73
C ASN E 79 0.48 -21.17 -26.01
N THR E 80 0.86 -22.40 -26.37
CA THR E 80 0.46 -22.97 -27.65
C THR E 80 0.11 -24.44 -27.50
N ALA E 81 -0.86 -24.88 -28.29
CA ALA E 81 -1.20 -26.28 -28.42
C ALA E 81 -1.07 -26.67 -29.89
N TYR E 82 -0.45 -27.82 -30.15
CA TYR E 82 -0.10 -28.22 -31.50
C TYR E 82 -0.86 -29.47 -31.89
N LEU E 83 -1.34 -29.50 -33.13
CA LEU E 83 -1.92 -30.70 -33.74
C LEU E 83 -1.09 -30.99 -34.97
N GLN E 84 -0.38 -32.13 -34.90
CA GLN E 84 0.45 -32.58 -36.05
C GLN E 84 -0.31 -33.64 -36.82
N MET E 85 -0.63 -33.35 -38.06
CA MET E 85 -1.38 -34.24 -38.92
C MET E 85 -0.45 -34.86 -39.95
N ASN E 86 -0.48 -36.18 -40.04
CA ASN E 86 0.40 -36.93 -40.91
C ASN E 86 -0.43 -37.84 -41.81
N ALA E 87 0.10 -38.11 -43.01
CA ALA E 87 -0.57 -38.94 -44.00
C ALA E 87 -1.97 -38.40 -44.31
N LEU E 88 -2.00 -37.13 -44.71
CA LEU E 88 -3.25 -36.44 -44.95
C LEU E 88 -4.00 -37.07 -46.13
N ARG E 89 -5.32 -37.17 -45.98
CA ARG E 89 -6.20 -37.70 -47.02
C ARG E 89 -7.07 -36.58 -47.57
N THR E 90 -7.84 -36.92 -48.59
CA THR E 90 -8.77 -35.95 -49.17
C THR E 90 -9.91 -35.62 -48.21
N GLU E 91 -10.35 -36.60 -47.42
CA GLU E 91 -11.44 -36.39 -46.48
C GLU E 91 -11.08 -35.51 -45.31
N ASP E 92 -9.81 -35.16 -45.15
CA ASP E 92 -9.40 -34.27 -44.06
C ASP E 92 -9.59 -32.80 -44.40
N THR E 93 -10.07 -32.48 -45.60
CA THR E 93 -10.38 -31.09 -45.92
C THR E 93 -11.57 -30.63 -45.10
N ALA E 94 -11.29 -29.69 -44.17
CA ALA E 94 -12.33 -29.18 -43.25
C ALA E 94 -11.88 -27.91 -42.56
N ARG E 95 -12.77 -27.31 -41.76
CA ARG E 95 -12.40 -26.12 -40.95
C ARG E 95 -12.02 -26.64 -39.56
N TYR E 96 -10.79 -26.36 -39.11
CA TYR E 96 -10.31 -26.92 -37.82
C TYR E 96 -10.47 -25.85 -36.78
N TYR E 97 -11.00 -26.22 -35.61
CA TYR E 97 -11.25 -25.26 -34.51
C TYR E 97 -10.60 -25.75 -33.25
N CYS E 98 -10.12 -24.85 -32.39
CA CYS E 98 -9.55 -25.23 -31.08
C CYS E 98 -10.44 -24.65 -29.98
N ALA E 99 -10.96 -25.51 -29.10
CA ALA E 99 -11.77 -25.07 -27.97
C ALA E 99 -11.04 -25.44 -26.69
N ARG E 100 -11.37 -24.78 -25.59
CA ARG E 100 -10.64 -25.04 -24.34
C ARG E 100 -11.62 -25.16 -23.16
N SER E 101 -11.38 -26.13 -22.29
CA SER E 101 -12.18 -26.26 -21.04
C SER E 101 -11.19 -25.91 -19.94
N LEU E 102 -11.65 -25.63 -18.72
CA LEU E 102 -10.67 -25.19 -17.70
C LEU E 102 -10.42 -26.34 -16.71
N TYR E 103 -9.16 -26.79 -16.59
CA TYR E 103 -8.75 -27.82 -15.59
C TYR E 103 -9.25 -29.21 -15.98
N PHE E 104 -10.50 -29.38 -16.37
CA PHE E 104 -11.03 -30.75 -16.61
C PHE E 104 -11.85 -30.78 -17.88
N TYR E 105 -12.00 -31.95 -18.50
CA TYR E 105 -12.76 -32.12 -19.76
C TYR E 105 -14.23 -32.23 -19.48
N SER E 106 -14.62 -32.34 -18.22
CA SER E 106 -16.02 -32.38 -17.84
C SER E 106 -16.62 -30.99 -17.66
N MET E 107 -15.82 -29.95 -17.83
CA MET E 107 -16.28 -28.58 -17.66
C MET E 107 -16.61 -27.96 -19.01
N ARG E 108 -17.14 -26.75 -18.95
CA ARG E 108 -17.62 -26.07 -20.16
C ARG E 108 -16.51 -25.91 -21.17
N MET E 109 -16.77 -26.31 -22.41
CA MET E 109 -15.87 -26.02 -23.51
C MET E 109 -16.48 -24.85 -24.27
N ASP E 110 -16.33 -23.65 -23.71
CA ASP E 110 -17.03 -22.47 -24.18
C ASP E 110 -16.13 -21.41 -24.79
N LEU E 111 -14.82 -21.64 -24.86
CA LEU E 111 -13.92 -20.73 -25.55
C LEU E 111 -13.43 -21.45 -26.81
N TRP E 112 -13.95 -21.02 -27.95
CA TRP E 112 -13.64 -21.55 -29.27
C TRP E 112 -12.84 -20.52 -30.06
N GLY E 113 -11.99 -21.02 -30.94
CA GLY E 113 -11.27 -20.17 -31.85
C GLY E 113 -12.02 -20.00 -33.16
N PRO E 114 -11.65 -18.97 -33.93
CA PRO E 114 -12.37 -18.71 -35.19
C PRO E 114 -12.27 -19.84 -36.19
N GLY E 115 -11.17 -20.57 -36.22
CA GLY E 115 -11.01 -21.70 -37.11
C GLY E 115 -10.13 -21.38 -38.31
N VAL E 116 -9.54 -22.45 -38.84
CA VAL E 116 -8.81 -22.40 -40.09
C VAL E 116 -9.32 -23.47 -41.04
N GLN F 3 -22.45 -43.57 -30.65
CA GLN F 3 -22.78 -43.56 -29.23
C GLN F 3 -23.89 -42.55 -28.94
N LEU F 4 -23.83 -41.39 -29.58
CA LEU F 4 -24.81 -40.33 -29.36
C LEU F 4 -25.70 -40.24 -30.59
N THR F 5 -26.99 -40.53 -30.41
CA THR F 5 -27.97 -40.47 -31.49
C THR F 5 -28.86 -39.26 -31.27
N GLN F 6 -28.82 -38.33 -32.22
CA GLN F 6 -29.61 -37.11 -32.14
C GLN F 6 -30.77 -37.16 -33.10
N SER F 7 -31.93 -36.72 -32.62
CA SER F 7 -33.15 -36.76 -33.43
C SER F 7 -33.96 -35.49 -33.25
N PRO F 8 -34.63 -35.00 -34.30
CA PRO F 8 -34.58 -35.47 -35.68
C PRO F 8 -33.39 -34.89 -36.44
N ALA F 9 -33.06 -35.43 -37.62
CA ALA F 9 -31.97 -34.87 -38.41
C ALA F 9 -32.27 -33.45 -38.85
N SER F 10 -33.52 -33.20 -39.25
CA SER F 10 -33.96 -31.87 -39.60
C SER F 10 -35.35 -31.66 -39.02
N LEU F 11 -35.72 -30.40 -38.84
CA LEU F 11 -37.02 -30.09 -38.26
C LEU F 11 -37.39 -28.66 -38.66
N ALA F 12 -38.54 -28.53 -39.33
CA ALA F 12 -39.03 -27.22 -39.71
C ALA F 12 -40.13 -26.78 -38.76
N ALA F 13 -39.98 -25.59 -38.20
CA ALA F 13 -40.95 -25.05 -37.26
C ALA F 13 -41.19 -23.58 -37.57
N SER F 14 -42.28 -23.05 -37.02
CA SER F 14 -42.68 -21.67 -37.25
C SER F 14 -42.36 -20.83 -36.02
N LEU F 15 -42.38 -19.52 -36.20
CA LEU F 15 -42.06 -18.61 -35.10
C LEU F 15 -43.09 -18.71 -33.99
N GLY F 16 -42.62 -18.69 -32.76
CA GLY F 16 -43.47 -18.78 -31.60
C GLY F 16 -43.78 -20.19 -31.15
N ASP F 17 -43.33 -21.21 -31.89
CA ASP F 17 -43.62 -22.58 -31.56
C ASP F 17 -42.66 -23.12 -30.50
N THR F 18 -42.88 -24.36 -30.11
CA THR F 18 -42.02 -25.07 -29.17
C THR F 18 -41.33 -26.22 -29.88
N VAL F 19 -40.02 -26.34 -29.69
CA VAL F 19 -39.18 -27.28 -30.43
C VAL F 19 -38.47 -28.19 -29.44
N SER F 20 -38.49 -29.49 -29.71
CA SER F 20 -37.80 -30.47 -28.88
C SER F 20 -36.80 -31.24 -29.72
N ILE F 21 -35.55 -31.28 -29.25
CA ILE F 21 -34.49 -32.05 -29.89
C ILE F 21 -33.99 -33.08 -28.88
N THR F 22 -33.93 -34.34 -29.28
CA THR F 22 -33.67 -35.44 -28.37
C THR F 22 -32.29 -36.02 -28.66
N CYS F 23 -31.59 -36.41 -27.61
CA CYS F 23 -30.33 -37.15 -27.71
C CYS F 23 -30.41 -38.40 -26.87
N ARG F 24 -29.91 -39.51 -27.41
CA ARG F 24 -29.91 -40.80 -26.73
C ARG F 24 -28.48 -41.33 -26.73
N ALA F 25 -28.01 -41.77 -25.58
CA ALA F 25 -26.64 -42.27 -25.47
C ALA F 25 -26.63 -43.80 -25.42
N SER F 26 -25.55 -44.39 -25.95
CA SER F 26 -25.42 -45.83 -25.94
C SER F 26 -25.34 -46.38 -24.52
N GLN F 27 -24.56 -45.73 -23.67
CA GLN F 27 -24.45 -46.09 -22.27
C GLN F 27 -24.84 -44.90 -21.41
N SER F 28 -24.76 -45.07 -20.10
CA SER F 28 -25.21 -44.06 -19.15
C SER F 28 -24.13 -43.01 -18.97
N ILE F 29 -24.41 -41.80 -19.41
CA ILE F 29 -23.59 -40.63 -19.12
C ILE F 29 -24.39 -39.77 -18.15
N SER F 30 -23.84 -39.55 -16.96
CA SER F 30 -24.59 -38.90 -15.88
C SER F 30 -24.45 -37.39 -16.02
N SER F 31 -25.45 -36.77 -16.62
CA SER F 31 -25.61 -35.31 -16.72
C SER F 31 -24.47 -34.62 -17.45
N SER F 32 -23.56 -35.36 -18.08
CA SER F 32 -22.43 -34.75 -18.79
C SER F 32 -22.77 -34.57 -20.27
N LEU F 33 -23.72 -33.67 -20.52
CA LEU F 33 -24.12 -33.33 -21.88
C LEU F 33 -24.14 -31.82 -22.04
N ALA F 34 -23.79 -31.38 -23.26
CA ALA F 34 -23.79 -29.97 -23.60
C ALA F 34 -24.50 -29.80 -24.94
N TRP F 35 -25.16 -28.66 -25.12
CA TRP F 35 -25.84 -28.34 -26.37
C TRP F 35 -25.18 -27.10 -26.98
N TYR F 36 -24.81 -27.19 -28.26
CA TYR F 36 -24.16 -26.11 -28.96
C TYR F 36 -25.03 -25.66 -30.13
N GLN F 37 -25.17 -24.35 -30.28
CA GLN F 37 -25.82 -23.76 -31.43
C GLN F 37 -24.77 -23.20 -32.37
N GLN F 38 -24.81 -23.62 -33.63
CA GLN F 38 -23.85 -23.19 -34.63
C GLN F 38 -24.59 -22.56 -35.79
N GLN F 39 -24.16 -21.38 -36.17
CA GLN F 39 -24.59 -20.74 -37.40
C GLN F 39 -23.54 -20.96 -38.48
N PRO F 40 -23.96 -21.03 -39.74
CA PRO F 40 -23.04 -21.45 -40.81
C PRO F 40 -21.74 -20.67 -40.88
N GLY F 41 -20.62 -21.40 -40.85
CA GLY F 41 -19.31 -20.82 -41.01
C GLY F 41 -18.72 -20.21 -39.75
N LYS F 42 -19.44 -20.25 -38.63
CA LYS F 42 -18.98 -19.65 -37.39
C LYS F 42 -18.71 -20.72 -36.35
N ALA F 43 -18.03 -20.32 -35.29
CA ALA F 43 -17.73 -21.25 -34.23
C ALA F 43 -18.99 -21.62 -33.46
N PRO F 44 -19.11 -22.84 -32.95
CA PRO F 44 -20.28 -23.19 -32.15
C PRO F 44 -20.33 -22.37 -30.87
N LYS F 45 -21.56 -22.13 -30.40
CA LYS F 45 -21.80 -21.32 -29.21
C LYS F 45 -22.57 -22.16 -28.21
N LEU F 46 -22.02 -22.27 -27.00
CA LEU F 46 -22.61 -23.14 -25.98
C LEU F 46 -23.93 -22.56 -25.49
N LEU F 47 -24.91 -23.44 -25.29
CA LEU F 47 -26.22 -23.05 -24.78
C LEU F 47 -26.48 -23.61 -23.39
N ILE F 48 -26.43 -24.93 -23.25
CA ILE F 48 -26.72 -25.62 -21.99
C ILE F 48 -25.59 -26.57 -21.70
N TYR F 49 -25.03 -26.48 -20.50
CA TYR F 49 -24.05 -27.44 -20.03
C TYR F 49 -24.59 -28.17 -18.81
N ALA F 50 -23.95 -29.29 -18.47
CA ALA F 50 -24.38 -30.15 -17.37
C ALA F 50 -25.81 -30.64 -17.57
N ALA F 51 -26.27 -30.57 -18.83
CA ALA F 51 -27.56 -31.07 -19.30
C ALA F 51 -28.73 -30.23 -18.84
N SER F 52 -28.50 -29.29 -17.90
CA SER F 52 -29.56 -28.44 -17.42
C SER F 52 -29.14 -27.01 -17.11
N SER F 53 -27.86 -26.68 -17.21
CA SER F 53 -27.36 -25.39 -16.76
C SER F 53 -27.30 -24.42 -17.93
N LEU F 54 -27.91 -23.26 -17.76
CA LEU F 54 -28.04 -22.27 -18.83
C LEU F 54 -26.84 -21.35 -18.81
N GLN F 55 -26.13 -21.29 -19.93
CA GLN F 55 -24.96 -20.43 -20.06
C GLN F 55 -25.36 -18.97 -19.97
N SER F 56 -24.49 -18.17 -19.38
CA SER F 56 -24.73 -16.73 -19.24
C SER F 56 -24.83 -16.06 -20.61
N GLY F 57 -25.83 -15.20 -20.74
CA GLY F 57 -26.10 -14.49 -21.98
C GLY F 57 -27.06 -15.20 -22.91
N VAL F 58 -27.41 -16.44 -22.60
CA VAL F 58 -28.35 -17.21 -23.42
C VAL F 58 -29.76 -16.94 -22.92
N PRO F 59 -30.71 -16.59 -23.79
CA PRO F 59 -32.07 -16.33 -23.34
C PRO F 59 -32.72 -17.56 -22.72
N SER F 60 -33.63 -17.33 -21.78
CA SER F 60 -34.27 -18.41 -21.05
C SER F 60 -35.25 -19.22 -21.88
N ARG F 61 -35.33 -18.97 -23.19
CA ARG F 61 -36.14 -19.81 -24.06
C ARG F 61 -35.60 -21.24 -24.08
N PHE F 62 -34.28 -21.38 -24.02
CA PHE F 62 -33.64 -22.68 -24.09
C PHE F 62 -33.65 -23.35 -22.72
N LYS F 63 -34.12 -24.59 -22.68
CA LYS F 63 -34.05 -25.41 -21.48
C LYS F 63 -33.56 -26.80 -21.85
N GLY F 64 -32.98 -27.49 -20.86
CA GLY F 64 -32.45 -28.82 -21.07
C GLY F 64 -32.87 -29.75 -19.94
N SER F 65 -32.98 -31.03 -20.29
CA SER F 65 -33.43 -32.02 -19.32
C SER F 65 -32.83 -33.37 -19.67
N GLY F 66 -32.79 -34.25 -18.69
CA GLY F 66 -32.32 -35.62 -18.87
C GLY F 66 -31.17 -35.94 -17.95
N SER F 67 -31.15 -37.21 -17.52
CA SER F 67 -30.10 -37.62 -16.60
C SER F 67 -29.17 -38.70 -17.15
N GLY F 68 -29.73 -39.87 -17.50
CA GLY F 68 -28.85 -40.99 -17.80
C GLY F 68 -28.52 -41.25 -19.26
N THR F 69 -29.55 -41.47 -20.09
CA THR F 69 -29.35 -41.77 -21.49
C THR F 69 -30.33 -41.05 -22.41
N ASP F 70 -31.29 -40.32 -21.87
CA ASP F 70 -32.24 -39.57 -22.68
C ASP F 70 -32.15 -38.11 -22.27
N PHE F 71 -31.89 -37.25 -23.25
CA PHE F 71 -31.72 -35.82 -23.02
C PHE F 71 -32.57 -35.05 -24.02
N THR F 72 -33.03 -33.89 -23.60
CA THR F 72 -33.94 -33.07 -24.39
C THR F 72 -33.52 -31.62 -24.30
N LEU F 73 -33.47 -30.96 -25.46
CA LEU F 73 -33.32 -29.52 -25.57
C LEU F 73 -34.64 -28.95 -26.07
N THR F 74 -35.24 -28.06 -25.28
CA THR F 74 -36.51 -27.45 -25.60
C THR F 74 -36.32 -25.96 -25.85
N ILE F 75 -36.80 -25.50 -26.99
CA ILE F 75 -36.81 -24.09 -27.34
C ILE F 75 -38.27 -23.65 -27.31
N SER F 76 -38.60 -22.79 -26.35
CA SER F 76 -39.96 -22.28 -26.20
C SER F 76 -40.00 -20.85 -26.69
N GLY F 77 -40.93 -20.57 -27.61
CA GLY F 77 -40.99 -19.25 -28.23
C GLY F 77 -39.89 -19.07 -29.25
N LEU F 78 -39.93 -19.88 -30.31
CA LEU F 78 -38.92 -19.82 -31.35
C LEU F 78 -38.89 -18.44 -31.99
N GLN F 79 -37.68 -17.95 -32.25
CA GLN F 79 -37.47 -16.64 -32.84
C GLN F 79 -36.62 -16.79 -34.09
N ALA F 80 -36.60 -15.72 -34.89
CA ALA F 80 -35.95 -15.78 -36.20
C ALA F 80 -34.45 -15.98 -36.08
N GLU F 81 -33.86 -15.60 -34.94
CA GLU F 81 -32.44 -15.77 -34.72
C GLU F 81 -32.07 -17.14 -34.19
N ASP F 82 -33.06 -18.01 -33.95
CA ASP F 82 -32.81 -19.37 -33.49
C ASP F 82 -32.70 -20.36 -34.63
N VAL F 83 -32.71 -19.90 -35.88
CA VAL F 83 -32.56 -20.77 -37.05
C VAL F 83 -31.07 -21.07 -37.19
N ALA F 84 -30.66 -22.26 -36.76
CA ALA F 84 -29.27 -22.67 -36.80
C ALA F 84 -29.20 -24.18 -36.64
N SER F 85 -27.99 -24.70 -36.64
CA SER F 85 -27.77 -26.11 -36.36
C SER F 85 -27.51 -26.32 -34.87
N TYR F 86 -27.91 -27.48 -34.36
CA TYR F 86 -27.77 -27.80 -32.95
C TYR F 86 -27.07 -29.14 -32.79
N TYR F 87 -26.05 -29.15 -31.94
CA TYR F 87 -25.23 -30.32 -31.71
C TYR F 87 -25.21 -30.66 -30.24
N CYS F 88 -25.07 -31.95 -29.94
CA CYS F 88 -24.97 -32.45 -28.58
C CYS F 88 -23.60 -33.05 -28.36
N LEU F 89 -22.96 -32.68 -27.25
CA LEU F 89 -21.61 -33.11 -26.92
C LEU F 89 -21.62 -33.86 -25.60
N GLN F 90 -21.02 -35.04 -25.59
CA GLN F 90 -20.76 -35.75 -24.34
C GLN F 90 -19.37 -35.41 -23.82
N GLN F 91 -19.25 -35.39 -22.49
CA GLN F 91 -17.98 -35.08 -21.84
C GLN F 91 -17.72 -36.10 -20.73
N ASN F 92 -17.98 -37.37 -21.00
CA ASN F 92 -17.82 -38.42 -20.00
C ASN F 92 -16.74 -39.43 -20.37
N SER F 93 -16.84 -40.05 -21.55
CA SER F 93 -15.90 -41.09 -21.95
C SER F 93 -14.75 -40.50 -22.74
N ALA F 94 -13.58 -41.13 -22.64
CA ALA F 94 -12.32 -40.56 -23.12
C ALA F 94 -12.37 -40.17 -24.59
N PRO F 95 -12.89 -41.02 -25.50
CA PRO F 95 -13.07 -40.48 -26.88
C PRO F 95 -14.33 -39.62 -26.99
N TYR F 96 -14.18 -38.36 -26.64
CA TYR F 96 -15.31 -37.43 -26.63
C TYR F 96 -15.85 -37.26 -28.04
N GLY F 97 -17.12 -36.91 -28.13
CA GLY F 97 -17.76 -36.84 -29.42
C GLY F 97 -19.00 -35.98 -29.48
N PHE F 98 -19.42 -35.65 -30.68
CA PHE F 98 -20.60 -34.84 -30.92
C PHE F 98 -21.74 -35.70 -31.41
N GLY F 99 -22.93 -35.10 -31.50
CA GLY F 99 -24.04 -35.74 -32.17
C GLY F 99 -24.00 -35.51 -33.67
N ALA F 100 -24.97 -36.11 -34.37
CA ALA F 100 -25.03 -35.96 -35.81
C ALA F 100 -25.35 -34.52 -36.20
N GLY F 101 -26.27 -33.89 -35.49
CA GLY F 101 -26.65 -32.52 -35.77
C GLY F 101 -28.08 -32.37 -36.23
N THR F 102 -28.77 -31.35 -35.74
CA THR F 102 -30.14 -31.06 -36.14
C THR F 102 -30.21 -29.67 -36.77
N LYS F 103 -30.84 -29.57 -37.93
CA LYS F 103 -31.02 -28.31 -38.62
C LYS F 103 -32.45 -27.82 -38.42
N LEU F 104 -32.58 -26.58 -37.98
CA LEU F 104 -33.86 -25.98 -37.63
C LEU F 104 -34.22 -24.92 -38.67
N GLU F 105 -35.42 -25.04 -39.23
CA GLU F 105 -35.88 -24.10 -40.25
C GLU F 105 -37.20 -23.47 -39.87
N GLN G 3 11.69 -39.70 37.62
CA GLN G 3 12.83 -40.61 37.56
C GLN G 3 12.87 -41.35 36.23
N LEU G 4 13.90 -41.07 35.44
CA LEU G 4 14.07 -41.65 34.12
C LEU G 4 15.28 -42.57 34.13
N THR G 5 15.08 -43.82 33.70
CA THR G 5 16.13 -44.82 33.66
C THR G 5 16.43 -45.14 32.20
N GLN G 6 17.66 -44.92 31.77
CA GLN G 6 18.08 -45.19 30.40
C GLN G 6 18.81 -46.54 30.40
N SER G 7 18.35 -47.46 29.55
CA SER G 7 18.68 -48.87 29.75
C SER G 7 20.12 -49.22 29.40
N PRO G 8 20.60 -49.03 28.15
CA PRO G 8 21.92 -49.59 27.80
C PRO G 8 23.07 -48.93 28.55
N ALA G 9 23.15 -47.60 28.53
CA ALA G 9 24.16 -46.79 29.21
C ALA G 9 25.53 -46.92 28.55
N SER G 10 25.62 -47.83 27.58
CA SER G 10 26.80 -48.02 26.75
C SER G 10 26.46 -49.08 25.72
N LEU G 11 26.94 -48.90 24.50
CA LEU G 11 26.65 -49.88 23.46
C LEU G 11 27.60 -49.69 22.30
N ALA G 12 28.17 -50.80 21.83
CA ALA G 12 29.08 -50.81 20.69
C ALA G 12 28.36 -51.45 19.52
N ALA G 13 28.28 -50.75 18.40
CA ALA G 13 27.59 -51.22 17.22
C ALA G 13 28.41 -50.88 15.99
N SER G 14 28.19 -51.65 14.93
CA SER G 14 28.91 -51.43 13.69
C SER G 14 28.06 -50.64 12.69
N LEU G 15 28.71 -50.18 11.63
CA LEU G 15 28.02 -49.45 10.59
C LEU G 15 26.92 -50.31 9.97
N GLY G 16 25.78 -49.69 9.69
CA GLY G 16 24.69 -50.39 9.05
C GLY G 16 23.81 -51.20 9.97
N ASP G 17 24.12 -51.26 11.26
CA ASP G 17 23.34 -52.05 12.18
C ASP G 17 22.19 -51.23 12.76
N THR G 18 21.28 -51.92 13.45
CA THR G 18 20.14 -51.30 14.10
C THR G 18 20.37 -51.24 15.60
N VAL G 19 20.14 -50.06 16.18
CA VAL G 19 20.45 -49.78 17.58
C VAL G 19 19.16 -49.38 18.28
N SER G 20 18.91 -49.97 19.44
CA SER G 20 17.74 -49.63 20.25
C SER G 20 18.18 -49.11 21.62
N ILE G 21 17.66 -47.94 21.97
CA ILE G 21 17.93 -47.32 23.27
C ILE G 21 16.59 -47.18 23.99
N THR G 22 16.55 -47.63 25.24
CA THR G 22 15.28 -47.74 25.96
C THR G 22 15.28 -46.82 27.18
N CYS G 23 14.18 -46.11 27.37
CA CYS G 23 13.96 -45.27 28.54
C CYS G 23 12.71 -45.75 29.28
N ARG G 24 12.79 -45.75 30.61
CA ARG G 24 11.70 -46.18 31.45
C ARG G 24 11.42 -45.10 32.49
N ALA G 25 10.14 -44.85 32.76
CA ALA G 25 9.72 -43.79 33.65
C ALA G 25 9.04 -44.37 34.88
N SER G 26 9.32 -43.78 36.04
CA SER G 26 8.74 -44.23 37.30
C SER G 26 7.22 -44.07 37.30
N GLN G 27 6.75 -42.93 36.80
CA GLN G 27 5.33 -42.66 36.66
C GLN G 27 4.95 -42.76 35.19
N SER G 28 3.69 -42.45 34.91
CA SER G 28 3.19 -42.42 33.55
C SER G 28 3.29 -41.01 33.01
N ILE G 29 4.07 -40.85 31.94
CA ILE G 29 4.19 -39.58 31.24
C ILE G 29 3.64 -39.83 29.84
N SER G 30 2.53 -39.17 29.51
CA SER G 30 1.81 -39.46 28.28
C SER G 30 2.53 -38.80 27.10
N SER G 31 3.45 -39.53 26.48
CA SER G 31 4.10 -39.11 25.24
C SER G 31 4.78 -37.74 25.38
N SER G 32 5.40 -37.51 26.53
CA SER G 32 6.12 -36.27 26.80
C SER G 32 7.61 -36.55 26.97
N LEU G 33 8.16 -37.37 26.11
CA LEU G 33 9.59 -37.66 26.10
C LEU G 33 10.22 -37.09 24.85
N ALA G 34 11.45 -36.59 25.00
CA ALA G 34 12.23 -36.10 23.89
C ALA G 34 13.59 -36.80 23.88
N TRP G 35 14.14 -36.96 22.68
CA TRP G 35 15.42 -37.63 22.47
C TRP G 35 16.39 -36.67 21.83
N TYR G 36 17.52 -36.46 22.51
CA TYR G 36 18.58 -35.53 22.13
C TYR G 36 19.84 -36.30 21.81
N GLN G 37 20.59 -35.79 20.83
CA GLN G 37 21.92 -36.29 20.50
C GLN G 37 22.95 -35.21 20.80
N GLN G 38 23.98 -35.57 21.56
CA GLN G 38 25.05 -34.65 21.89
C GLN G 38 26.39 -35.22 21.46
N GLN G 39 27.16 -34.42 20.75
CA GLN G 39 28.57 -34.66 20.50
C GLN G 39 29.40 -33.88 21.51
N PRO G 40 30.58 -34.38 21.85
CA PRO G 40 31.31 -33.81 22.99
C PRO G 40 31.59 -32.32 22.84
N GLY G 41 31.37 -31.59 23.93
CA GLY G 41 31.67 -30.17 23.97
C GLY G 41 30.78 -29.31 23.09
N LYS G 42 29.60 -29.81 22.74
CA LYS G 42 28.67 -29.08 21.88
C LYS G 42 27.27 -29.15 22.48
N ALA G 43 26.43 -28.20 22.07
CA ALA G 43 25.08 -28.15 22.57
C ALA G 43 24.27 -29.35 22.07
N PRO G 44 23.38 -29.87 22.89
CA PRO G 44 22.54 -31.00 22.46
C PRO G 44 21.64 -30.61 21.30
N LYS G 45 21.32 -31.63 20.49
CA LYS G 45 20.49 -31.46 19.31
C LYS G 45 19.26 -32.34 19.43
N LEU G 46 18.09 -31.74 19.25
CA LEU G 46 16.85 -32.49 19.32
C LEU G 46 16.72 -33.43 18.14
N LEU G 47 16.44 -34.70 18.43
CA LEU G 47 16.13 -35.69 17.41
C LEU G 47 14.65 -36.03 17.38
N ILE G 48 14.06 -36.34 18.53
CA ILE G 48 12.66 -36.76 18.59
C ILE G 48 11.96 -35.94 19.66
N TYR G 49 10.76 -35.47 19.36
CA TYR G 49 9.89 -34.86 20.35
C TYR G 49 8.52 -35.49 20.29
N ALA G 50 7.79 -35.39 21.39
CA ALA G 50 6.51 -36.05 21.61
C ALA G 50 6.61 -37.56 21.51
N ALA G 51 7.81 -38.12 21.64
CA ALA G 51 8.11 -39.55 21.68
C ALA G 51 7.96 -40.22 20.33
N SER G 52 7.43 -39.52 19.33
CA SER G 52 7.31 -40.09 18.00
C SER G 52 7.52 -39.11 16.85
N SER G 53 7.67 -37.82 17.11
CA SER G 53 7.75 -36.83 16.05
C SER G 53 9.21 -36.52 15.74
N LEU G 54 9.54 -36.49 14.45
CA LEU G 54 10.90 -36.30 14.00
C LEU G 54 11.14 -34.82 13.73
N GLN G 55 12.17 -34.27 14.36
CA GLN G 55 12.53 -32.88 14.16
C GLN G 55 12.96 -32.64 12.72
N SER G 56 12.62 -31.47 12.19
CA SER G 56 12.96 -31.13 10.81
C SER G 56 14.47 -31.10 10.64
N GLY G 57 14.95 -31.70 9.55
CA GLY G 57 16.37 -31.79 9.27
C GLY G 57 17.02 -33.07 9.74
N VAL G 58 16.39 -33.80 10.65
CA VAL G 58 16.92 -35.06 11.16
C VAL G 58 16.65 -36.17 10.15
N PRO G 59 17.62 -37.04 9.85
CA PRO G 59 17.38 -38.13 8.92
C PRO G 59 16.34 -39.11 9.46
N SER G 60 15.68 -39.80 8.53
CA SER G 60 14.63 -40.75 8.87
C SER G 60 15.18 -42.03 9.50
N ARG G 61 16.50 -42.18 9.61
CA ARG G 61 17.06 -43.33 10.32
C ARG G 61 16.62 -43.35 11.78
N PHE G 62 16.35 -42.20 12.36
CA PHE G 62 15.97 -42.08 13.76
C PHE G 62 14.46 -42.20 13.88
N LYS G 63 14.02 -43.14 14.71
CA LYS G 63 12.60 -43.37 14.94
C LYS G 63 12.35 -43.46 16.43
N GLY G 64 11.24 -42.91 16.89
CA GLY G 64 10.89 -42.99 18.29
C GLY G 64 9.56 -43.67 18.48
N SER G 65 9.39 -44.38 19.58
CA SER G 65 8.16 -45.12 19.81
C SER G 65 7.92 -45.23 21.30
N GLY G 66 6.68 -45.53 21.66
CA GLY G 66 6.34 -45.80 23.04
C GLY G 66 5.53 -44.71 23.71
N SER G 67 4.60 -45.10 24.55
CA SER G 67 3.83 -44.18 25.37
C SER G 67 3.75 -44.73 26.79
N GLY G 68 3.39 -43.88 27.73
CA GLY G 68 3.21 -44.31 29.12
C GLY G 68 4.53 -44.26 29.90
N THR G 69 5.13 -45.43 30.14
CA THR G 69 6.35 -45.52 30.93
C THR G 69 7.52 -46.10 30.15
N ASP G 70 7.30 -46.73 29.00
CA ASP G 70 8.36 -47.34 28.22
C ASP G 70 8.49 -46.61 26.90
N PHE G 71 9.72 -46.21 26.56
CA PHE G 71 10.00 -45.49 25.33
C PHE G 71 11.23 -46.07 24.67
N THR G 72 11.27 -46.00 23.35
CA THR G 72 12.38 -46.57 22.59
C THR G 72 12.80 -45.61 21.48
N LEU G 73 14.11 -45.50 21.29
CA LEU G 73 14.70 -44.78 20.17
C LEU G 73 15.48 -45.78 19.33
N THR G 74 15.13 -45.88 18.07
CA THR G 74 15.73 -46.83 17.15
C THR G 74 16.51 -46.10 16.06
N ILE G 75 17.76 -46.49 15.87
CA ILE G 75 18.60 -46.00 14.79
C ILE G 75 18.78 -47.15 13.83
N SER G 76 18.13 -47.07 12.66
CA SER G 76 18.23 -48.08 11.63
C SER G 76 19.19 -47.58 10.55
N GLY G 77 20.23 -48.37 10.28
CA GLY G 77 21.25 -47.94 9.37
C GLY G 77 22.22 -46.98 10.01
N LEU G 78 22.93 -47.44 11.03
CA LEU G 78 23.88 -46.61 11.75
C LEU G 78 24.97 -46.11 10.80
N GLN G 79 25.30 -44.83 10.93
CA GLN G 79 26.36 -44.21 10.15
C GLN G 79 27.37 -43.57 11.10
N ALA G 80 28.54 -43.23 10.56
CA ALA G 80 29.64 -42.72 11.37
C ALA G 80 29.32 -41.40 12.04
N GLU G 81 28.36 -40.64 11.52
CA GLU G 81 27.95 -39.40 12.16
C GLU G 81 27.01 -39.63 13.34
N ASP G 82 26.59 -40.87 13.57
CA ASP G 82 25.69 -41.20 14.67
C ASP G 82 26.42 -41.64 15.93
N VAL G 83 27.75 -41.56 15.94
CA VAL G 83 28.54 -41.91 17.11
C VAL G 83 28.54 -40.71 18.03
N ALA G 84 27.67 -40.72 19.03
CA ALA G 84 27.52 -39.62 19.97
C ALA G 84 26.74 -40.13 21.18
N SER G 85 26.55 -39.26 22.16
CA SER G 85 25.76 -39.57 23.35
C SER G 85 24.30 -39.23 23.11
N TYR G 86 23.43 -39.96 23.79
CA TYR G 86 21.99 -39.82 23.59
C TYR G 86 21.30 -39.65 24.94
N TYR G 87 20.42 -38.67 25.02
CA TYR G 87 19.75 -38.33 26.27
C TYR G 87 18.26 -38.29 26.07
N CYS G 88 17.52 -38.62 27.11
CA CYS G 88 16.07 -38.55 27.11
C CYS G 88 15.61 -37.49 28.11
N LEU G 89 14.80 -36.56 27.64
CA LEU G 89 14.26 -35.48 28.46
C LEU G 89 12.79 -35.73 28.72
N GLN G 90 12.39 -35.61 29.98
CA GLN G 90 10.99 -35.72 30.38
C GLN G 90 10.42 -34.32 30.59
N GLN G 91 9.30 -34.04 29.94
CA GLN G 91 8.69 -32.72 29.96
C GLN G 91 7.28 -32.77 30.50
N ASN G 92 7.06 -33.52 31.58
CA ASN G 92 5.72 -33.68 32.15
C ASN G 92 5.61 -33.10 33.55
N SER G 93 6.44 -33.53 34.49
CA SER G 93 6.33 -33.12 35.89
C SER G 93 7.15 -31.87 36.15
N ALA G 94 6.81 -31.20 37.25
CA ALA G 94 7.35 -29.86 37.53
C ALA G 94 8.87 -29.81 37.55
N PRO G 95 9.60 -30.69 38.26
CA PRO G 95 11.06 -30.73 38.07
C PRO G 95 11.42 -31.62 36.89
N TYR G 96 11.89 -31.00 35.82
CA TYR G 96 12.21 -31.72 34.60
C TYR G 96 13.61 -32.30 34.71
N GLY G 97 13.87 -33.33 33.91
CA GLY G 97 15.13 -34.03 34.04
C GLY G 97 15.49 -34.80 32.79
N PHE G 98 16.75 -35.19 32.72
CA PHE G 98 17.30 -35.97 31.63
C PHE G 98 17.55 -37.39 32.10
N GLY G 99 17.81 -38.27 31.14
CA GLY G 99 18.27 -39.59 31.47
C GLY G 99 19.75 -39.60 31.84
N ALA G 100 20.21 -40.76 32.29
CA ALA G 100 21.60 -40.90 32.69
C ALA G 100 22.54 -40.65 31.51
N GLY G 101 22.17 -41.16 30.35
CA GLY G 101 23.02 -40.94 29.18
C GLY G 101 23.54 -42.26 28.63
N THR G 102 23.36 -42.42 27.32
CA THR G 102 23.85 -43.59 26.62
C THR G 102 24.92 -43.18 25.62
N LYS G 103 26.09 -43.80 25.73
CA LYS G 103 27.23 -43.51 24.86
C LYS G 103 27.30 -44.58 23.79
N LEU G 104 27.19 -44.17 22.54
CA LEU G 104 27.21 -45.09 21.40
C LEU G 104 28.61 -45.12 20.79
N GLU G 105 29.20 -46.31 20.74
CA GLU G 105 30.57 -46.48 20.26
C GLU G 105 30.59 -47.50 19.15
N LEU G 106 31.76 -47.65 18.53
CA LEU G 106 31.94 -48.60 17.45
C LEU G 106 32.62 -49.88 17.94
N GLU H 2 -20.91 10.59 16.42
CA GLU H 2 -22.15 10.68 15.67
C GLU H 2 -23.11 11.64 16.37
N LYS H 3 -23.74 12.52 15.61
CA LYS H 3 -24.64 13.51 16.17
C LYS H 3 -25.89 13.62 15.30
N LEU H 4 -26.98 14.01 15.96
CA LEU H 4 -28.24 14.33 15.29
C LEU H 4 -28.67 15.70 15.77
N VAL H 5 -29.02 16.59 14.84
CA VAL H 5 -29.38 17.96 15.15
C VAL H 5 -30.77 18.26 14.59
N GLU H 6 -31.62 18.86 15.41
CA GLU H 6 -32.97 19.23 15.00
C GLU H 6 -33.04 20.72 14.71
N SER H 7 -33.83 21.07 13.71
CA SER H 7 -34.05 22.45 13.34
C SER H 7 -35.46 22.60 12.78
N GLY H 8 -35.87 23.85 12.61
CA GLY H 8 -37.15 24.13 12.00
C GLY H 8 -38.31 24.23 12.97
N GLY H 9 -38.02 24.62 14.20
CA GLY H 9 -39.04 24.84 15.21
C GLY H 9 -39.17 26.32 15.56
N GLY H 10 -40.18 26.61 16.34
CA GLY H 10 -40.44 27.97 16.75
C GLY H 10 -41.93 28.19 16.93
N LEU H 11 -42.35 29.44 16.78
CA LEU H 11 -43.72 29.84 17.04
C LEU H 11 -44.59 29.58 15.83
N VAL H 12 -45.77 29.02 16.08
CA VAL H 12 -46.75 28.70 15.04
C VAL H 12 -48.12 29.14 15.52
N GLN H 13 -48.89 29.70 14.61
CA GLN H 13 -50.28 30.01 14.92
C GLN H 13 -51.10 28.72 14.91
N PRO H 14 -52.12 28.62 15.76
CA PRO H 14 -52.96 27.43 15.75
C PRO H 14 -53.64 27.24 14.40
N GLY H 15 -53.74 25.98 13.99
CA GLY H 15 -54.17 25.67 12.65
C GLY H 15 -53.08 25.76 11.61
N GLY H 16 -51.87 26.12 12.01
CA GLY H 16 -50.78 26.29 11.07
C GLY H 16 -50.08 24.99 10.73
N SER H 17 -48.87 25.13 10.21
CA SER H 17 -48.06 23.99 9.83
C SER H 17 -46.59 24.27 10.12
N LEU H 18 -45.84 23.19 10.31
CA LEU H 18 -44.39 23.26 10.47
C LEU H 18 -43.74 22.06 9.81
N ARG H 19 -42.45 22.19 9.53
CA ARG H 19 -41.62 21.08 9.12
C ARG H 19 -40.37 21.08 9.97
N LEU H 20 -40.17 20.01 10.72
CA LEU H 20 -38.95 19.84 11.51
C LEU H 20 -37.99 18.97 10.75
N SER H 21 -36.70 19.27 10.90
CA SER H 21 -35.64 18.55 10.20
C SER H 21 -34.68 17.97 11.22
N CYS H 22 -34.30 16.73 11.01
CA CYS H 22 -33.31 16.03 11.82
C CYS H 22 -32.16 15.66 10.89
N VAL H 23 -31.02 16.30 11.08
CA VAL H 23 -29.84 16.13 10.24
C VAL H 23 -28.83 15.28 10.99
N GLY H 24 -28.27 14.29 10.32
CA GLY H 24 -27.32 13.38 10.92
C GLY H 24 -25.91 13.63 10.42
N SER H 25 -24.94 13.47 11.31
CA SER H 25 -23.53 13.61 10.98
C SER H 25 -22.93 12.23 10.79
N GLY H 26 -22.38 11.97 9.62
CA GLY H 26 -21.74 10.71 9.32
C GLY H 26 -22.01 10.31 7.89
N ILE H 27 -21.72 9.05 7.59
CA ILE H 27 -21.91 8.52 6.25
C ILE H 27 -22.94 7.38 6.25
N THR H 28 -23.24 6.82 7.40
CA THR H 28 -24.18 5.69 7.51
C THR H 28 -25.55 6.16 8.00
N PHE H 29 -26.17 7.05 7.22
CA PHE H 29 -27.51 7.53 7.54
C PHE H 29 -28.61 6.69 6.91
N SER H 30 -28.36 6.04 5.78
CA SER H 30 -29.36 5.16 5.19
C SER H 30 -29.64 3.96 6.08
N SER H 31 -28.77 3.67 7.04
CA SER H 31 -29.00 2.62 8.01
C SER H 31 -29.85 3.08 9.18
N TYR H 32 -30.07 4.38 9.32
CA TYR H 32 -30.81 4.92 10.44
C TYR H 32 -32.30 4.64 10.30
N VAL H 33 -32.93 4.24 11.38
CA VAL H 33 -34.38 4.19 11.50
C VAL H 33 -34.76 5.30 12.49
N VAL H 34 -35.45 6.32 12.00
CA VAL H 34 -35.55 7.60 12.69
C VAL H 34 -36.92 7.76 13.31
N SER H 35 -36.94 8.08 14.61
CA SER H 35 -38.18 8.26 15.36
C SER H 35 -38.24 9.68 15.90
N TRP H 36 -39.45 10.21 15.95
CA TRP H 36 -39.70 11.51 16.55
C TRP H 36 -40.47 11.34 17.85
N VAL H 37 -39.92 11.91 18.92
CA VAL H 37 -40.54 11.90 20.25
C VAL H 37 -40.81 13.34 20.63
N ARG H 38 -41.76 13.54 21.55
CA ARG H 38 -41.98 14.86 22.11
C ARG H 38 -42.28 14.75 23.60
N GLN H 39 -41.97 15.82 24.31
CA GLN H 39 -42.28 15.94 25.72
C GLN H 39 -43.02 17.25 25.94
N ALA H 40 -44.25 17.15 26.43
CA ALA H 40 -45.02 18.33 26.78
C ALA H 40 -44.52 18.89 28.10
N PRO H 41 -44.75 20.17 28.36
CA PRO H 41 -44.27 20.79 29.61
C PRO H 41 -45.02 20.29 30.84
N GLY H 42 -44.61 19.11 31.33
CA GLY H 42 -45.21 18.54 32.51
C GLY H 42 -45.72 17.13 32.30
N LYS H 43 -45.47 16.57 31.12
CA LYS H 43 -45.87 15.22 30.77
C LYS H 43 -44.63 14.40 30.42
N GLY H 44 -44.87 13.12 30.10
CA GLY H 44 -43.80 12.20 29.79
C GLY H 44 -43.47 12.16 28.32
N LEU H 45 -42.55 11.27 27.96
CA LEU H 45 -42.15 11.10 26.58
C LEU H 45 -43.29 10.47 25.78
N GLU H 46 -43.46 10.96 24.55
CA GLU H 46 -44.52 10.47 23.68
C GLU H 46 -43.92 10.18 22.31
N TRP H 47 -44.07 8.95 21.85
CA TRP H 47 -43.56 8.55 20.54
C TRP H 47 -44.58 8.94 19.48
N LEU H 48 -44.14 9.72 18.49
CA LEU H 48 -45.06 10.26 17.50
C LEU H 48 -45.01 9.52 16.17
N ALA H 49 -43.85 9.48 15.52
CA ALA H 49 -43.75 8.92 14.19
C ALA H 49 -42.40 8.25 14.01
N GLY H 50 -42.33 7.39 13.01
CA GLY H 50 -41.10 6.69 12.70
C GLY H 50 -40.96 6.38 11.24
N VAL H 51 -39.81 6.76 10.66
CA VAL H 51 -39.51 6.47 9.27
C VAL H 51 -38.43 5.39 9.24
N ASN H 52 -38.63 4.43 8.35
CA ASN H 52 -37.83 3.22 8.27
C ASN H 52 -36.99 3.27 7.00
N THR H 53 -36.10 2.30 6.84
CA THR H 53 -35.16 2.34 5.74
C THR H 53 -35.88 2.19 4.41
N VAL H 54 -35.25 2.71 3.35
CA VAL H 54 -35.88 2.80 2.05
C VAL H 54 -36.09 1.45 1.38
N SER H 55 -35.53 0.38 1.95
CA SER H 55 -35.69 -0.94 1.35
C SER H 55 -36.62 -1.84 2.16
N SER H 56 -37.38 -1.29 3.10
CA SER H 56 -38.18 -2.08 4.00
C SER H 56 -39.56 -2.35 3.40
N ILE H 57 -40.44 -2.91 4.23
CA ILE H 57 -41.82 -3.19 3.84
C ILE H 57 -42.72 -2.11 4.42
N SER H 58 -42.65 -1.93 5.74
CA SER H 58 -43.42 -0.88 6.41
C SER H 58 -42.58 0.39 6.48
N ARG H 59 -42.83 1.32 5.57
CA ARG H 59 -42.01 2.50 5.44
C ARG H 59 -42.22 3.52 6.55
N THR H 60 -43.47 3.79 6.94
CA THR H 60 -43.75 4.81 7.93
C THR H 60 -44.67 4.23 9.00
N ASP H 61 -44.53 4.75 10.22
CA ASP H 61 -45.38 4.38 11.34
C ASP H 61 -45.78 5.64 12.08
N TYR H 62 -47.03 5.70 12.53
CA TYR H 62 -47.55 6.87 13.24
C TYR H 62 -48.30 6.44 14.48
N ALA H 63 -48.25 7.30 15.50
CA ALA H 63 -49.08 7.12 16.67
C ALA H 63 -50.50 7.54 16.37
N ASP H 64 -51.45 6.95 17.11
CA ASP H 64 -52.86 7.22 16.87
C ASP H 64 -53.22 8.67 17.16
N SER H 65 -52.46 9.36 18.02
CA SER H 65 -52.76 10.74 18.35
C SER H 65 -52.39 11.71 17.24
N VAL H 66 -51.52 11.32 16.33
CA VAL H 66 -51.03 12.24 15.30
C VAL H 66 -51.23 11.64 13.92
N LYS H 67 -51.97 10.54 13.83
CA LYS H 67 -52.18 9.88 12.56
C LYS H 67 -53.13 10.69 11.68
N GLY H 68 -52.70 10.99 10.47
CA GLY H 68 -53.45 11.81 9.55
C GLY H 68 -53.11 13.28 9.61
N ARG H 69 -52.51 13.74 10.71
CA ARG H 69 -52.05 15.12 10.85
C ARG H 69 -50.56 15.26 10.57
N PHE H 70 -49.78 14.28 10.99
CA PHE H 70 -48.33 14.32 10.86
C PHE H 70 -47.88 13.39 9.75
N THR H 71 -46.84 13.80 9.04
CA THR H 71 -46.26 12.99 7.99
C THR H 71 -44.74 12.93 8.19
N ILE H 72 -44.18 11.74 8.04
CA ILE H 72 -42.74 11.55 8.20
C ILE H 72 -42.14 11.24 6.84
N SER H 73 -40.92 11.70 6.63
CA SER H 73 -40.27 11.51 5.34
C SER H 73 -38.76 11.51 5.53
N ARG H 74 -38.06 11.10 4.49
CA ARG H 74 -36.62 10.85 4.52
C ARG H 74 -35.97 11.41 3.27
N ASP H 75 -34.73 11.86 3.41
CA ASP H 75 -33.88 12.23 2.28
C ASP H 75 -32.46 11.78 2.62
N ASP H 76 -32.06 10.64 2.06
CA ASP H 76 -30.77 10.06 2.40
C ASP H 76 -29.63 10.84 1.76
N SER H 77 -29.87 11.43 0.59
CA SER H 77 -28.82 12.20 -0.07
C SER H 77 -28.41 13.41 0.77
N GLN H 78 -29.38 14.06 1.39
CA GLN H 78 -29.12 15.22 2.25
C GLN H 78 -29.00 14.86 3.72
N ASN H 79 -29.08 13.58 4.07
CA ASN H 79 -28.91 13.12 5.45
C ASN H 79 -29.94 13.73 6.38
N THR H 80 -31.21 13.74 5.99
CA THR H 80 -32.21 14.44 6.77
C THR H 80 -33.50 13.63 6.88
N ALA H 81 -34.12 13.69 8.04
CA ALA H 81 -35.46 13.16 8.27
C ALA H 81 -36.40 14.32 8.56
N TYR H 82 -37.52 14.37 7.87
CA TYR H 82 -38.47 15.47 7.99
C TYR H 82 -39.75 15.00 8.68
N LEU H 83 -40.24 15.85 9.57
CA LEU H 83 -41.55 15.66 10.22
C LEU H 83 -42.40 16.87 9.85
N GLN H 84 -43.38 16.66 8.98
CA GLN H 84 -44.30 17.72 8.60
C GLN H 84 -45.57 17.63 9.45
N MET H 85 -45.83 18.65 10.22
CA MET H 85 -46.98 18.70 11.12
C MET H 85 -47.99 19.71 10.61
N ASN H 86 -49.23 19.28 10.47
CA ASN H 86 -50.31 20.09 9.94
C ASN H 86 -51.44 20.15 10.95
N ALA H 87 -52.25 21.20 10.84
CA ALA H 87 -53.38 21.44 11.74
C ALA H 87 -52.92 21.46 13.19
N LEU H 88 -51.91 22.28 13.46
CA LEU H 88 -51.30 22.32 14.78
C LEU H 88 -52.28 22.86 15.82
N ARG H 89 -52.17 22.33 17.04
CA ARG H 89 -53.03 22.68 18.15
C ARG H 89 -52.18 23.18 19.30
N THR H 90 -52.85 23.64 20.36
CA THR H 90 -52.15 24.08 21.56
C THR H 90 -51.49 22.90 22.27
N GLU H 91 -52.11 21.73 22.19
CA GLU H 91 -51.55 20.54 22.83
C GLU H 91 -50.26 20.08 22.16
N ASP H 92 -49.94 20.60 20.98
CA ASP H 92 -48.71 20.26 20.27
C ASP H 92 -47.52 21.08 20.75
N THR H 93 -47.71 21.99 21.70
CA THR H 93 -46.62 22.76 22.27
C THR H 93 -45.77 21.84 23.13
N ALA H 94 -44.58 21.49 22.65
CA ALA H 94 -43.75 20.52 23.32
C ALA H 94 -42.33 20.63 22.79
N ARG H 95 -41.42 19.88 23.41
CA ARG H 95 -40.02 19.82 22.90
C ARG H 95 -39.90 18.58 22.01
N TYR H 96 -39.38 18.72 20.79
CA TYR H 96 -39.38 17.58 19.83
C TYR H 96 -37.98 17.02 19.72
N TYR H 97 -37.86 15.70 19.79
CA TYR H 97 -36.53 15.04 19.73
C TYR H 97 -36.53 14.02 18.64
N CYS H 98 -35.44 13.96 17.89
CA CYS H 98 -35.28 12.88 16.90
C CYS H 98 -34.30 11.86 17.48
N ALA H 99 -34.64 10.59 17.41
CA ALA H 99 -33.79 9.52 17.94
C ALA H 99 -33.57 8.52 16.81
N ARG H 100 -32.50 7.73 16.91
CA ARG H 100 -32.19 6.82 15.78
C ARG H 100 -31.86 5.41 16.29
N SER H 101 -32.39 4.41 15.61
CA SER H 101 -32.02 3.00 15.89
C SER H 101 -31.26 2.56 14.64
N LEU H 102 -30.62 1.40 14.63
CA LEU H 102 -29.79 1.06 13.46
C LEU H 102 -30.34 -0.16 12.73
N TYR H 103 -30.80 0.03 11.50
CA TYR H 103 -31.32 -1.06 10.63
C TYR H 103 -32.75 -1.43 11.01
N PHE H 104 -33.10 -1.58 12.29
CA PHE H 104 -34.44 -2.08 12.68
C PHE H 104 -34.95 -1.31 13.88
N TYR H 105 -36.26 -1.34 14.13
CA TYR H 105 -36.87 -0.60 15.27
C TYR H 105 -36.71 -1.40 16.55
N SER H 106 -36.21 -2.63 16.48
CA SER H 106 -36.00 -3.42 17.68
C SER H 106 -34.65 -3.17 18.31
N MET H 107 -33.77 -2.43 17.65
CA MET H 107 -32.43 -2.18 18.16
C MET H 107 -32.44 -0.97 19.09
N ARG H 108 -31.27 -0.67 19.64
CA ARG H 108 -31.17 0.38 20.64
C ARG H 108 -31.43 1.75 20.05
N MET H 109 -32.31 2.51 20.69
CA MET H 109 -32.54 3.91 20.34
C MET H 109 -31.68 4.79 21.26
N ASP H 110 -30.38 4.80 20.98
CA ASP H 110 -29.40 5.34 21.90
C ASP H 110 -28.69 6.60 21.39
N LEU H 111 -29.09 7.13 20.24
CA LEU H 111 -28.55 8.40 19.75
C LEU H 111 -29.70 9.39 19.62
N TRP H 112 -29.85 10.24 20.62
CA TRP H 112 -30.90 11.25 20.63
C TRP H 112 -30.34 12.61 20.25
N GLY H 113 -31.19 13.44 19.66
CA GLY H 113 -30.87 14.81 19.40
C GLY H 113 -31.09 15.67 20.63
N PRO H 114 -30.47 16.85 20.67
CA PRO H 114 -30.65 17.73 21.83
C PRO H 114 -32.08 18.21 22.03
N GLY H 115 -32.85 18.39 20.97
CA GLY H 115 -34.22 18.84 21.07
C GLY H 115 -34.45 20.18 20.38
N VAL H 116 -35.73 20.52 20.26
CA VAL H 116 -36.14 21.78 19.66
C VAL H 116 -37.60 22.04 19.98
N GLN I 3 -51.40 -0.19 26.83
CA GLN I 3 -50.32 -1.09 26.48
C GLN I 3 -49.33 -1.25 27.64
N LEU I 4 -48.60 -0.18 27.96
CA LEU I 4 -47.59 -0.23 29.00
C LEU I 4 -48.08 0.55 30.23
N THR I 5 -48.00 -0.09 31.40
CA THR I 5 -48.32 0.56 32.66
C THR I 5 -47.08 0.50 33.56
N GLN I 6 -46.60 1.67 33.95
CA GLN I 6 -45.48 1.77 34.89
C GLN I 6 -46.03 2.01 36.28
N SER I 7 -45.66 1.14 37.23
CA SER I 7 -46.45 1.01 38.46
C SER I 7 -46.29 2.16 39.44
N PRO I 8 -45.09 2.47 39.96
CA PRO I 8 -45.00 3.43 41.08
C PRO I 8 -45.48 4.83 40.72
N ALA I 9 -45.06 5.39 39.58
CA ALA I 9 -45.45 6.72 39.11
C ALA I 9 -44.89 7.82 40.01
N SER I 10 -44.26 7.43 41.11
CA SER I 10 -43.62 8.34 42.05
C SER I 10 -42.87 7.50 43.07
N LEU I 11 -41.78 8.04 43.58
CA LEU I 11 -40.98 7.26 44.51
C LEU I 11 -40.11 8.19 45.34
N ALA I 12 -39.88 7.78 46.60
CA ALA I 12 -39.06 8.53 47.55
C ALA I 12 -38.13 7.52 48.21
N ALA I 13 -36.87 7.55 47.84
CA ALA I 13 -35.86 6.66 48.39
C ALA I 13 -34.68 7.46 48.91
N SER I 14 -34.00 6.90 49.91
CA SER I 14 -32.84 7.54 50.48
C SER I 14 -31.57 7.01 49.84
N LEU I 15 -30.46 7.69 50.12
CA LEU I 15 -29.17 7.28 49.57
C LEU I 15 -28.82 5.89 50.04
N GLY I 16 -28.31 5.06 49.13
CA GLY I 16 -27.91 3.71 49.45
C GLY I 16 -29.02 2.69 49.47
N ASP I 17 -30.26 3.08 49.17
CA ASP I 17 -31.38 2.16 49.18
C ASP I 17 -31.48 1.40 47.86
N THR I 18 -32.36 0.40 47.85
CA THR I 18 -32.64 -0.37 46.65
C THR I 18 -34.02 0.00 46.12
N VAL I 19 -34.07 0.34 44.83
CA VAL I 19 -35.27 0.87 44.19
C VAL I 19 -35.71 -0.07 43.08
N SER I 20 -37.02 -0.35 43.05
CA SER I 20 -37.59 -1.23 42.03
C SER I 20 -38.72 -0.51 41.31
N ILE I 21 -38.59 -0.43 39.98
CA ILE I 21 -39.61 0.18 39.12
C ILE I 21 -40.10 -0.88 38.15
N THR I 22 -41.40 -1.16 38.16
CA THR I 22 -41.94 -2.26 37.39
C THR I 22 -42.83 -1.76 36.26
N CYS I 23 -42.77 -2.45 35.13
CA CYS I 23 -43.60 -2.20 33.97
C CYS I 23 -44.38 -3.46 33.62
N ARG I 24 -45.65 -3.28 33.26
CA ARG I 24 -46.55 -4.36 32.92
C ARG I 24 -47.14 -4.08 31.54
N ALA I 25 -47.10 -5.07 30.66
CA ALA I 25 -47.56 -4.89 29.30
C ALA I 25 -48.92 -5.56 29.09
N SER I 26 -49.71 -4.98 28.20
CA SER I 26 -51.02 -5.53 27.89
C SER I 26 -50.90 -6.91 27.24
N GLN I 27 -49.95 -7.07 26.33
CA GLN I 27 -49.68 -8.35 25.69
C GLN I 27 -48.18 -8.58 25.65
N SER I 28 -47.79 -9.84 25.52
CA SER I 28 -46.38 -10.22 25.56
C SER I 28 -45.59 -9.50 24.48
N ILE I 29 -44.45 -8.93 24.87
CA ILE I 29 -43.59 -8.21 23.94
C ILE I 29 -42.22 -8.86 23.82
N SER I 30 -41.96 -9.90 24.61
CA SER I 30 -40.83 -10.82 24.39
C SER I 30 -39.49 -10.10 24.43
N SER I 31 -39.16 -9.56 25.61
CA SER I 31 -37.85 -8.97 25.89
C SER I 31 -37.51 -7.82 24.96
N SER I 32 -38.51 -7.05 24.52
CA SER I 32 -38.30 -5.88 23.67
C SER I 32 -38.60 -4.61 24.42
N LEU I 33 -38.16 -4.52 25.68
CA LEU I 33 -38.42 -3.38 26.54
C LEU I 33 -37.11 -2.75 26.94
N ALA I 34 -37.04 -1.42 26.88
CA ALA I 34 -35.86 -0.66 27.21
C ALA I 34 -36.18 0.33 28.32
N TRP I 35 -35.17 0.62 29.15
CA TRP I 35 -35.30 1.56 30.25
C TRP I 35 -34.38 2.75 30.00
N TYR I 36 -34.97 3.94 30.06
CA TYR I 36 -34.30 5.22 29.85
C TYR I 36 -34.34 6.05 31.13
N GLN I 37 -33.30 6.84 31.33
CA GLN I 37 -33.23 7.80 32.42
C GLN I 37 -33.14 9.20 31.83
N GLN I 38 -34.02 10.08 32.28
CA GLN I 38 -34.07 11.45 31.78
C GLN I 38 -34.00 12.42 32.95
N GLN I 39 -33.08 13.36 32.86
CA GLN I 39 -32.99 14.49 33.76
C GLN I 39 -33.71 15.68 33.15
N PRO I 40 -34.22 16.60 33.97
CA PRO I 40 -35.09 17.67 33.46
C PRO I 40 -34.40 18.50 32.38
N GLY I 41 -35.10 18.67 31.26
CA GLY I 41 -34.61 19.50 30.17
C GLY I 41 -33.49 18.91 29.35
N LYS I 42 -33.26 17.61 29.43
CA LYS I 42 -32.18 16.97 28.71
C LYS I 42 -32.73 15.77 27.93
N ALA I 43 -31.98 15.35 26.92
CA ALA I 43 -32.40 14.22 26.12
C ALA I 43 -32.34 12.95 26.96
N PRO I 44 -33.26 12.00 26.74
CA PRO I 44 -33.23 10.75 27.52
C PRO I 44 -31.95 9.97 27.28
N LYS I 45 -31.53 9.26 28.33
CA LYS I 45 -30.34 8.43 28.27
C LYS I 45 -30.71 6.97 28.45
N LEU I 46 -30.28 6.13 27.51
CA LEU I 46 -30.63 4.73 27.53
C LEU I 46 -29.84 4.01 28.60
N LEU I 47 -30.54 3.25 29.44
CA LEU I 47 -29.92 2.45 30.49
C LEU I 47 -29.92 0.98 30.15
N ILE I 48 -31.09 0.39 29.91
CA ILE I 48 -31.23 -1.05 29.71
C ILE I 48 -31.90 -1.29 28.37
N TYR I 49 -31.37 -2.22 27.59
CA TYR I 49 -32.04 -2.65 26.38
C TYR I 49 -32.15 -4.17 26.37
N ALA I 50 -33.13 -4.67 25.63
CA ALA I 50 -33.50 -6.07 25.61
C ALA I 50 -33.90 -6.58 26.98
N ALA I 51 -34.29 -5.66 27.87
CA ALA I 51 -34.86 -5.93 29.18
C ALA I 51 -33.82 -6.44 30.18
N SER I 52 -32.62 -6.75 29.72
CA SER I 52 -31.57 -7.23 30.60
C SER I 52 -30.18 -6.71 30.27
N SER I 53 -29.95 -6.17 29.08
CA SER I 53 -28.61 -5.81 28.64
C SER I 53 -28.27 -4.40 29.10
N LEU I 54 -27.07 -4.24 29.65
CA LEU I 54 -26.64 -2.97 30.22
C LEU I 54 -25.94 -2.16 29.14
N GLN I 55 -26.38 -0.92 28.95
CA GLN I 55 -25.75 -0.04 27.99
C GLN I 55 -24.32 0.28 28.41
N SER I 56 -23.44 0.42 27.41
CA SER I 56 -22.06 0.73 27.69
C SER I 56 -21.93 2.09 28.37
N GLY I 57 -21.12 2.14 29.43
CA GLY I 57 -20.94 3.34 30.21
C GLY I 57 -21.92 3.51 31.34
N VAL I 58 -22.93 2.67 31.43
CA VAL I 58 -23.91 2.77 32.52
C VAL I 58 -23.40 1.96 33.71
N PRO I 59 -23.40 2.53 34.92
CA PRO I 59 -22.88 1.79 36.08
C PRO I 59 -23.71 0.55 36.37
N SER I 60 -23.04 -0.45 36.94
CA SER I 60 -23.64 -1.75 37.18
C SER I 60 -24.65 -1.75 38.32
N ARG I 61 -24.92 -0.59 38.93
CA ARG I 61 -25.99 -0.52 39.91
C ARG I 61 -27.35 -0.78 39.29
N PHE I 62 -27.47 -0.63 37.97
CA PHE I 62 -28.73 -0.81 37.26
C PHE I 62 -28.83 -2.24 36.75
N LYS I 63 -29.95 -2.90 37.04
CA LYS I 63 -30.18 -4.24 36.54
C LYS I 63 -31.61 -4.34 36.03
N GLY I 64 -31.79 -4.92 34.86
CA GLY I 64 -33.10 -5.15 34.29
C GLY I 64 -33.41 -6.63 34.30
N SER I 65 -34.68 -6.96 34.55
CA SER I 65 -35.07 -8.37 34.58
C SER I 65 -36.55 -8.49 34.29
N GLY I 66 -36.91 -9.34 33.35
CA GLY I 66 -38.31 -9.58 33.06
C GLY I 66 -38.48 -10.22 31.70
N SER I 67 -39.72 -10.58 31.40
CA SER I 67 -40.04 -11.21 30.14
C SER I 67 -41.55 -11.32 30.01
N GLY I 68 -42.02 -11.40 28.77
CA GLY I 68 -43.44 -11.48 28.53
C GLY I 68 -44.14 -10.17 28.79
N THR I 69 -44.87 -10.09 29.90
CA THR I 69 -45.62 -8.89 30.25
C THR I 69 -45.03 -8.13 31.43
N ASP I 70 -44.25 -8.78 32.30
CA ASP I 70 -43.73 -8.14 33.50
C ASP I 70 -42.23 -7.89 33.36
N PHE I 71 -41.81 -6.68 33.69
CA PHE I 71 -40.42 -6.26 33.67
C PHE I 71 -40.13 -5.39 34.88
N THR I 72 -38.89 -5.44 35.35
CA THR I 72 -38.47 -4.64 36.50
C THR I 72 -37.09 -4.06 36.25
N LEU I 73 -36.90 -2.83 36.73
CA LEU I 73 -35.62 -2.16 36.78
C LEU I 73 -35.25 -1.98 38.25
N THR I 74 -34.09 -2.48 38.64
CA THR I 74 -33.61 -2.42 40.01
C THR I 74 -32.36 -1.56 40.05
N ILE I 75 -32.37 -0.56 40.93
CA ILE I 75 -31.22 0.27 41.21
C ILE I 75 -30.73 -0.09 42.60
N SER I 76 -29.54 -0.68 42.68
CA SER I 76 -28.97 -1.09 43.95
C SER I 76 -27.88 -0.10 44.36
N GLY I 77 -28.00 0.42 45.58
CA GLY I 77 -27.06 1.42 46.04
C GLY I 77 -27.32 2.77 45.40
N LEU I 78 -28.48 3.36 45.68
CA LEU I 78 -28.88 4.60 45.05
C LEU I 78 -27.90 5.71 45.38
N GLN I 79 -27.56 6.50 44.35
CA GLN I 79 -26.64 7.61 44.47
C GLN I 79 -27.39 8.90 44.18
N ALA I 80 -26.73 10.03 44.41
CA ALA I 80 -27.36 11.33 44.23
C ALA I 80 -27.62 11.68 42.77
N GLU I 81 -26.86 11.10 41.84
CA GLU I 81 -27.06 11.34 40.43
C GLU I 81 -28.15 10.49 39.82
N ASP I 82 -28.72 9.56 40.58
CA ASP I 82 -29.80 8.72 40.12
C ASP I 82 -31.17 9.32 40.39
N VAL I 83 -31.22 10.55 40.87
CA VAL I 83 -32.49 11.25 41.10
C VAL I 83 -32.90 11.88 39.79
N ALA I 84 -33.88 11.28 39.12
CA ALA I 84 -34.34 11.73 37.82
C ALA I 84 -35.63 10.98 37.49
N SER I 85 -36.11 11.18 36.27
CA SER I 85 -37.27 10.43 35.80
C SER I 85 -36.82 9.20 35.02
N TYR I 86 -37.63 8.16 35.05
CA TYR I 86 -37.33 6.91 34.36
C TYR I 86 -38.51 6.50 33.50
N TYR I 87 -38.19 6.01 32.29
CA TYR I 87 -39.22 5.67 31.33
C TYR I 87 -38.94 4.29 30.78
N CYS I 88 -40.00 3.61 30.35
CA CYS I 88 -39.91 2.31 29.71
C CYS I 88 -40.46 2.42 28.29
N LEU I 89 -39.71 1.89 27.34
CA LEU I 89 -40.06 1.92 25.93
C LEU I 89 -40.26 0.50 25.43
N GLN I 90 -41.39 0.25 24.79
CA GLN I 90 -41.64 -1.03 24.14
C GLN I 90 -41.31 -0.91 22.66
N GLN I 91 -40.59 -1.91 22.15
CA GLN I 91 -40.17 -1.90 20.75
C GLN I 91 -40.64 -3.14 20.01
N ASN I 92 -41.90 -3.52 20.17
CA ASN I 92 -42.42 -4.73 19.55
C ASN I 92 -43.53 -4.43 18.53
N SER I 93 -44.59 -3.75 18.94
CA SER I 93 -45.73 -3.53 18.07
C SER I 93 -45.55 -2.25 17.25
N ALA I 94 -46.29 -2.18 16.15
CA ALA I 94 -46.05 -1.13 15.17
C ALA I 94 -46.16 0.28 15.73
N PRO I 95 -47.20 0.67 16.47
CA PRO I 95 -47.15 1.97 17.15
C PRO I 95 -46.39 1.84 18.46
N TYR I 96 -45.17 2.35 18.49
CA TYR I 96 -44.30 2.23 19.64
C TYR I 96 -44.66 3.30 20.67
N GLY I 97 -44.32 3.04 21.93
CA GLY I 97 -44.74 3.93 22.99
C GLY I 97 -43.87 3.82 24.21
N PHE I 98 -44.05 4.78 25.11
CA PHE I 98 -43.32 4.84 26.36
C PHE I 98 -44.25 4.53 27.53
N GLY I 99 -43.67 4.40 28.71
CA GLY I 99 -44.44 4.35 29.93
C GLY I 99 -44.82 5.74 30.40
N ALA I 100 -45.70 5.78 31.39
CA ALA I 100 -46.18 7.06 31.90
C ALA I 100 -45.11 7.86 32.61
N GLY I 101 -44.08 7.21 33.15
CA GLY I 101 -43.00 7.90 33.80
C GLY I 101 -42.99 7.75 35.30
N THR I 102 -41.82 7.50 35.88
CA THR I 102 -41.65 7.40 37.33
C THR I 102 -40.64 8.43 37.78
N LYS I 103 -41.00 9.23 38.77
CA LYS I 103 -40.14 10.27 39.31
C LYS I 103 -39.52 9.79 40.60
N LEU I 104 -38.19 9.78 40.65
CA LEU I 104 -37.45 9.32 41.82
C LEU I 104 -36.99 10.54 42.61
N GLU I 105 -37.34 10.57 43.88
CA GLU I 105 -37.02 11.70 44.75
C GLU I 105 -36.36 11.20 46.03
N LEU I 106 -35.73 12.13 46.75
CA LEU I 106 -35.09 11.81 48.01
C LEU I 106 -36.05 12.08 49.17
N LEU J 2 -10.01 -22.38 8.50
CA LEU J 2 -9.70 -23.79 8.39
C LEU J 2 -10.90 -24.62 8.83
N PHE J 3 -11.24 -25.63 8.02
CA PHE J 3 -12.45 -26.41 8.24
C PHE J 3 -12.18 -27.88 8.49
N GLY J 4 -10.91 -28.28 8.53
CA GLY J 4 -10.53 -29.61 8.95
C GLY J 4 -11.06 -30.73 8.09
N ALA J 5 -11.06 -30.55 6.77
CA ALA J 5 -11.50 -31.59 5.85
C ALA J 5 -10.43 -32.08 4.90
N ILE J 6 -9.66 -31.18 4.28
CA ILE J 6 -8.70 -31.59 3.27
C ILE J 6 -7.55 -32.37 3.92
N ALA J 7 -7.00 -31.84 5.00
CA ALA J 7 -6.02 -32.58 5.80
C ALA J 7 -6.60 -33.02 7.14
N GLY J 8 -7.93 -33.11 7.23
CA GLY J 8 -8.58 -33.43 8.48
C GLY J 8 -9.17 -34.82 8.50
N PHE J 9 -10.50 -34.93 8.62
CA PHE J 9 -11.09 -36.27 8.69
C PHE J 9 -10.99 -37.01 7.37
N ILE J 10 -10.73 -36.31 6.26
CA ILE J 10 -10.29 -36.93 5.02
C ILE J 10 -8.79 -36.69 4.91
N GLU J 11 -8.01 -37.76 5.05
CA GLU J 11 -6.58 -37.64 5.29
C GLU J 11 -5.76 -37.68 4.00
N GLY J 12 -6.40 -37.82 2.85
CA GLY J 12 -5.62 -37.90 1.62
C GLY J 12 -6.41 -37.64 0.36
N GLY J 13 -5.73 -37.15 -0.67
CA GLY J 13 -6.36 -36.91 -1.95
C GLY J 13 -6.38 -38.15 -2.81
N TRP J 14 -7.25 -38.12 -3.81
CA TRP J 14 -7.48 -39.23 -4.71
C TRP J 14 -6.93 -38.89 -6.08
N THR J 15 -5.90 -39.64 -6.51
CA THR J 15 -5.39 -39.45 -7.88
C THR J 15 -6.41 -40.08 -8.81
N GLY J 16 -7.16 -41.06 -8.30
CA GLY J 16 -8.23 -41.68 -9.11
C GLY J 16 -9.19 -40.61 -9.58
N MET J 17 -9.65 -39.74 -8.67
CA MET J 17 -10.51 -38.61 -9.10
C MET J 17 -9.73 -37.79 -10.13
N VAL J 18 -10.28 -37.62 -11.33
CA VAL J 18 -9.58 -36.87 -12.42
C VAL J 18 -10.62 -36.06 -13.20
N ASP J 19 -11.89 -36.14 -12.81
CA ASP J 19 -12.97 -35.44 -13.55
C ASP J 19 -13.36 -34.17 -12.77
N GLY J 20 -12.71 -33.93 -11.64
CA GLY J 20 -13.10 -32.78 -10.82
C GLY J 20 -12.17 -32.61 -9.67
N TRP J 21 -12.50 -31.66 -8.81
CA TRP J 21 -11.63 -31.30 -7.67
C TRP J 21 -12.17 -32.02 -6.46
N TYR J 22 -13.47 -31.91 -6.25
CA TYR J 22 -14.14 -32.60 -5.13
C TYR J 22 -15.06 -33.62 -5.77
N GLY J 23 -15.37 -34.72 -5.09
CA GLY J 23 -16.16 -35.80 -5.71
C GLY J 23 -16.50 -36.95 -4.80
N TYR J 24 -16.84 -38.11 -5.37
CA TYR J 24 -17.33 -39.26 -4.58
C TYR J 24 -16.77 -40.57 -5.06
N HIS J 25 -16.65 -41.55 -4.17
CA HIS J 25 -16.21 -42.93 -4.52
C HIS J 25 -17.23 -43.91 -3.94
N HIS J 26 -17.81 -44.78 -4.76
CA HIS J 26 -18.84 -45.74 -4.31
C HIS J 26 -18.32 -47.17 -4.39
N GLN J 27 -18.90 -48.05 -3.53
CA GLN J 27 -18.58 -49.50 -3.58
C GLN J 27 -19.88 -50.28 -3.44
N ASN J 28 -20.56 -50.53 -4.58
CA ASN J 28 -21.78 -51.32 -4.60
C ASN J 28 -21.46 -52.79 -4.78
N GLU J 29 -22.50 -53.58 -5.03
CA GLU J 29 -22.35 -54.92 -5.58
C GLU J 29 -22.22 -54.92 -7.10
N GLN J 30 -22.48 -53.79 -7.76
CA GLN J 30 -22.30 -53.66 -9.20
C GLN J 30 -20.91 -53.15 -9.58
N GLY J 31 -20.09 -52.78 -8.61
CA GLY J 31 -18.73 -52.36 -8.87
C GLY J 31 -18.37 -51.10 -8.11
N SER J 32 -17.10 -50.71 -8.27
CA SER J 32 -16.52 -49.54 -7.64
C SER J 32 -16.41 -48.42 -8.67
N GLY J 33 -16.23 -47.20 -8.19
CA GLY J 33 -15.98 -46.12 -9.11
C GLY J 33 -15.75 -44.80 -8.42
N TYR J 34 -15.14 -43.89 -9.18
CA TYR J 34 -14.99 -42.49 -8.80
C TYR J 34 -15.92 -41.64 -9.66
N ALA J 35 -16.38 -40.53 -9.09
CA ALA J 35 -17.27 -39.62 -9.82
C ALA J 35 -17.22 -38.25 -9.18
N ALA J 36 -16.83 -37.24 -9.95
CA ALA J 36 -16.68 -35.90 -9.40
C ALA J 36 -18.03 -35.20 -9.30
N ASP J 37 -18.14 -34.31 -8.31
CA ASP J 37 -19.28 -33.42 -8.19
C ASP J 37 -19.04 -32.23 -9.13
N LEU J 38 -19.74 -32.23 -10.26
CA LEU J 38 -19.48 -31.26 -11.31
C LEU J 38 -20.00 -29.86 -10.98
N LYS J 39 -21.12 -29.75 -10.25
CA LYS J 39 -21.64 -28.44 -9.91
C LYS J 39 -20.68 -27.67 -9.00
N SER J 40 -20.21 -28.34 -7.95
CA SER J 40 -19.26 -27.71 -7.03
C SER J 40 -17.98 -27.34 -7.75
N THR J 41 -17.47 -28.24 -8.59
CA THR J 41 -16.23 -27.97 -9.29
C THR J 41 -16.37 -26.80 -10.26
N GLN J 42 -17.49 -26.74 -10.98
CA GLN J 42 -17.70 -25.64 -11.92
C GLN J 42 -17.82 -24.30 -11.19
N ASN J 43 -18.56 -24.29 -10.08
CA ASN J 43 -18.69 -23.06 -9.31
C ASN J 43 -17.35 -22.60 -8.76
N ALA J 44 -16.56 -23.55 -8.25
CA ALA J 44 -15.23 -23.21 -7.73
C ALA J 44 -14.31 -22.68 -8.82
N ILE J 45 -14.37 -23.29 -10.01
CA ILE J 45 -13.53 -22.84 -11.11
C ILE J 45 -13.91 -21.42 -11.51
N ASP J 46 -15.21 -21.15 -11.60
CA ASP J 46 -15.63 -19.79 -11.94
C ASP J 46 -15.17 -18.78 -10.91
N LYS J 47 -15.33 -19.09 -9.62
CA LYS J 47 -14.93 -18.16 -8.58
C LYS J 47 -13.43 -17.91 -8.56
N ILE J 48 -12.63 -18.97 -8.70
CA ILE J 48 -11.18 -18.80 -8.71
C ILE J 48 -10.69 -18.08 -9.96
N THR J 49 -11.31 -18.32 -11.12
CA THR J 49 -10.98 -17.56 -12.30
C THR J 49 -11.27 -16.07 -12.09
N ASN J 50 -12.40 -15.77 -11.45
CA ASN J 50 -12.71 -14.39 -11.12
C ASN J 50 -11.68 -13.80 -10.17
N LYS J 51 -11.22 -14.61 -9.21
CA LYS J 51 -10.21 -14.15 -8.25
C LYS J 51 -8.91 -13.79 -8.95
N VAL J 52 -8.45 -14.66 -9.85
CA VAL J 52 -7.22 -14.40 -10.61
C VAL J 52 -7.37 -13.17 -11.49
N ASN J 53 -8.53 -13.04 -12.15
CA ASN J 53 -8.78 -11.86 -12.97
C ASN J 53 -8.80 -10.57 -12.17
N SER J 54 -9.40 -10.60 -10.96
CA SER J 54 -9.38 -9.45 -10.07
C SER J 54 -7.99 -9.09 -9.59
N VAL J 55 -7.15 -10.08 -9.28
CA VAL J 55 -5.75 -9.80 -9.00
C VAL J 55 -5.04 -9.16 -10.17
N ILE J 56 -5.25 -9.66 -11.39
CA ILE J 56 -4.67 -9.06 -12.58
C ILE J 56 -5.17 -7.64 -12.83
N GLU J 57 -6.48 -7.40 -12.78
CA GLU J 57 -7.06 -6.13 -13.20
C GLU J 57 -6.69 -4.97 -12.30
N LYS J 58 -6.12 -5.24 -11.12
CA LYS J 58 -5.83 -4.19 -10.17
C LYS J 58 -4.46 -3.55 -10.38
N MET J 59 -3.52 -4.26 -10.99
CA MET J 59 -2.19 -3.71 -11.21
C MET J 59 -2.21 -2.69 -12.34
N ASN J 60 -2.93 -2.97 -13.42
CA ASN J 60 -3.03 -2.03 -14.53
C ASN J 60 -4.46 -1.54 -14.71
N ALA J 65 9.13 3.31 -17.50
CA ALA J 65 9.69 4.65 -17.61
C ALA J 65 11.20 4.61 -17.72
N VAL J 66 11.81 5.76 -18.02
CA VAL J 66 13.25 5.85 -18.16
C VAL J 66 13.80 6.76 -17.06
N GLY J 67 15.13 6.84 -16.96
CA GLY J 67 15.78 7.65 -15.97
C GLY J 67 16.04 9.07 -16.46
N LYS J 68 16.39 9.93 -15.52
CA LYS J 68 16.75 11.31 -15.79
C LYS J 68 18.21 11.52 -15.41
N GLU J 69 18.86 12.45 -16.09
CA GLU J 69 20.27 12.73 -15.87
C GLU J 69 20.43 14.11 -15.23
N PHE J 70 21.35 14.20 -14.27
CA PHE J 70 21.62 15.42 -13.53
C PHE J 70 23.11 15.67 -13.54
N ASN J 71 23.52 16.93 -13.49
CA ASN J 71 24.93 17.26 -13.41
C ASN J 71 25.38 17.23 -11.95
N HIS J 72 26.64 17.56 -11.71
CA HIS J 72 27.21 17.45 -10.38
C HIS J 72 26.66 18.49 -9.41
N LEU J 73 26.00 19.53 -9.90
CA LEU J 73 25.42 20.56 -9.05
C LEU J 73 23.92 20.36 -8.86
N GLU J 74 23.45 19.14 -9.07
CA GLU J 74 22.06 18.79 -8.76
C GLU J 74 21.98 17.47 -8.00
N LYS J 75 22.85 17.37 -6.97
CA LYS J 75 22.88 16.09 -6.22
C LYS J 75 21.61 15.99 -5.37
N ARG J 76 21.06 17.07 -4.87
CA ARG J 76 19.85 17.05 -4.07
C ARG J 76 18.66 16.53 -4.88
N ILE J 77 18.49 17.02 -6.10
CA ILE J 77 17.39 16.59 -6.94
C ILE J 77 17.55 15.14 -7.38
N GLU J 78 18.78 14.71 -7.65
CA GLU J 78 19.04 13.31 -7.96
C GLU J 78 18.71 12.41 -6.78
N ASN J 79 19.06 12.82 -5.57
CA ASN J 79 18.70 12.05 -4.39
C ASN J 79 17.19 12.02 -4.19
N LEU J 80 16.50 13.12 -4.47
CA LEU J 80 15.04 13.10 -4.41
C LEU J 80 14.44 12.11 -5.40
N ASN J 81 14.96 12.10 -6.63
CA ASN J 81 14.48 11.16 -7.64
C ASN J 81 14.72 9.72 -7.22
N LYS J 82 15.92 9.45 -6.71
CA LYS J 82 16.25 8.10 -6.25
C LYS J 82 15.34 7.67 -5.10
N LYS J 83 15.10 8.59 -4.15
CA LYS J 83 14.19 8.30 -3.06
C LYS J 83 12.80 7.97 -3.55
N VAL J 84 12.27 8.74 -4.51
CA VAL J 84 10.94 8.47 -5.04
C VAL J 84 10.89 7.09 -5.68
N ASP J 85 11.89 6.77 -6.51
CA ASP J 85 11.90 5.49 -7.19
C ASP J 85 11.98 4.32 -6.22
N ASP J 86 12.88 4.40 -5.24
CA ASP J 86 13.02 3.31 -4.28
C ASP J 86 11.77 3.16 -3.41
N GLY J 87 11.16 4.27 -3.00
CA GLY J 87 9.96 4.19 -2.20
C GLY J 87 8.83 3.51 -2.93
N PHE J 88 8.61 3.90 -4.18
CA PHE J 88 7.56 3.25 -4.97
C PHE J 88 7.86 1.78 -5.20
N LEU J 89 9.12 1.46 -5.46
CA LEU J 89 9.51 0.06 -5.65
C LEU J 89 9.23 -0.77 -4.41
N ASP J 90 9.58 -0.25 -3.23
CA ASP J 90 9.35 -0.97 -1.99
C ASP J 90 7.86 -1.17 -1.74
N ILE J 91 7.06 -0.12 -1.96
CA ILE J 91 5.62 -0.22 -1.74
C ILE J 91 5.01 -1.28 -2.65
N TRP J 92 5.40 -1.28 -3.92
CA TRP J 92 4.80 -2.23 -4.85
C TRP J 92 5.25 -3.65 -4.60
N THR J 93 6.51 -3.85 -4.26
CA THR J 93 6.97 -5.18 -3.86
C THR J 93 6.19 -5.70 -2.67
N TYR J 94 6.03 -4.86 -1.65
CA TYR J 94 5.29 -5.26 -0.45
C TYR J 94 3.85 -5.61 -0.79
N ASN J 95 3.21 -4.80 -1.64
CA ASN J 95 1.83 -5.06 -2.01
C ASN J 95 1.70 -6.38 -2.73
N ALA J 96 2.59 -6.66 -3.67
CA ALA J 96 2.50 -7.91 -4.44
C ALA J 96 2.67 -9.12 -3.54
N GLU J 97 3.71 -9.10 -2.69
CA GLU J 97 3.91 -10.23 -1.78
C GLU J 97 2.71 -10.44 -0.86
N LEU J 98 2.20 -9.35 -0.27
CA LEU J 98 1.11 -9.50 0.69
C LEU J 98 -0.14 -10.02 0.01
N LEU J 99 -0.44 -9.51 -1.19
CA LEU J 99 -1.62 -9.96 -1.91
C LEU J 99 -1.53 -11.45 -2.20
N VAL J 100 -0.37 -11.91 -2.69
CA VAL J 100 -0.24 -13.34 -3.00
C VAL J 100 -0.39 -14.18 -1.74
N LEU J 101 0.28 -13.77 -0.66
CA LEU J 101 0.26 -14.55 0.57
C LEU J 101 -1.15 -14.69 1.13
N LEU J 102 -1.90 -13.59 1.15
CA LEU J 102 -3.26 -13.67 1.69
C LEU J 102 -4.18 -14.44 0.75
N GLU J 103 -4.04 -14.23 -0.56
CA GLU J 103 -4.95 -14.85 -1.51
C GLU J 103 -4.78 -16.37 -1.50
N ASN J 104 -3.55 -16.85 -1.27
CA ASN J 104 -3.31 -18.28 -1.22
C ASN J 104 -4.04 -18.94 -0.06
N GLU J 105 -3.95 -18.35 1.13
CA GLU J 105 -4.72 -18.89 2.25
C GLU J 105 -6.21 -18.86 1.98
N ARG J 106 -6.70 -17.77 1.40
CA ARG J 106 -8.13 -17.70 1.16
C ARG J 106 -8.57 -18.79 0.18
N THR J 107 -7.77 -19.06 -0.85
CA THR J 107 -8.09 -20.12 -1.80
C THR J 107 -8.11 -21.50 -1.13
N LEU J 108 -7.08 -21.77 -0.30
CA LEU J 108 -7.03 -23.08 0.36
C LEU J 108 -8.20 -23.28 1.30
N ASP J 109 -8.57 -22.24 2.06
CA ASP J 109 -9.73 -22.32 2.92
C ASP J 109 -11.02 -22.47 2.12
N TYR J 110 -11.10 -21.86 0.95
CA TYR J 110 -12.26 -22.03 0.08
C TYR J 110 -12.43 -23.48 -0.33
N HIS J 111 -11.33 -24.13 -0.71
CA HIS J 111 -11.40 -25.54 -1.09
C HIS J 111 -11.79 -26.42 0.09
N ASP J 112 -11.22 -26.13 1.26
CA ASP J 112 -11.58 -26.88 2.47
C ASP J 112 -13.07 -26.76 2.78
N SER J 113 -13.59 -25.54 2.66
CA SER J 113 -15.02 -25.31 2.89
C SER J 113 -15.87 -26.09 1.91
N ASN J 114 -15.45 -26.14 0.65
CA ASN J 114 -16.21 -26.90 -0.34
C ASN J 114 -16.27 -28.37 0.01
N VAL J 115 -15.14 -28.96 0.38
CA VAL J 115 -15.13 -30.39 0.75
C VAL J 115 -16.01 -30.63 1.97
N LYS J 116 -15.89 -29.79 3.00
CA LYS J 116 -16.68 -29.99 4.20
C LYS J 116 -18.17 -29.84 3.91
N ASN J 117 -18.54 -28.87 3.07
CA ASN J 117 -19.94 -28.69 2.73
C ASN J 117 -20.49 -29.88 1.98
N LEU J 118 -19.69 -30.48 1.09
CA LEU J 118 -20.13 -31.70 0.42
C LEU J 118 -20.37 -32.83 1.40
N TYR J 119 -19.46 -32.99 2.37
CA TYR J 119 -19.66 -34.01 3.40
C TYR J 119 -20.92 -33.73 4.21
N GLU J 120 -21.15 -32.48 4.58
CA GLU J 120 -22.34 -32.11 5.35
C GLU J 120 -23.62 -32.40 4.57
N LYS J 121 -23.62 -32.08 3.27
CA LYS J 121 -24.80 -32.28 2.46
C LYS J 121 -25.13 -33.76 2.33
N VAL J 122 -24.11 -34.60 2.17
CA VAL J 122 -24.37 -36.04 2.06
C VAL J 122 -24.85 -36.60 3.40
N ARG J 123 -24.26 -36.12 4.49
CA ARG J 123 -24.68 -36.59 5.82
C ARG J 123 -26.12 -36.22 6.14
N ASN J 124 -26.51 -34.97 5.90
CA ASN J 124 -27.86 -34.52 6.22
C ASN J 124 -28.90 -35.19 5.36
N GLN J 125 -28.48 -35.88 4.31
CA GLN J 125 -29.34 -36.64 3.43
C GLN J 125 -29.44 -38.11 3.82
N LEU J 126 -28.32 -38.72 4.20
CA LEU J 126 -28.39 -40.12 4.60
C LEU J 126 -29.01 -40.29 5.98
N LYS J 127 -28.69 -39.39 6.92
CA LYS J 127 -29.13 -39.53 8.31
C LYS J 127 -28.75 -40.89 8.90
N ASN J 128 -29.71 -41.57 9.52
CA ASN J 128 -29.41 -42.80 10.24
C ASN J 128 -29.43 -44.05 9.36
N ASN J 129 -29.76 -43.92 8.08
CA ASN J 129 -29.69 -45.05 7.17
C ASN J 129 -28.26 -45.47 6.85
N ALA J 130 -27.26 -44.68 7.23
CA ALA J 130 -25.87 -45.01 7.00
C ALA J 130 -25.10 -44.78 8.29
N LYS J 131 -23.87 -45.26 8.32
CA LYS J 131 -23.00 -45.11 9.49
C LYS J 131 -21.71 -44.42 9.08
N GLU J 132 -21.35 -43.36 9.80
CA GLU J 132 -20.10 -42.64 9.59
C GLU J 132 -18.94 -43.51 10.04
N ILE J 133 -18.14 -43.97 9.08
CA ILE J 133 -16.93 -44.69 9.43
C ILE J 133 -15.94 -43.75 10.09
N GLY J 134 -15.83 -42.52 9.59
CA GLY J 134 -15.01 -41.52 10.23
C GLY J 134 -13.89 -40.99 9.35
N ASN J 135 -13.52 -41.77 8.33
CA ASN J 135 -12.46 -41.40 7.41
C ASN J 135 -13.00 -40.56 6.26
N GLY J 136 -14.31 -40.43 6.15
CA GLY J 136 -14.91 -39.70 5.08
C GLY J 136 -16.08 -40.40 4.42
N CYS J 137 -16.28 -41.67 4.79
CA CYS J 137 -17.29 -42.54 4.15
C CYS J 137 -18.47 -42.91 5.05
N PHE J 138 -19.54 -43.51 4.49
CA PHE J 138 -20.70 -44.02 5.16
C PHE J 138 -20.91 -45.44 4.69
N GLU J 139 -21.22 -46.33 5.62
CA GLU J 139 -21.60 -47.70 5.29
C GLU J 139 -23.12 -47.80 5.37
N PHE J 140 -23.75 -48.00 4.22
CA PHE J 140 -25.20 -48.06 4.17
C PHE J 140 -25.71 -49.28 4.93
N TYR J 141 -26.82 -49.10 5.66
CA TYR J 141 -27.47 -50.22 6.30
C TYR J 141 -28.43 -50.94 5.37
N HIS J 142 -28.58 -50.47 4.15
CA HIS J 142 -29.42 -51.12 3.15
C HIS J 142 -28.62 -51.36 1.87
N LYS J 143 -29.06 -52.34 1.11
CA LYS J 143 -28.42 -52.77 -0.13
C LYS J 143 -29.10 -52.04 -1.27
N CYS J 144 -28.57 -50.89 -1.64
CA CYS J 144 -29.15 -50.07 -2.70
C CYS J 144 -28.10 -49.79 -3.76
N ASP J 145 -28.55 -49.84 -5.02
CA ASP J 145 -27.70 -50.00 -6.20
C ASP J 145 -27.23 -48.66 -6.75
N ASN J 146 -26.77 -48.66 -8.02
CA ASN J 146 -26.29 -47.45 -8.68
C ASN J 146 -27.33 -46.35 -8.71
N THR J 147 -28.62 -46.69 -8.81
CA THR J 147 -29.66 -45.68 -8.74
C THR J 147 -29.62 -44.94 -7.41
N CYS J 148 -29.35 -45.66 -6.33
CA CYS J 148 -29.17 -45.05 -5.02
C CYS J 148 -28.09 -43.99 -5.01
N MET J 149 -26.90 -44.33 -5.50
CA MET J 149 -25.81 -43.37 -5.41
C MET J 149 -25.99 -42.23 -6.40
N GLU J 150 -26.60 -42.50 -7.55
CA GLU J 150 -27.02 -41.40 -8.42
C GLU J 150 -27.93 -40.44 -7.67
N SER J 151 -28.89 -40.97 -6.91
CA SER J 151 -29.81 -40.11 -6.17
C SER J 151 -29.08 -39.32 -5.11
N VAL J 152 -28.14 -39.95 -4.41
CA VAL J 152 -27.39 -39.25 -3.37
C VAL J 152 -26.56 -38.13 -3.99
N LYS J 153 -25.91 -38.40 -5.12
CA LYS J 153 -25.12 -37.37 -5.78
C LYS J 153 -25.98 -36.22 -6.28
N ASN J 154 -27.13 -36.54 -6.88
CA ASN J 154 -28.04 -35.47 -7.33
C ASN J 154 -28.60 -34.67 -6.17
N GLY J 155 -28.92 -35.34 -5.07
CA GLY J 155 -29.53 -34.67 -3.95
C GLY J 155 -31.00 -35.01 -3.84
N THR J 156 -31.39 -36.15 -4.39
CA THR J 156 -32.79 -36.56 -4.44
C THR J 156 -32.95 -37.90 -3.74
N TYR J 157 -32.23 -38.09 -2.65
CA TYR J 157 -32.32 -39.33 -1.88
C TYR J 157 -33.67 -39.47 -1.22
N ASP J 158 -34.16 -40.70 -1.16
CA ASP J 158 -35.49 -41.01 -0.62
C ASP J 158 -35.31 -41.77 0.69
N TYR J 159 -35.20 -41.02 1.78
CA TYR J 159 -35.08 -41.63 3.11
C TYR J 159 -36.26 -42.53 3.48
N PRO J 160 -37.52 -42.15 3.28
CA PRO J 160 -38.61 -43.08 3.65
C PRO J 160 -38.56 -44.39 2.88
N LYS J 161 -38.01 -44.38 1.67
CA LYS J 161 -37.99 -45.59 0.85
C LYS J 161 -37.20 -46.71 1.52
N TYR J 162 -36.06 -46.37 2.13
CA TYR J 162 -35.21 -47.37 2.75
C TYR J 162 -35.23 -47.31 4.27
N SER J 163 -36.09 -46.49 4.86
CA SER J 163 -36.07 -46.31 6.31
C SER J 163 -36.38 -47.60 7.03
N GLU J 164 -37.38 -48.35 6.54
CA GLU J 164 -37.74 -49.62 7.17
C GLU J 164 -36.67 -50.67 6.93
N GLU J 165 -36.19 -50.77 5.69
CA GLU J 165 -35.19 -51.79 5.36
C GLU J 165 -33.90 -51.57 6.14
N ALA J 166 -33.49 -50.32 6.30
CA ALA J 166 -32.28 -50.00 7.03
C ALA J 166 -32.42 -50.18 8.53
N LYS J 167 -33.65 -50.29 9.04
CA LYS J 167 -33.86 -50.43 10.48
C LYS J 167 -33.52 -51.81 11.01
N LEU J 168 -33.85 -52.87 10.26
CA LEU J 168 -33.53 -54.21 10.73
C LEU J 168 -32.03 -54.43 10.83
N ASN J 169 -31.27 -53.96 9.86
CA ASN J 169 -29.83 -54.16 9.86
C ASN J 169 -29.10 -53.27 10.85
N ARG J 170 -29.75 -52.23 11.35
CA ARG J 170 -29.12 -51.29 12.26
C ARG J 170 -29.09 -51.82 13.68
N LEU K 2 -16.36 -20.16 3.41
CA LEU K 2 -17.81 -20.15 3.51
C LEU K 2 -18.32 -21.24 4.45
N PHE K 3 -19.49 -21.01 5.03
CA PHE K 3 -20.08 -21.91 6.00
C PHE K 3 -21.32 -22.59 5.47
N GLY K 4 -21.65 -22.39 4.20
CA GLY K 4 -22.67 -23.14 3.52
C GLY K 4 -24.06 -23.06 4.12
N ALA K 5 -24.47 -21.87 4.56
CA ALA K 5 -25.80 -21.71 5.14
C ALA K 5 -26.68 -20.68 4.45
N ILE K 6 -26.16 -19.51 4.07
CA ILE K 6 -27.03 -18.47 3.53
C ILE K 6 -27.51 -18.85 2.14
N ALA K 7 -26.62 -19.35 1.29
CA ALA K 7 -27.02 -19.94 0.02
C ALA K 7 -26.92 -21.45 0.04
N GLY K 8 -26.68 -22.05 1.20
CA GLY K 8 -26.46 -23.48 1.31
C GLY K 8 -27.70 -24.25 1.66
N PHE K 9 -27.74 -24.86 2.85
CA PHE K 9 -28.90 -25.66 3.21
C PHE K 9 -30.12 -24.81 3.55
N ILE K 10 -29.96 -23.51 3.75
CA ILE K 10 -31.06 -22.56 3.76
C ILE K 10 -31.01 -21.80 2.45
N GLU K 11 -31.97 -22.06 1.57
CA GLU K 11 -31.86 -21.69 0.17
C GLU K 11 -32.47 -20.34 -0.16
N GLY K 12 -33.03 -19.63 0.82
CA GLY K 12 -33.67 -18.37 0.53
C GLY K 12 -33.81 -17.53 1.78
N GLY K 13 -34.03 -16.23 1.56
CA GLY K 13 -34.24 -15.29 2.63
C GLY K 13 -35.72 -15.05 2.86
N TRP K 14 -36.01 -14.42 4.00
CA TRP K 14 -37.38 -14.21 4.45
C TRP K 14 -37.67 -12.71 4.43
N THR K 15 -38.53 -12.29 3.51
CA THR K 15 -39.01 -10.93 3.48
C THR K 15 -39.96 -10.63 4.64
N GLY K 16 -40.63 -11.66 5.18
CA GLY K 16 -41.54 -11.45 6.28
C GLY K 16 -40.86 -11.24 7.62
N MET K 17 -39.56 -11.50 7.70
CA MET K 17 -38.79 -11.23 8.92
C MET K 17 -38.25 -9.82 8.82
N VAL K 18 -38.91 -8.89 9.51
CA VAL K 18 -38.61 -7.47 9.42
C VAL K 18 -38.09 -6.93 10.75
N ASP K 19 -37.53 -7.77 11.61
CA ASP K 19 -37.14 -7.30 12.96
C ASP K 19 -35.67 -7.58 13.21
N GLY K 20 -35.03 -8.32 12.33
CA GLY K 20 -33.60 -8.51 12.46
C GLY K 20 -33.02 -9.17 11.23
N TRP K 21 -31.75 -9.55 11.35
CA TRP K 21 -31.05 -10.20 10.24
C TRP K 21 -31.18 -11.71 10.28
N TYR K 22 -31.21 -12.30 11.47
CA TYR K 22 -31.32 -13.72 11.68
C TYR K 22 -32.50 -13.96 12.61
N GLY K 23 -33.19 -15.08 12.43
CA GLY K 23 -34.34 -15.35 13.27
C GLY K 23 -34.95 -16.71 12.99
N TYR K 24 -36.16 -16.88 13.50
CA TYR K 24 -36.90 -18.13 13.44
C TYR K 24 -38.29 -17.88 12.87
N HIS K 25 -38.85 -18.93 12.27
CA HIS K 25 -40.25 -18.98 11.86
C HIS K 25 -40.84 -20.22 12.52
N HIS K 26 -41.97 -20.05 13.20
CA HIS K 26 -42.54 -21.16 13.94
C HIS K 26 -43.98 -21.44 13.51
N GLN K 27 -44.37 -22.71 13.64
CA GLN K 27 -45.68 -23.19 13.23
C GLN K 27 -46.19 -24.13 14.30
N ASN K 28 -47.06 -23.63 15.18
CA ASN K 28 -47.67 -24.39 16.26
C ASN K 28 -49.15 -24.62 15.95
N GLU K 29 -49.87 -25.15 16.93
CA GLU K 29 -51.32 -25.24 16.84
C GLU K 29 -51.99 -23.92 17.16
N GLN K 30 -51.30 -23.00 17.84
CA GLN K 30 -51.86 -21.70 18.18
C GLN K 30 -51.29 -20.56 17.34
N GLY K 31 -50.86 -20.83 16.11
CA GLY K 31 -50.52 -19.78 15.19
C GLY K 31 -49.13 -19.97 14.62
N SER K 32 -48.78 -19.05 13.71
CA SER K 32 -47.47 -19.03 13.07
C SER K 32 -46.85 -17.66 13.26
N GLY K 33 -45.65 -17.45 12.75
CA GLY K 33 -45.02 -16.15 12.79
C GLY K 33 -43.51 -16.21 12.75
N TYR K 34 -42.91 -15.08 12.37
CA TYR K 34 -41.47 -14.87 12.41
C TYR K 34 -41.08 -14.10 13.68
N ALA K 35 -39.85 -14.31 14.11
CA ALA K 35 -39.31 -13.62 15.27
C ALA K 35 -37.79 -13.61 15.15
N ALA K 36 -37.20 -12.42 15.16
CA ALA K 36 -35.77 -12.31 14.98
C ALA K 36 -35.01 -12.60 16.27
N ASP K 37 -33.78 -13.08 16.12
CA ASP K 37 -32.86 -13.25 17.24
C ASP K 37 -32.18 -11.90 17.47
N LEU K 38 -32.56 -11.23 18.56
CA LEU K 38 -32.11 -9.86 18.77
C LEU K 38 -30.66 -9.80 19.22
N LYS K 39 -30.21 -10.78 19.99
CA LYS K 39 -28.84 -10.76 20.47
C LYS K 39 -27.84 -10.88 19.32
N SER K 40 -28.05 -11.86 18.44
CA SER K 40 -27.16 -12.04 17.30
C SER K 40 -27.19 -10.83 16.39
N THR K 41 -28.38 -10.29 16.11
CA THR K 41 -28.50 -9.15 15.23
C THR K 41 -27.80 -7.93 15.81
N GLN K 42 -27.97 -7.70 17.11
CA GLN K 42 -27.35 -6.54 17.75
C GLN K 42 -25.83 -6.66 17.76
N ASN K 43 -25.32 -7.86 18.06
CA ASN K 43 -23.87 -8.06 18.03
C ASN K 43 -23.32 -7.84 16.63
N ALA K 44 -24.02 -8.36 15.62
CA ALA K 44 -23.58 -8.17 14.25
C ALA K 44 -23.58 -6.71 13.86
N ILE K 45 -24.63 -5.97 14.25
CA ILE K 45 -24.70 -4.56 13.92
C ILE K 45 -23.56 -3.80 14.56
N ASP K 46 -23.27 -4.10 15.84
CA ASP K 46 -22.16 -3.44 16.51
C ASP K 46 -20.84 -3.71 15.81
N LYS K 47 -20.59 -4.97 15.45
CA LYS K 47 -19.32 -5.33 14.82
C LYS K 47 -19.16 -4.69 13.45
N ILE K 48 -20.24 -4.68 12.66
CA ILE K 48 -20.15 -4.10 11.32
C ILE K 48 -20.01 -2.59 11.39
N THR K 49 -20.68 -1.96 12.36
CA THR K 49 -20.50 -0.53 12.56
C THR K 49 -19.05 -0.22 12.93
N ASN K 50 -18.46 -1.05 13.79
CA ASN K 50 -17.06 -0.88 14.13
C ASN K 50 -16.17 -1.04 12.91
N LYS K 51 -16.50 -1.99 12.04
CA LYS K 51 -15.77 -2.21 10.80
C LYS K 51 -15.79 -0.97 9.92
N VAL K 52 -16.98 -0.40 9.72
CA VAL K 52 -17.12 0.79 8.88
C VAL K 52 -16.32 1.95 9.48
N ASN K 53 -16.41 2.12 10.80
CA ASN K 53 -15.68 3.18 11.46
C ASN K 53 -14.18 3.01 11.29
N SER K 54 -13.68 1.78 11.43
CA SER K 54 -12.25 1.54 11.24
C SER K 54 -11.82 1.86 9.82
N VAL K 55 -12.64 1.46 8.84
CA VAL K 55 -12.29 1.71 7.44
C VAL K 55 -12.20 3.21 7.19
N ILE K 56 -13.19 3.97 7.65
CA ILE K 56 -13.18 5.41 7.35
C ILE K 56 -12.12 6.13 8.17
N GLU K 57 -11.78 5.65 9.36
CA GLU K 57 -10.79 6.33 10.18
C GLU K 57 -9.37 5.95 9.80
N LYS K 58 -9.18 4.88 9.03
CA LYS K 58 -7.83 4.51 8.61
C LYS K 58 -7.27 5.46 7.56
N MET K 59 -8.13 6.14 6.79
CA MET K 59 -7.63 7.05 5.76
C MET K 59 -7.10 8.34 6.37
N ASN K 60 -7.98 9.12 6.98
CA ASN K 60 -7.61 10.39 7.63
C ASN K 60 -6.90 11.33 6.66
N ALA K 65 -3.43 20.91 -1.22
CA ALA K 65 -3.12 20.02 -2.33
C ALA K 65 -3.37 20.71 -3.67
N VAL K 66 -2.43 21.55 -4.09
CA VAL K 66 -2.53 22.29 -5.34
C VAL K 66 -1.35 21.91 -6.22
N GLY K 67 -1.33 22.49 -7.42
CA GLY K 67 -0.30 22.22 -8.40
C GLY K 67 0.79 23.26 -8.36
N LYS K 68 1.98 22.88 -8.82
CA LYS K 68 3.10 23.79 -8.93
C LYS K 68 3.34 24.18 -10.38
N GLU K 69 4.11 25.25 -10.58
CA GLU K 69 4.38 25.79 -11.89
C GLU K 69 5.87 25.75 -12.15
N PHE K 70 6.25 25.29 -13.34
CA PHE K 70 7.64 25.19 -13.76
C PHE K 70 7.76 25.78 -15.16
N ASN K 71 8.83 26.53 -15.40
CA ASN K 71 9.01 27.07 -16.73
C ASN K 71 9.65 26.03 -17.64
N HIS K 72 9.99 26.44 -18.86
CA HIS K 72 10.41 25.50 -19.88
C HIS K 72 11.79 24.90 -19.59
N LEU K 73 12.52 25.42 -18.62
CA LEU K 73 13.84 24.91 -18.29
C LEU K 73 13.85 24.09 -17.00
N GLU K 74 12.68 23.73 -16.48
CA GLU K 74 12.56 22.79 -15.38
C GLU K 74 11.60 21.68 -15.74
N LYS K 75 11.77 21.11 -16.93
CA LYS K 75 10.96 19.97 -17.33
C LYS K 75 11.24 18.73 -16.51
N ARG K 76 12.48 18.53 -16.05
CA ARG K 76 12.79 17.37 -15.22
C ARG K 76 12.09 17.43 -13.88
N ILE K 77 12.06 18.60 -13.25
CA ILE K 77 11.35 18.75 -11.98
C ILE K 77 9.86 18.56 -12.18
N GLU K 78 9.33 19.07 -13.30
CA GLU K 78 7.93 18.89 -13.61
C GLU K 78 7.58 17.41 -13.80
N ASN K 79 8.43 16.66 -14.49
CA ASN K 79 8.22 15.24 -14.65
C ASN K 79 8.35 14.50 -13.33
N LEU K 80 9.25 14.94 -12.44
CA LEU K 80 9.36 14.33 -11.13
C LEU K 80 8.09 14.56 -10.30
N ASN K 81 7.55 15.78 -10.36
CA ASN K 81 6.31 16.08 -9.66
C ASN K 81 5.16 15.25 -10.20
N LYS K 82 5.10 15.08 -11.53
CA LYS K 82 4.04 14.27 -12.16
C LYS K 82 4.21 12.82 -11.73
N LYS K 83 5.44 12.34 -11.69
CA LYS K 83 5.68 10.97 -11.25
C LYS K 83 5.21 10.76 -9.82
N VAL K 84 5.52 11.69 -8.93
CA VAL K 84 5.11 11.56 -7.54
C VAL K 84 3.59 11.53 -7.44
N ASP K 85 2.93 12.47 -8.11
CA ASP K 85 1.47 12.52 -8.03
C ASP K 85 0.83 11.26 -8.59
N ASP K 86 1.28 10.81 -9.76
CA ASP K 86 0.70 9.63 -10.38
C ASP K 86 0.94 8.39 -9.53
N GLY K 87 2.14 8.23 -8.97
CA GLY K 87 2.41 7.07 -8.16
C GLY K 87 1.56 7.01 -6.91
N PHE K 88 1.43 8.15 -6.22
CA PHE K 88 0.58 8.16 -5.04
C PHE K 88 -0.87 7.89 -5.41
N LEU K 89 -1.33 8.43 -6.53
CA LEU K 89 -2.70 8.18 -6.97
C LEU K 89 -2.93 6.70 -7.23
N ASP K 90 -2.00 6.05 -7.93
CA ASP K 90 -2.13 4.63 -8.20
C ASP K 90 -2.14 3.81 -6.92
N ILE K 91 -1.24 4.12 -5.99
CA ILE K 91 -1.16 3.36 -4.76
C ILE K 91 -2.45 3.49 -3.96
N TRP K 92 -2.98 4.71 -3.86
CA TRP K 92 -4.16 4.91 -3.04
C TRP K 92 -5.40 4.29 -3.68
N THR K 93 -5.50 4.37 -5.02
CA THR K 93 -6.60 3.69 -5.70
C THR K 93 -6.54 2.18 -5.46
N TYR K 94 -5.35 1.60 -5.60
CA TYR K 94 -5.16 0.17 -5.35
C TYR K 94 -5.59 -0.18 -3.93
N ASN K 95 -5.16 0.61 -2.96
CA ASN K 95 -5.48 0.33 -1.57
C ASN K 95 -6.99 0.37 -1.32
N ALA K 96 -7.67 1.38 -1.87
CA ALA K 96 -9.11 1.49 -1.68
C ALA K 96 -9.84 0.29 -2.27
N GLU K 97 -9.53 -0.06 -3.52
CA GLU K 97 -10.21 -1.20 -4.13
C GLU K 97 -9.94 -2.49 -3.39
N LEU K 98 -8.68 -2.74 -3.01
CA LEU K 98 -8.36 -3.96 -2.29
C LEU K 98 -9.09 -4.03 -0.95
N LEU K 99 -9.12 -2.93 -0.20
CA LEU K 99 -9.78 -2.92 1.08
C LEU K 99 -11.26 -3.24 0.93
N VAL K 100 -11.94 -2.60 -0.01
CA VAL K 100 -13.37 -2.84 -0.18
C VAL K 100 -13.63 -4.28 -0.60
N LEU K 101 -12.83 -4.78 -1.55
CA LEU K 101 -13.05 -6.14 -2.04
C LEU K 101 -12.87 -7.17 -0.95
N LEU K 102 -11.81 -7.04 -0.13
CA LEU K 102 -11.59 -8.03 0.91
C LEU K 102 -12.63 -7.92 2.02
N GLU K 103 -12.99 -6.68 2.40
CA GLU K 103 -13.92 -6.50 3.50
C GLU K 103 -15.30 -7.02 3.14
N ASN K 104 -15.70 -6.89 1.88
CA ASN K 104 -17.03 -7.37 1.49
C ASN K 104 -17.14 -8.88 1.65
N GLU K 105 -16.11 -9.60 1.19
CA GLU K 105 -16.08 -11.05 1.35
C GLU K 105 -16.07 -11.43 2.81
N ARG K 106 -15.28 -10.75 3.62
CA ARG K 106 -15.21 -11.08 5.04
C ARG K 106 -16.55 -10.84 5.72
N THR K 107 -17.24 -9.76 5.36
CA THR K 107 -18.54 -9.45 5.95
C THR K 107 -19.58 -10.50 5.59
N LEU K 108 -19.62 -10.91 4.32
CA LEU K 108 -20.57 -11.94 3.92
C LEU K 108 -20.29 -13.25 4.64
N ASP K 109 -19.02 -13.62 4.77
CA ASP K 109 -18.68 -14.83 5.53
C ASP K 109 -19.10 -14.69 6.99
N TYR K 110 -18.96 -13.50 7.57
CA TYR K 110 -19.36 -13.28 8.96
C TYR K 110 -20.85 -13.52 9.14
N HIS K 111 -21.67 -12.99 8.24
CA HIS K 111 -23.11 -13.21 8.35
C HIS K 111 -23.47 -14.68 8.18
N ASP K 112 -22.82 -15.36 7.23
CA ASP K 112 -23.07 -16.78 7.04
C ASP K 112 -22.72 -17.57 8.30
N SER K 113 -21.63 -17.20 8.96
CA SER K 113 -21.24 -17.82 10.22
C SER K 113 -22.30 -17.59 11.30
N ASN K 114 -22.86 -16.38 11.35
CA ASN K 114 -23.91 -16.12 12.32
C ASN K 114 -25.11 -17.04 12.13
N VAL K 115 -25.54 -17.21 10.88
CA VAL K 115 -26.67 -18.09 10.59
C VAL K 115 -26.34 -19.54 10.98
N LYS K 116 -25.15 -19.99 10.60
CA LYS K 116 -24.75 -21.36 10.90
C LYS K 116 -24.68 -21.62 12.40
N ASN K 117 -24.12 -20.67 13.14
CA ASN K 117 -24.01 -20.83 14.59
C ASN K 117 -25.38 -20.83 15.25
N LEU K 118 -26.31 -19.99 14.76
CA LEU K 118 -27.67 -20.04 15.29
C LEU K 118 -28.30 -21.41 15.05
N TYR K 119 -28.16 -21.95 13.84
CA TYR K 119 -28.70 -23.26 13.54
C TYR K 119 -28.09 -24.33 14.44
N GLU K 120 -26.77 -24.30 14.64
CA GLU K 120 -26.12 -25.27 15.50
C GLU K 120 -26.59 -25.16 16.94
N LYS K 121 -26.84 -23.95 17.44
CA LYS K 121 -27.22 -23.81 18.86
C LYS K 121 -28.66 -24.28 19.03
N VAL K 122 -29.49 -24.07 18.02
CA VAL K 122 -30.85 -24.62 18.13
C VAL K 122 -30.83 -26.14 18.03
N ARG K 123 -29.97 -26.68 17.16
CA ARG K 123 -29.91 -28.13 16.99
C ARG K 123 -29.37 -28.81 18.23
N ASN K 124 -28.37 -28.22 18.89
CA ASN K 124 -27.76 -28.82 20.07
C ASN K 124 -28.70 -28.88 21.26
N GLN K 125 -29.82 -28.14 21.23
CA GLN K 125 -30.80 -28.15 22.32
C GLN K 125 -31.81 -29.28 22.16
N LEU K 126 -32.51 -29.32 21.04
CA LEU K 126 -33.57 -30.30 20.85
C LEU K 126 -33.06 -31.72 20.86
N LYS K 127 -31.92 -31.97 20.22
CA LYS K 127 -31.26 -33.27 20.18
C LYS K 127 -32.24 -34.29 19.59
N ASN K 128 -32.62 -35.34 20.31
CA ASN K 128 -33.46 -36.40 19.77
C ASN K 128 -34.92 -36.04 19.70
N ASN K 129 -35.33 -34.91 20.29
CA ASN K 129 -36.74 -34.55 20.37
C ASN K 129 -37.28 -33.94 19.09
N ALA K 130 -36.46 -33.74 18.08
CA ALA K 130 -36.90 -33.15 16.84
C ALA K 130 -36.22 -33.86 15.69
N LYS K 131 -36.85 -33.78 14.52
CA LYS K 131 -36.28 -34.29 13.28
C LYS K 131 -35.74 -33.13 12.46
N GLU K 132 -34.51 -33.30 11.97
CA GLU K 132 -33.86 -32.29 11.13
C GLU K 132 -34.29 -32.51 9.70
N ILE K 133 -35.22 -31.68 9.23
CA ILE K 133 -35.76 -31.84 7.88
C ILE K 133 -34.68 -31.62 6.83
N GLY K 134 -33.85 -30.59 7.02
CA GLY K 134 -32.72 -30.37 6.14
C GLY K 134 -32.62 -28.96 5.58
N ASN K 135 -33.75 -28.26 5.49
CA ASN K 135 -33.80 -26.92 4.95
C ASN K 135 -33.72 -25.86 6.03
N GLY K 136 -33.14 -26.18 7.18
CA GLY K 136 -33.14 -25.29 8.32
C GLY K 136 -34.31 -25.47 9.27
N CYS K 137 -35.24 -26.37 8.96
CA CYS K 137 -36.40 -26.61 9.79
C CYS K 137 -36.18 -27.80 10.70
N PHE K 138 -36.82 -27.76 11.87
CA PHE K 138 -36.91 -28.86 12.81
C PHE K 138 -38.38 -29.18 13.02
N GLU K 139 -38.72 -30.46 12.99
CA GLU K 139 -40.09 -30.93 13.25
C GLU K 139 -40.11 -31.66 14.57
N PHE K 140 -40.80 -31.10 15.56
CA PHE K 140 -40.81 -31.68 16.89
C PHE K 140 -41.56 -33.00 16.91
N TYR K 141 -41.17 -33.87 17.84
CA TYR K 141 -41.90 -35.09 18.14
C TYR K 141 -42.85 -34.92 19.32
N HIS K 142 -42.96 -33.72 19.86
CA HIS K 142 -43.90 -33.45 20.94
C HIS K 142 -44.62 -32.14 20.64
N LYS K 143 -45.49 -31.75 21.55
CA LYS K 143 -46.30 -30.55 21.38
C LYS K 143 -45.52 -29.35 21.86
N CYS K 144 -44.98 -28.58 20.92
CA CYS K 144 -44.33 -27.30 21.22
C CYS K 144 -45.39 -26.21 21.19
N ASP K 145 -45.80 -25.75 22.36
CA ASP K 145 -46.62 -24.55 22.46
C ASP K 145 -45.71 -23.33 22.43
N ASN K 146 -46.28 -22.16 22.65
CA ASN K 146 -45.49 -20.94 22.58
C ASN K 146 -44.44 -20.87 23.68
N THR K 147 -44.70 -21.46 24.85
CA THR K 147 -43.69 -21.52 25.89
C THR K 147 -42.50 -22.37 25.47
N CYS K 148 -42.75 -23.50 24.81
CA CYS K 148 -41.67 -24.36 24.33
C CYS K 148 -40.83 -23.62 23.28
N MET K 149 -41.48 -22.91 22.37
CA MET K 149 -40.75 -22.16 21.35
C MET K 149 -39.95 -21.02 21.97
N GLU K 150 -40.54 -20.33 22.95
CA GLU K 150 -39.82 -19.28 23.66
C GLU K 150 -38.58 -19.83 24.36
N SER K 151 -38.72 -21.01 24.98
CA SER K 151 -37.57 -21.64 25.62
C SER K 151 -36.49 -21.98 24.62
N VAL K 152 -36.85 -22.51 23.45
CA VAL K 152 -35.85 -22.83 22.45
C VAL K 152 -35.15 -21.58 21.96
N LYS K 153 -35.91 -20.51 21.70
CA LYS K 153 -35.32 -19.27 21.22
C LYS K 153 -34.38 -18.66 22.24
N ASN K 154 -34.80 -18.59 23.51
CA ASN K 154 -33.99 -17.94 24.53
C ASN K 154 -32.80 -18.81 24.94
N GLY K 155 -32.95 -20.12 24.83
CA GLY K 155 -31.86 -21.03 25.12
C GLY K 155 -32.03 -21.88 26.36
N THR K 156 -33.25 -22.02 26.87
CA THR K 156 -33.51 -22.76 28.10
C THR K 156 -34.51 -23.87 27.85
N TYR K 157 -34.31 -24.60 26.76
CA TYR K 157 -35.14 -25.75 26.44
C TYR K 157 -34.91 -26.88 27.44
N ASP K 158 -35.93 -27.71 27.63
CA ASP K 158 -35.91 -28.78 28.63
C ASP K 158 -36.10 -30.11 27.92
N TYR K 159 -34.98 -30.75 27.58
CA TYR K 159 -35.01 -32.12 27.07
C TYR K 159 -35.64 -33.11 28.03
N PRO K 160 -35.30 -33.16 29.31
CA PRO K 160 -36.08 -33.97 30.25
C PRO K 160 -37.30 -33.19 30.70
N LYS K 161 -38.45 -33.56 30.14
CA LYS K 161 -39.73 -32.83 30.22
C LYS K 161 -40.54 -33.19 28.98
N TYR K 162 -39.87 -33.24 27.85
CA TYR K 162 -40.49 -33.67 26.61
C TYR K 162 -39.87 -34.95 26.06
N SER K 163 -38.84 -35.48 26.71
CA SER K 163 -38.13 -36.64 26.18
C SER K 163 -39.02 -37.87 26.09
N GLU K 164 -39.87 -38.10 27.09
CA GLU K 164 -40.76 -39.26 27.09
C GLU K 164 -41.80 -39.20 25.98
N GLU K 165 -42.46 -38.05 25.80
CA GLU K 165 -43.41 -37.92 24.72
C GLU K 165 -42.72 -38.05 23.37
N ALA K 166 -41.55 -37.42 23.23
CA ALA K 166 -40.80 -37.53 21.99
C ALA K 166 -40.38 -38.97 21.74
N LYS K 167 -39.98 -39.68 22.78
CA LYS K 167 -39.59 -41.08 22.65
C LYS K 167 -40.76 -41.91 22.17
N LEU K 168 -41.94 -41.66 22.73
CA LEU K 168 -43.15 -42.38 22.32
C LEU K 168 -43.45 -42.13 20.85
N ASN K 169 -43.39 -40.86 20.43
CA ASN K 169 -43.73 -40.52 19.05
C ASN K 169 -42.61 -40.79 18.07
N ARG K 170 -41.39 -41.01 18.54
CA ARG K 170 -40.23 -41.10 17.64
C ARG K 170 -40.33 -42.29 16.71
N LEU L 2 -15.77 -17.04 11.71
CA LEU L 2 -16.02 -17.35 13.11
C LEU L 2 -16.71 -18.70 13.24
N PHE L 3 -16.22 -19.52 14.18
CA PHE L 3 -16.65 -20.91 14.31
C PHE L 3 -17.41 -21.18 15.60
N GLY L 4 -17.61 -20.16 16.43
CA GLY L 4 -18.49 -20.24 17.56
C GLY L 4 -18.11 -21.25 18.62
N ALA L 5 -16.83 -21.33 18.97
CA ALA L 5 -16.37 -22.23 20.02
C ALA L 5 -15.76 -21.51 21.20
N ILE L 6 -14.86 -20.55 20.95
CA ILE L 6 -14.10 -19.94 22.05
C ILE L 6 -15.01 -19.06 22.90
N ALA L 7 -15.86 -18.25 22.26
CA ALA L 7 -16.88 -17.52 22.98
C ALA L 7 -18.26 -18.12 22.77
N GLY L 8 -18.33 -19.29 22.14
CA GLY L 8 -19.60 -19.90 21.78
C GLY L 8 -20.04 -21.00 22.72
N PHE L 9 -20.14 -22.23 22.23
CA PHE L 9 -20.66 -23.30 23.07
C PHE L 9 -19.69 -23.71 24.16
N ILE L 10 -18.44 -23.28 24.07
CA ILE L 10 -17.49 -23.35 25.19
C ILE L 10 -17.32 -21.94 25.70
N GLU L 11 -17.98 -21.63 26.82
CA GLU L 11 -18.16 -20.26 27.27
C GLU L 11 -17.01 -19.73 28.09
N GLY L 12 -16.01 -20.55 28.39
CA GLY L 12 -14.92 -20.09 29.23
C GLY L 12 -13.62 -20.81 29.03
N GLY L 13 -12.52 -20.10 29.26
CA GLY L 13 -11.21 -20.68 29.17
C GLY L 13 -10.74 -21.22 30.50
N TRP L 14 -9.99 -22.31 30.43
CA TRP L 14 -9.51 -23.01 31.62
C TRP L 14 -8.17 -22.41 32.03
N THR L 15 -8.16 -21.75 33.18
CA THR L 15 -6.92 -21.21 33.72
C THR L 15 -6.09 -22.27 34.43
N GLY L 16 -6.63 -23.46 34.62
CA GLY L 16 -5.91 -24.52 35.29
C GLY L 16 -5.27 -25.51 34.35
N MET L 17 -5.39 -25.26 33.04
CA MET L 17 -4.74 -26.07 32.02
C MET L 17 -3.51 -25.30 31.56
N VAL L 18 -2.39 -25.58 32.20
CA VAL L 18 -1.16 -24.82 32.02
C VAL L 18 -0.18 -25.57 31.11
N ASP L 19 -0.68 -26.50 30.31
CA ASP L 19 0.16 -27.39 29.51
C ASP L 19 0.10 -27.05 28.03
N GLY L 20 -0.97 -26.44 27.56
CA GLY L 20 -1.06 -26.07 26.15
C GLY L 20 -2.14 -25.03 25.93
N TRP L 21 -2.49 -24.87 24.66
CA TRP L 21 -3.53 -23.90 24.28
C TRP L 21 -4.90 -24.56 24.25
N TYR L 22 -4.97 -25.79 23.75
CA TYR L 22 -6.18 -26.56 23.68
C TYR L 22 -5.98 -27.88 24.40
N GLY L 23 -7.03 -28.40 25.00
CA GLY L 23 -6.87 -29.63 25.75
C GLY L 23 -8.18 -30.17 26.29
N TYR L 24 -8.03 -31.14 27.18
CA TYR L 24 -9.10 -31.95 27.73
C TYR L 24 -9.12 -31.83 29.23
N HIS L 25 -10.33 -31.90 29.78
CA HIS L 25 -10.55 -32.09 31.21
C HIS L 25 -11.36 -33.36 31.40
N HIS L 26 -10.82 -34.31 32.14
CA HIS L 26 -11.47 -35.59 32.33
C HIS L 26 -11.82 -35.80 33.80
N GLN L 27 -12.93 -36.49 34.05
CA GLN L 27 -13.41 -36.81 35.42
C GLN L 27 -13.88 -38.25 35.44
N ASN L 28 -13.02 -39.15 35.90
CA ASN L 28 -13.38 -40.60 35.99
C ASN L 28 -13.50 -40.95 37.47
N GLU L 29 -13.34 -42.26 37.80
CA GLU L 29 -13.39 -42.68 39.22
C GLU L 29 -11.96 -42.67 39.76
N GLN L 30 -11.01 -42.85 38.89
CA GLN L 30 -9.59 -42.80 39.31
C GLN L 30 -9.11 -41.34 39.43
N GLY L 31 -9.98 -40.33 39.23
CA GLY L 31 -9.59 -38.91 39.44
C GLY L 31 -9.94 -37.92 38.34
N SER L 32 -9.62 -36.64 38.52
CA SER L 32 -9.87 -35.61 37.53
C SER L 32 -8.53 -35.00 37.13
N GLY L 33 -8.53 -34.24 36.06
CA GLY L 33 -7.32 -33.55 35.63
C GLY L 33 -7.46 -32.94 34.25
N TYR L 34 -6.49 -32.07 33.95
CA TYR L 34 -6.36 -31.41 32.67
C TYR L 34 -5.18 -32.00 31.91
N ALA L 35 -5.33 -32.10 30.59
CA ALA L 35 -4.27 -32.63 29.72
C ALA L 35 -4.39 -31.94 28.37
N ALA L 36 -3.36 -31.19 28.00
CA ALA L 36 -3.40 -30.47 26.74
C ALA L 36 -3.14 -31.40 25.56
N ASP L 37 -3.73 -31.06 24.42
CA ASP L 37 -3.45 -31.73 23.16
C ASP L 37 -2.16 -31.15 22.59
N LEU L 38 -1.07 -31.89 22.73
CA LEU L 38 0.24 -31.38 22.35
C LEU L 38 0.44 -31.24 20.85
N LYS L 39 -0.16 -32.12 20.05
CA LYS L 39 0.00 -32.04 18.60
C LYS L 39 -0.61 -30.75 18.05
N SER L 40 -1.87 -30.50 18.40
CA SER L 40 -2.54 -29.31 17.91
C SER L 40 -1.87 -28.04 18.42
N THR L 41 -1.48 -28.02 19.69
CA THR L 41 -0.82 -26.85 20.25
C THR L 41 0.52 -26.59 19.56
N GLN L 42 1.29 -27.64 19.31
CA GLN L 42 2.58 -27.46 18.63
C GLN L 42 2.38 -26.96 17.21
N ASN L 43 1.41 -27.51 16.49
CA ASN L 43 1.16 -27.06 15.13
C ASN L 43 0.73 -25.59 15.12
N ALA L 44 -0.14 -25.21 16.05
CA ALA L 44 -0.60 -23.83 16.13
C ALA L 44 0.56 -22.89 16.44
N ILE L 45 1.42 -23.31 17.36
CA ILE L 45 2.58 -22.48 17.73
C ILE L 45 3.50 -22.30 16.54
N ASP L 46 3.76 -23.38 15.80
CA ASP L 46 4.61 -23.28 14.60
C ASP L 46 4.01 -22.33 13.59
N LYS L 47 2.70 -22.45 13.34
CA LYS L 47 2.06 -21.59 12.35
C LYS L 47 2.07 -20.13 12.78
N ILE L 48 1.86 -19.85 14.06
CA ILE L 48 1.86 -18.47 14.51
C ILE L 48 3.26 -17.89 14.45
N THR L 49 4.26 -18.70 14.77
CA THR L 49 5.64 -18.25 14.65
C THR L 49 5.95 -17.89 13.21
N ASN L 50 5.52 -18.71 12.27
CA ASN L 50 5.69 -18.41 10.86
C ASN L 50 4.95 -17.15 10.45
N LYS L 51 3.74 -16.94 10.98
CA LYS L 51 2.99 -15.72 10.69
C LYS L 51 3.74 -14.48 11.14
N VAL L 52 4.26 -14.51 12.38
CA VAL L 52 5.00 -13.37 12.90
C VAL L 52 6.25 -13.11 12.08
N ASN L 53 6.98 -14.18 11.75
CA ASN L 53 8.18 -14.02 10.93
C ASN L 53 7.83 -13.42 9.58
N SER L 54 6.75 -13.90 8.97
CA SER L 54 6.34 -13.37 7.67
C SER L 54 6.01 -11.89 7.77
N VAL L 55 5.41 -11.46 8.88
CA VAL L 55 5.10 -10.05 9.06
C VAL L 55 6.39 -9.24 9.16
N ILE L 56 7.37 -9.74 9.93
CA ILE L 56 8.56 -8.91 10.18
C ILE L 56 9.49 -8.88 8.98
N GLU L 57 9.66 -10.00 8.26
CA GLU L 57 10.60 -9.96 7.13
C GLU L 57 10.01 -9.34 5.87
N LYS L 58 8.74 -8.98 5.89
CA LYS L 58 8.17 -8.30 4.74
C LYS L 58 8.36 -6.79 4.79
N MET L 59 8.89 -6.27 5.89
CA MET L 59 9.15 -4.84 6.01
C MET L 59 10.63 -4.52 5.79
N ALA L 65 18.76 7.90 6.24
CA ALA L 65 17.73 8.77 5.68
C ALA L 65 17.63 10.07 6.46
N VAL L 66 18.27 11.12 5.95
CA VAL L 66 18.27 12.42 6.59
C VAL L 66 17.60 13.44 5.68
N GLY L 67 17.51 14.69 6.14
CA GLY L 67 16.85 15.74 5.40
C GLY L 67 17.77 16.52 4.49
N LYS L 68 17.15 17.28 3.59
CA LYS L 68 17.86 18.16 2.67
C LYS L 68 17.51 19.61 2.98
N GLU L 69 18.44 20.50 2.65
CA GLU L 69 18.29 21.92 2.90
C GLU L 69 18.17 22.66 1.57
N PHE L 70 17.23 23.60 1.52
CA PHE L 70 16.95 24.37 0.32
C PHE L 70 16.97 25.83 0.70
N ASN L 71 17.47 26.68 -0.20
CA ASN L 71 17.49 28.10 0.08
C ASN L 71 16.12 28.71 -0.23
N HIS L 72 15.99 30.00 0.01
CA HIS L 72 14.69 30.65 -0.07
C HIS L 72 14.13 30.66 -1.49
N LEU L 73 14.98 30.53 -2.50
CA LEU L 73 14.55 30.53 -3.89
C LEU L 73 14.37 29.12 -4.43
N GLU L 74 14.15 28.15 -3.56
CA GLU L 74 13.90 26.77 -3.95
C GLU L 74 12.72 26.21 -3.16
N LYS L 75 11.67 26.99 -3.02
CA LYS L 75 10.51 26.54 -2.22
C LYS L 75 9.79 25.38 -2.92
N ARG L 76 9.77 25.35 -4.24
CA ARG L 76 9.02 24.31 -4.94
C ARG L 76 9.61 22.93 -4.70
N ILE L 77 10.94 22.78 -4.83
CA ILE L 77 11.53 21.47 -4.61
C ILE L 77 11.46 21.10 -3.14
N GLU L 78 11.50 22.09 -2.24
CA GLU L 78 11.29 21.81 -0.82
C GLU L 78 9.90 21.27 -0.56
N ASN L 79 8.88 21.87 -1.16
CA ASN L 79 7.53 21.35 -1.04
C ASN L 79 7.39 19.98 -1.67
N LEU L 80 8.07 19.73 -2.79
CA LEU L 80 8.05 18.41 -3.40
C LEU L 80 8.67 17.35 -2.48
N ASN L 81 9.78 17.70 -1.82
CA ASN L 81 10.40 16.80 -0.86
C ASN L 81 9.48 16.51 0.31
N LYS L 82 8.83 17.60 0.85
CA LYS L 82 7.85 17.40 1.94
C LYS L 82 6.69 16.52 1.43
N LYS L 83 6.20 16.69 0.25
CA LYS L 83 5.12 15.87 -0.28
C LYS L 83 5.53 14.41 -0.37
N VAL L 84 6.73 14.15 -0.88
CA VAL L 84 7.21 12.77 -0.99
C VAL L 84 7.29 12.13 0.39
N ASP L 85 7.87 12.83 1.36
CA ASP L 85 8.04 12.28 2.69
C ASP L 85 6.69 11.99 3.34
N ASP L 86 5.77 12.96 3.28
CA ASP L 86 4.46 12.78 3.92
C ASP L 86 3.66 11.67 3.24
N GLY L 87 3.73 11.58 1.91
CA GLY L 87 3.01 10.52 1.22
C GLY L 87 3.51 9.14 1.59
N PHE L 88 4.83 8.97 1.60
CA PHE L 88 5.37 7.67 2.00
C PHE L 88 5.03 7.34 3.45
N LEU L 89 5.06 8.34 4.33
CA LEU L 89 4.71 8.11 5.71
C LEU L 89 3.25 7.67 5.85
N ASP L 90 2.34 8.34 5.15
CA ASP L 90 0.94 7.96 5.21
C ASP L 90 0.71 6.54 4.69
N ILE L 91 1.35 6.21 3.55
CA ILE L 91 1.17 4.88 2.98
C ILE L 91 1.67 3.81 3.94
N TRP L 92 2.84 4.02 4.52
CA TRP L 92 3.40 2.99 5.40
C TRP L 92 2.63 2.86 6.69
N THR L 93 2.15 3.97 7.26
CA THR L 93 1.31 3.89 8.44
C THR L 93 0.04 3.11 8.16
N TYR L 94 -0.61 3.42 7.04
CA TYR L 94 -1.82 2.71 6.65
C TYR L 94 -1.55 1.23 6.50
N ASN L 95 -0.44 0.87 5.86
CA ASN L 95 -0.10 -0.53 5.65
C ASN L 95 0.10 -1.25 6.97
N ALA L 96 0.83 -0.64 7.90
CA ALA L 96 1.10 -1.28 9.18
C ALA L 96 -0.18 -1.53 9.96
N GLU L 97 -1.01 -0.49 10.10
CA GLU L 97 -2.26 -0.66 10.84
C GLU L 97 -3.16 -1.71 10.20
N LEU L 98 -3.28 -1.67 8.87
CA LEU L 98 -4.16 -2.61 8.19
C LEU L 98 -3.67 -4.04 8.36
N LEU L 99 -2.36 -4.26 8.24
CA LEU L 99 -1.80 -5.60 8.40
C LEU L 99 -2.08 -6.14 9.79
N VAL L 100 -1.85 -5.32 10.82
CA VAL L 100 -2.08 -5.80 12.18
C VAL L 100 -3.56 -6.11 12.38
N LEU L 101 -4.44 -5.24 11.89
CA LEU L 101 -5.87 -5.43 12.09
C LEU L 101 -6.36 -6.71 11.44
N LEU L 102 -5.91 -7.00 10.22
CA LEU L 102 -6.34 -8.25 9.56
C LEU L 102 -5.72 -9.49 10.20
N GLU L 103 -4.43 -9.45 10.51
CA GLU L 103 -3.79 -10.63 11.07
C GLU L 103 -4.37 -11.01 12.43
N ASN L 104 -4.83 -10.03 13.21
CA ASN L 104 -5.42 -10.37 14.50
C ASN L 104 -6.71 -11.16 14.33
N GLU L 105 -7.61 -10.70 13.45
CA GLU L 105 -8.77 -11.50 13.09
C GLU L 105 -8.39 -12.90 12.66
N ARG L 106 -7.40 -13.01 11.76
CA ARG L 106 -7.09 -14.32 11.22
C ARG L 106 -6.56 -15.25 12.30
N THR L 107 -5.74 -14.72 13.22
CA THR L 107 -5.21 -15.53 14.31
C THR L 107 -6.31 -16.00 15.26
N LEU L 108 -7.21 -15.09 15.64
CA LEU L 108 -8.28 -15.49 16.54
C LEU L 108 -9.20 -16.52 15.90
N ASP L 109 -9.51 -16.36 14.61
CA ASP L 109 -10.30 -17.36 13.91
C ASP L 109 -9.57 -18.68 13.82
N TYR L 110 -8.24 -18.64 13.66
CA TYR L 110 -7.46 -19.86 13.59
C TYR L 110 -7.56 -20.64 14.90
N HIS L 111 -7.44 -19.95 16.03
CA HIS L 111 -7.56 -20.63 17.32
C HIS L 111 -8.97 -21.19 17.52
N ASP L 112 -9.99 -20.41 17.14
CA ASP L 112 -11.37 -20.89 17.26
C ASP L 112 -11.57 -22.16 16.44
N SER L 113 -11.05 -22.18 15.22
CA SER L 113 -11.16 -23.35 14.36
C SER L 113 -10.43 -24.55 14.97
N ASN L 114 -9.28 -24.32 15.60
CA ASN L 114 -8.57 -25.42 16.24
C ASN L 114 -9.43 -26.06 17.33
N VAL L 115 -10.04 -25.24 18.17
CA VAL L 115 -10.88 -25.78 19.25
C VAL L 115 -12.07 -26.53 18.66
N LYS L 116 -12.73 -25.95 17.66
CA LYS L 116 -13.89 -26.61 17.06
C LYS L 116 -13.52 -27.92 16.39
N ASN L 117 -12.38 -27.98 15.71
CA ASN L 117 -11.95 -29.23 15.08
C ASN L 117 -11.62 -30.29 16.13
N LEU L 118 -11.02 -29.89 17.25
CA LEU L 118 -10.76 -30.85 18.32
C LEU L 118 -12.06 -31.42 18.87
N TYR L 119 -13.05 -30.56 19.08
CA TYR L 119 -14.36 -31.02 19.54
C TYR L 119 -15.00 -31.99 18.55
N GLU L 120 -14.95 -31.65 17.26
CA GLU L 120 -15.55 -32.51 16.25
C GLU L 120 -14.83 -33.85 16.18
N LYS L 121 -13.50 -33.83 16.33
CA LYS L 121 -12.73 -35.06 16.31
C LYS L 121 -13.12 -35.97 17.47
N VAL L 122 -13.29 -35.39 18.67
CA VAL L 122 -13.71 -36.22 19.81
C VAL L 122 -15.14 -36.72 19.61
N ARG L 123 -16.00 -35.89 19.04
CA ARG L 123 -17.38 -36.30 18.78
C ARG L 123 -17.44 -37.48 17.82
N ASN L 124 -16.64 -37.45 16.76
CA ASN L 124 -16.70 -38.46 15.72
C ASN L 124 -16.17 -39.82 16.17
N GLN L 125 -15.52 -39.90 17.33
CA GLN L 125 -15.08 -41.17 17.88
C GLN L 125 -16.12 -41.81 18.78
N LEU L 126 -16.56 -41.09 19.81
CA LEU L 126 -17.47 -41.67 20.79
C LEU L 126 -18.85 -41.94 20.19
N LYS L 127 -19.30 -41.13 19.26
CA LYS L 127 -20.56 -41.32 18.56
C LYS L 127 -21.73 -41.40 19.52
N ASN L 128 -22.35 -42.58 19.64
CA ASN L 128 -23.51 -42.76 20.50
C ASN L 128 -23.16 -43.41 21.84
N ASN L 129 -21.88 -43.65 22.11
CA ASN L 129 -21.44 -44.16 23.39
C ASN L 129 -21.38 -43.08 24.46
N ALA L 130 -21.60 -41.82 24.09
CA ALA L 130 -21.59 -40.73 25.05
C ALA L 130 -22.69 -39.76 24.68
N LYS L 131 -23.08 -38.93 25.64
CA LYS L 131 -24.11 -37.93 25.43
C LYS L 131 -23.45 -36.55 25.43
N GLU L 132 -23.86 -35.72 24.46
CA GLU L 132 -23.38 -34.35 24.34
C GLU L 132 -24.18 -33.45 25.26
N ILE L 133 -23.53 -32.91 26.29
CA ILE L 133 -24.19 -31.98 27.19
C ILE L 133 -24.46 -30.63 26.53
N GLY L 134 -23.53 -30.13 25.72
CA GLY L 134 -23.73 -28.91 24.97
C GLY L 134 -22.79 -27.78 25.32
N ASN L 135 -22.08 -27.89 26.44
CA ASN L 135 -21.09 -26.89 26.85
C ASN L 135 -19.68 -27.30 26.47
N GLY L 136 -19.55 -28.38 25.72
CA GLY L 136 -18.26 -28.93 25.37
C GLY L 136 -17.99 -30.31 25.94
N CYS L 137 -18.86 -30.73 26.86
CA CYS L 137 -18.58 -31.97 27.58
C CYS L 137 -19.40 -33.17 27.10
N PHE L 138 -18.81 -34.36 27.08
CA PHE L 138 -19.46 -35.63 26.81
C PHE L 138 -19.53 -36.42 28.10
N GLU L 139 -20.72 -36.93 28.40
CA GLU L 139 -20.93 -37.81 29.54
C GLU L 139 -21.08 -39.23 29.02
N PHE L 140 -20.21 -40.12 29.46
CA PHE L 140 -20.15 -41.47 28.94
C PHE L 140 -21.31 -42.32 29.47
N TYR L 141 -21.78 -43.23 28.63
CA TYR L 141 -22.76 -44.23 29.03
C TYR L 141 -22.09 -45.51 29.53
N HIS L 142 -20.77 -45.53 29.59
CA HIS L 142 -20.03 -46.67 30.10
C HIS L 142 -18.92 -46.15 31.00
N LYS L 143 -18.26 -47.06 31.70
CA LYS L 143 -17.16 -46.71 32.59
C LYS L 143 -15.89 -46.61 31.76
N CYS L 144 -15.35 -45.39 31.65
CA CYS L 144 -14.10 -45.17 30.93
C CYS L 144 -13.02 -44.95 31.97
N ASP L 145 -12.03 -45.83 31.99
CA ASP L 145 -10.90 -45.66 32.88
C ASP L 145 -9.90 -44.71 32.25
N ASN L 146 -8.71 -44.60 32.84
CA ASN L 146 -7.69 -43.73 32.28
C ASN L 146 -7.21 -44.24 30.92
N THR L 147 -7.22 -45.56 30.71
CA THR L 147 -6.90 -46.10 29.40
C THR L 147 -7.93 -45.66 28.36
N CYS L 148 -9.20 -45.62 28.74
CA CYS L 148 -10.24 -45.12 27.85
C CYS L 148 -9.98 -43.66 27.47
N MET L 149 -9.63 -42.84 28.47
CA MET L 149 -9.40 -41.42 28.23
C MET L 149 -8.20 -41.21 27.31
N GLU L 150 -7.11 -41.89 27.62
CA GLU L 150 -5.91 -41.77 26.76
C GLU L 150 -6.31 -42.19 25.35
N SER L 151 -7.02 -43.31 25.21
CA SER L 151 -7.40 -43.77 23.89
C SER L 151 -8.17 -42.71 23.13
N VAL L 152 -9.10 -42.04 23.80
CA VAL L 152 -9.85 -40.98 23.16
C VAL L 152 -8.92 -39.84 22.75
N LYS L 153 -7.99 -39.46 23.62
CA LYS L 153 -7.07 -38.37 23.30
C LYS L 153 -6.15 -38.74 22.14
N ASN L 154 -5.66 -39.98 22.12
CA ASN L 154 -4.77 -40.43 21.05
C ASN L 154 -5.48 -40.46 19.70
N GLY L 155 -6.74 -40.87 19.68
CA GLY L 155 -7.45 -41.03 18.43
C GLY L 155 -7.65 -42.49 18.10
N THR L 156 -7.34 -43.37 19.05
CA THR L 156 -7.43 -44.81 18.87
C THR L 156 -8.52 -45.41 19.75
N TYR L 157 -9.66 -44.75 19.83
CA TYR L 157 -10.76 -45.20 20.65
C TYR L 157 -11.37 -46.48 20.09
N ASP L 158 -11.56 -47.47 20.97
CA ASP L 158 -12.10 -48.77 20.56
C ASP L 158 -13.60 -48.77 20.78
N TYR L 159 -14.31 -48.27 19.78
CA TYR L 159 -15.77 -48.21 19.85
C TYR L 159 -16.44 -49.56 20.04
N PRO L 160 -16.11 -50.61 19.28
CA PRO L 160 -16.84 -51.88 19.47
C PRO L 160 -16.68 -52.47 20.86
N LYS L 161 -15.60 -52.15 21.58
CA LYS L 161 -15.39 -52.72 22.89
C LYS L 161 -16.44 -52.22 23.88
N TYR L 162 -16.64 -50.92 23.95
CA TYR L 162 -17.64 -50.33 24.84
C TYR L 162 -18.94 -50.04 24.10
N SER L 163 -19.49 -51.04 23.41
CA SER L 163 -20.69 -50.84 22.60
C SER L 163 -21.94 -51.34 23.31
N GLU L 164 -21.94 -52.61 23.73
CA GLU L 164 -23.10 -53.16 24.41
C GLU L 164 -23.28 -52.54 25.80
N GLU L 165 -22.17 -52.31 26.51
CA GLU L 165 -22.24 -51.75 27.84
C GLU L 165 -22.86 -50.36 27.81
N ALA L 166 -22.47 -49.56 26.81
CA ALA L 166 -23.13 -48.27 26.59
C ALA L 166 -24.54 -48.43 26.08
N LYS L 167 -24.81 -49.47 25.30
CA LYS L 167 -26.16 -49.67 24.75
C LYS L 167 -27.17 -49.90 25.85
N LEU L 168 -26.83 -50.70 26.86
CA LEU L 168 -27.76 -50.97 27.95
C LEU L 168 -28.12 -49.72 28.76
N ASN L 169 -27.19 -48.80 28.93
CA ASN L 169 -27.41 -47.63 29.76
C ASN L 169 -28.10 -46.49 29.01
N ARG L 170 -28.30 -46.65 27.71
CA ARG L 170 -28.81 -45.56 26.87
C ARG L 170 -30.23 -45.83 26.40
#